data_4HX6
#
_entry.id   4HX6
#
_cell.length_a   56.374
_cell.length_b   213.307
_cell.length_c   56.716
_cell.angle_alpha   90.00
_cell.angle_beta   88.83
_cell.angle_gamma   90.00
#
_symmetry.space_group_name_H-M   'P 1 21 1'
#
loop_
_entity.id
_entity.type
_entity.pdbx_description
1 polymer Oxidoreductase
2 non-polymer 'SULFATE ION'
3 non-polymer 'ACETATE ION'
4 water water
#
_entity_poly.entity_id   1
_entity_poly.type   'polypeptide(L)'
_entity_poly.pdbx_seq_one_letter_code
;SNA(MSE)SPIIAPPAELVDPKDRVQLRRVFGDFPTGVTVVTVGGSEPRG(MSE)TANSFTSVSLSPPLVLICVGKDAV
(MSE)HQRLTALPTFAVSVLEAGQEKAARHFADHSHPPGVDQFDTVDWVLGEESGAPLIAGAVAHLECAIHRLYEGGDHT
IFLGEVITATRWPAREG(MSE)LFSGGRFRRFAPDADEGRAA
;
_entity_poly.pdbx_strand_id   A,B,C,D,E,F,G,H
#
# COMPACT_ATOMS: atom_id res chain seq x y z
N ASN A 2 -45.65 -14.07 46.85
CA ASN A 2 -47.03 -14.42 46.54
C ASN A 2 -47.20 -15.94 46.36
N ALA A 3 -48.16 -16.51 47.08
CA ALA A 3 -48.37 -17.95 47.10
C ALA A 3 -48.52 -18.60 45.72
N SER A 5 -47.60 -17.08 42.70
CA SER A 5 -46.68 -16.54 41.72
C SER A 5 -46.03 -17.61 40.82
N PRO A 6 -45.71 -18.79 41.38
CA PRO A 6 -45.13 -19.84 40.53
C PRO A 6 -46.08 -20.29 39.41
N ILE A 7 -47.29 -20.72 39.77
CA ILE A 7 -48.23 -21.25 38.79
C ILE A 7 -48.97 -20.14 38.03
N ILE A 8 -48.85 -18.91 38.52
CA ILE A 8 -49.51 -17.77 37.89
C ILE A 8 -48.53 -16.98 37.02
N ALA A 9 -47.25 -17.31 37.15
CA ALA A 9 -46.21 -16.65 36.37
C ALA A 9 -46.61 -16.51 34.91
N PRO A 10 -46.18 -15.41 34.28
CA PRO A 10 -46.48 -15.24 32.85
C PRO A 10 -45.77 -16.33 32.06
N PRO A 11 -46.09 -16.48 30.77
CA PRO A 11 -45.39 -17.47 29.95
C PRO A 11 -43.87 -17.32 30.07
N ALA A 12 -43.19 -18.41 30.40
CA ALA A 12 -41.74 -18.42 30.38
C ALA A 12 -41.28 -19.00 29.05
N GLU A 13 -40.34 -18.34 28.41
CA GLU A 13 -39.76 -18.82 27.17
C GLU A 13 -38.41 -19.47 27.49
N LEU A 14 -38.29 -20.76 27.20
CA LEU A 14 -36.98 -21.39 27.26
C LEU A 14 -36.21 -20.93 26.05
N VAL A 15 -34.96 -20.51 26.25
CA VAL A 15 -34.16 -19.97 25.17
C VAL A 15 -33.01 -20.90 24.86
N ASP A 16 -32.98 -21.40 23.63
CA ASP A 16 -31.83 -22.17 23.14
C ASP A 16 -30.80 -21.18 22.63
N PRO A 17 -29.60 -21.19 23.22
CA PRO A 17 -28.58 -20.20 22.86
C PRO A 17 -28.13 -20.32 21.39
N LYS A 18 -28.40 -21.45 20.77
CA LYS A 18 -28.11 -21.63 19.35
C LYS A 18 -29.12 -20.92 18.47
N ASP A 19 -30.28 -20.57 19.04
CA ASP A 19 -31.35 -19.92 18.29
C ASP A 19 -31.09 -18.42 18.36
N ARG A 20 -30.53 -17.86 17.28
CA ARG A 20 -30.03 -16.48 17.29
C ARG A 20 -31.15 -15.47 17.61
N VAL A 21 -32.32 -15.70 17.04
CA VAL A 21 -33.46 -14.82 17.31
C VAL A 21 -33.81 -14.82 18.80
N GLN A 22 -33.89 -16.01 19.40
CA GLN A 22 -34.26 -16.14 20.81
C GLN A 22 -33.22 -15.54 21.70
N LEU A 23 -31.96 -15.74 21.34
CA LEU A 23 -30.87 -15.22 22.14
C LEU A 23 -30.84 -13.71 22.12
N ARG A 24 -31.09 -13.12 20.95
CA ARG A 24 -31.15 -11.66 20.86
C ARG A 24 -32.21 -11.12 21.81
N ARG A 25 -33.33 -11.84 21.89
CA ARG A 25 -34.41 -11.42 22.77
C ARG A 25 -34.02 -11.43 24.24
N VAL A 26 -33.29 -12.43 24.71
CA VAL A 26 -32.89 -12.40 26.12
CA VAL A 26 -32.87 -12.42 26.11
C VAL A 26 -31.83 -11.32 26.35
N PHE A 27 -30.91 -11.15 25.40
CA PHE A 27 -29.91 -10.10 25.55
C PHE A 27 -30.61 -8.74 25.65
N GLY A 28 -31.70 -8.59 24.90
CA GLY A 28 -32.46 -7.36 24.88
C GLY A 28 -33.21 -7.08 26.16
N ASP A 29 -33.27 -8.08 27.05
CA ASP A 29 -34.04 -7.96 28.28
C ASP A 29 -33.33 -7.13 29.34
N PHE A 30 -32.04 -6.87 29.13
CA PHE A 30 -31.25 -6.07 30.05
C PHE A 30 -31.22 -4.64 29.52
N PRO A 31 -31.85 -3.69 30.25
CA PRO A 31 -31.95 -2.32 29.77
C PRO A 31 -30.59 -1.62 29.77
N THR A 32 -30.39 -0.69 28.85
CA THR A 32 -29.15 0.07 28.80
C THR A 32 -29.38 1.50 28.32
N GLY A 33 -28.33 2.32 28.42
CA GLY A 33 -28.34 3.59 27.74
C GLY A 33 -27.98 3.38 26.27
N VAL A 34 -27.76 4.48 25.56
CA VAL A 34 -27.34 4.42 24.17
C VAL A 34 -26.16 5.34 23.99
N THR A 35 -25.10 4.83 23.38
CA THR A 35 -23.94 5.66 23.12
C THR A 35 -23.67 5.72 21.63
N VAL A 36 -22.91 6.73 21.24
CA VAL A 36 -22.31 6.72 19.92
C VAL A 36 -20.81 6.71 20.15
N VAL A 37 -20.17 5.65 19.66
CA VAL A 37 -18.72 5.53 19.71
C VAL A 37 -18.21 6.11 18.41
N THR A 38 -17.24 7.01 18.50
CA THR A 38 -16.66 7.61 17.30
C THR A 38 -15.14 7.46 17.30
N VAL A 39 -14.58 7.56 16.10
CA VAL A 39 -13.14 7.54 15.88
C VAL A 39 -12.78 8.59 14.85
N GLY A 40 -11.53 9.03 14.87
CA GLY A 40 -11.06 10.07 13.96
C GLY A 40 -10.47 9.42 12.73
N GLY A 41 -9.44 10.06 12.18
CA GLY A 41 -8.83 9.59 10.95
C GLY A 41 -9.24 10.46 9.77
N SER A 42 -8.78 10.12 8.58
CA SER A 42 -9.12 10.94 7.41
C SER A 42 -10.62 10.90 7.14
N GLU A 43 -11.27 9.80 7.52
CA GLU A 43 -12.72 9.69 7.41
C GLU A 43 -13.28 9.23 8.75
N PRO A 44 -13.67 10.17 9.59
CA PRO A 44 -14.20 9.79 10.90
C PRO A 44 -15.45 8.90 10.78
N ARG A 45 -15.68 8.07 11.79
CA ARG A 45 -16.81 7.14 11.75
C ARG A 45 -17.46 7.11 13.12
N GLY A 46 -18.74 6.76 13.17
CA GLY A 46 -19.44 6.61 14.43
C GLY A 46 -20.26 5.34 14.37
N THR A 48 -23.55 3.59 16.73
CA THR A 48 -24.40 3.53 17.90
C THR A 48 -24.10 2.22 18.60
N ALA A 49 -23.83 2.29 19.90
CA ALA A 49 -23.50 1.09 20.66
C ALA A 49 -24.14 1.12 22.05
N ASN A 50 -24.71 -0.01 22.48
CA ASN A 50 -25.26 -0.10 23.83
CA ASN A 50 -25.28 -0.12 23.81
C ASN A 50 -24.43 -1.00 24.71
N SER A 51 -23.29 -1.47 24.19
CA SER A 51 -22.43 -2.40 24.93
C SER A 51 -21.44 -1.71 25.85
N PHE A 52 -21.52 -0.39 25.92
CA PHE A 52 -20.63 0.39 26.76
C PHE A 52 -20.73 -0.04 28.23
N THR A 53 -19.60 -0.27 28.89
CA THR A 53 -19.65 -0.68 30.30
C THR A 53 -18.51 -0.01 31.06
N SER A 54 -18.78 0.60 32.21
CA SER A 54 -17.66 1.10 33.03
C SER A 54 -17.00 -0.09 33.73
N VAL A 55 -15.66 -0.11 33.76
CA VAL A 55 -14.94 -1.26 34.26
C VAL A 55 -14.22 -1.01 35.59
N SER A 56 -13.46 0.08 35.65
CA SER A 56 -12.54 0.29 36.78
C SER A 56 -12.45 1.79 37.08
N LEU A 57 -12.27 2.14 38.35
CA LEU A 57 -12.03 3.53 38.75
CA LEU A 57 -12.03 3.53 38.74
C LEU A 57 -10.54 3.85 38.73
N SER A 58 -9.73 2.89 39.14
CA SER A 58 -8.30 3.11 39.21
C SER A 58 -7.54 1.87 38.76
N PRO A 59 -7.00 1.91 37.54
CA PRO A 59 -7.08 3.09 36.66
C PRO A 59 -8.48 3.25 36.07
N PRO A 60 -8.77 4.41 35.47
CA PRO A 60 -10.08 4.69 34.88
C PRO A 60 -10.26 3.92 33.56
N LEU A 61 -11.10 2.91 33.56
CA LEU A 61 -11.26 2.05 32.38
C LEU A 61 -12.70 1.83 32.03
N VAL A 62 -12.99 1.79 30.74
CA VAL A 62 -14.31 1.38 30.27
C VAL A 62 -14.11 0.31 29.21
N LEU A 63 -15.18 -0.39 28.85
CA LEU A 63 -15.10 -1.25 27.66
C LEU A 63 -16.26 -1.05 26.70
N ILE A 64 -16.02 -1.42 25.44
CA ILE A 64 -17.08 -1.50 24.46
C ILE A 64 -16.89 -2.78 23.66
N CYS A 65 -17.97 -3.33 23.14
CA CYS A 65 -17.86 -4.54 22.33
C CYS A 65 -18.25 -4.15 20.91
N VAL A 66 -17.39 -4.47 19.96
CA VAL A 66 -17.61 -4.05 18.58
C VAL A 66 -17.64 -5.27 17.70
N GLY A 67 -18.67 -5.39 16.87
CA GLY A 67 -18.80 -6.54 15.99
C GLY A 67 -17.66 -6.63 15.00
N LYS A 68 -17.17 -7.83 14.72
CA LYS A 68 -16.18 -7.98 13.66
C LYS A 68 -16.78 -7.62 12.29
N ASP A 69 -18.10 -7.56 12.20
CA ASP A 69 -18.74 -7.21 10.93
C ASP A 69 -18.86 -5.70 10.77
N ALA A 70 -18.56 -4.95 11.83
CA ALA A 70 -18.70 -3.50 11.75
C ALA A 70 -17.50 -2.84 11.07
N VAL A 71 -17.78 -1.79 10.29
CA VAL A 71 -16.72 -0.96 9.76
C VAL A 71 -15.88 -0.41 10.91
N HIS A 73 -14.92 -1.77 13.50
CA HIS A 73 -13.96 -2.72 14.08
C HIS A 73 -12.56 -2.43 13.55
N GLN A 74 -12.45 -2.33 12.23
CA GLN A 74 -11.15 -2.07 11.61
C GLN A 74 -10.66 -0.63 11.89
N ARG A 75 -11.59 0.32 12.03
CA ARG A 75 -11.16 1.70 12.29
C ARG A 75 -10.50 1.80 13.65
N LEU A 76 -11.04 1.07 14.61
CA LEU A 76 -10.50 1.07 15.97
C LEU A 76 -9.16 0.36 16.09
N THR A 77 -8.92 -0.65 15.27
CA THR A 77 -7.64 -1.36 15.35
C THR A 77 -6.58 -0.52 14.67
N ALA A 78 -6.98 0.33 13.73
CA ALA A 78 -6.00 1.15 13.03
C ALA A 78 -5.61 2.39 13.84
N LEU A 79 -6.54 2.87 14.65
CA LEU A 79 -6.41 4.12 15.37
C LEU A 79 -6.92 3.89 16.79
N PRO A 80 -5.99 3.73 17.74
CA PRO A 80 -6.24 3.22 19.08
C PRO A 80 -6.70 4.29 20.06
N THR A 81 -7.56 5.18 19.59
CA THR A 81 -8.16 6.16 20.48
C THR A 81 -9.58 6.37 19.95
N PHE A 82 -10.52 6.54 20.87
CA PHE A 82 -11.93 6.69 20.47
C PHE A 82 -12.65 7.57 21.46
N ALA A 83 -13.84 8.02 21.06
CA ALA A 83 -14.68 8.79 21.95
C ALA A 83 -16.02 8.13 22.13
N VAL A 84 -16.60 8.35 23.30
CA VAL A 84 -17.94 7.87 23.61
C VAL A 84 -18.84 9.07 23.91
N SER A 85 -19.97 9.15 23.22
CA SER A 85 -20.98 10.18 23.51
C SER A 85 -22.22 9.49 24.07
N VAL A 86 -22.54 9.74 25.34
CA VAL A 86 -23.72 9.16 25.94
C VAL A 86 -24.94 9.99 25.56
N LEU A 87 -25.85 9.42 24.77
CA LEU A 87 -26.92 10.22 24.20
C LEU A 87 -27.97 10.60 25.21
N GLU A 88 -28.51 11.80 25.01
CA GLU A 88 -29.60 12.36 25.78
C GLU A 88 -30.94 11.87 25.23
N ALA A 89 -31.99 11.97 26.03
CA ALA A 89 -33.30 11.40 25.72
C ALA A 89 -33.92 11.82 24.38
N GLY A 90 -33.63 13.05 23.95
CA GLY A 90 -34.23 13.55 22.72
C GLY A 90 -33.38 13.34 21.48
N GLN A 91 -32.30 12.57 21.59
CA GLN A 91 -31.36 12.46 20.49
C GLN A 91 -31.59 11.23 19.61
N GLU A 92 -32.84 10.89 19.33
CA GLU A 92 -33.12 9.75 18.45
C GLU A 92 -32.53 9.94 17.06
N LYS A 93 -32.52 11.18 16.57
CA LYS A 93 -31.91 11.46 15.28
C LYS A 93 -30.48 10.91 15.22
N ALA A 94 -29.67 11.28 16.19
CA ALA A 94 -28.29 10.78 16.27
C ALA A 94 -28.24 9.25 16.43
N ALA A 95 -29.09 8.72 17.29
CA ALA A 95 -29.12 7.27 17.57
C ALA A 95 -29.37 6.49 16.28
N ARG A 96 -30.31 6.97 15.48
CA ARG A 96 -30.68 6.31 14.23
C ARG A 96 -29.58 6.48 13.20
N HIS A 97 -29.00 7.67 13.17
CA HIS A 97 -28.03 7.98 12.13
C HIS A 97 -26.85 7.01 12.19
N PHE A 98 -26.43 6.68 13.40
CA PHE A 98 -25.23 5.86 13.56
C PHE A 98 -25.48 4.37 13.79
N ALA A 99 -26.74 3.96 13.67
CA ALA A 99 -27.15 2.58 13.95
C ALA A 99 -27.28 1.74 12.68
N ASP A 100 -27.25 0.41 12.84
CA ASP A 100 -27.56 -0.52 11.75
C ASP A 100 -26.70 -0.38 10.49
N HIS A 101 -25.44 0.04 10.65
CA HIS A 101 -24.56 0.29 9.50
C HIS A 101 -25.27 1.08 8.40
N SER A 102 -26.14 2.01 8.78
CA SER A 102 -27.02 2.65 7.80
C SER A 102 -26.36 3.69 6.89
N HIS A 103 -25.25 4.28 7.34
CA HIS A 103 -24.50 5.20 6.48
C HIS A 103 -23.07 4.72 6.25
N PRO A 104 -22.87 3.94 5.17
CA PRO A 104 -21.57 3.30 4.99
C PRO A 104 -20.48 4.30 4.62
N PRO A 105 -19.22 3.86 4.68
CA PRO A 105 -18.07 4.67 4.30
C PRO A 105 -18.09 5.06 2.82
N GLY A 106 -17.31 6.07 2.48
CA GLY A 106 -17.22 6.54 1.11
C GLY A 106 -17.61 8.01 1.04
N VAL A 107 -18.47 8.42 1.98
CA VAL A 107 -18.87 9.82 2.10
C VAL A 107 -18.91 10.20 3.58
N ASP A 108 -18.95 11.50 3.85
CA ASP A 108 -18.92 12.03 5.20
C ASP A 108 -20.12 11.52 5.97
N GLN A 109 -19.86 10.95 7.15
CA GLN A 109 -20.92 10.41 7.98
C GLN A 109 -21.44 11.42 8.99
N PHE A 110 -20.78 12.57 9.09
CA PHE A 110 -21.10 13.54 10.16
C PHE A 110 -21.73 14.84 9.68
N ASP A 111 -22.29 14.84 8.47
CA ASP A 111 -22.83 16.08 7.91
C ASP A 111 -24.25 16.44 8.38
N THR A 112 -24.93 15.53 9.07
CA THR A 112 -26.29 15.83 9.52
C THR A 112 -26.45 15.94 11.02
N VAL A 113 -25.40 15.64 11.77
CA VAL A 113 -25.44 15.70 13.23
CA VAL A 113 -25.43 15.69 13.23
C VAL A 113 -24.42 16.70 13.76
N ASP A 114 -24.84 17.56 14.68
CA ASP A 114 -23.92 18.55 15.25
C ASP A 114 -22.85 17.86 16.09
N TRP A 115 -21.59 18.24 15.89
CA TRP A 115 -20.50 17.61 16.63
C TRP A 115 -19.35 18.58 16.85
N VAL A 116 -18.53 18.29 17.85
CA VAL A 116 -17.33 19.07 18.09
C VAL A 116 -16.15 18.10 18.11
N LEU A 117 -14.99 18.58 17.65
CA LEU A 117 -13.81 17.74 17.62
C LEU A 117 -13.32 17.49 19.03
N GLY A 118 -13.04 16.22 19.36
CA GLY A 118 -12.40 15.89 20.62
C GLY A 118 -10.89 16.03 20.49
N GLU A 119 -10.30 16.89 21.32
CA GLU A 119 -8.88 17.21 21.21
C GLU A 119 -7.96 16.03 21.53
N GLU A 120 -8.30 15.27 22.56
CA GLU A 120 -7.46 14.17 23.04
C GLU A 120 -7.59 12.91 22.19
N SER A 121 -8.75 12.73 21.59
CA SER A 121 -9.02 11.51 20.82
C SER A 121 -8.95 11.79 19.33
N GLY A 122 -9.17 13.04 18.95
CA GLY A 122 -9.26 13.40 17.54
C GLY A 122 -10.55 12.90 16.89
N ALA A 123 -11.50 12.51 17.72
CA ALA A 123 -12.75 11.94 17.23
C ALA A 123 -13.91 12.93 17.44
N PRO A 124 -14.92 12.90 16.55
CA PRO A 124 -16.07 13.79 16.72
C PRO A 124 -16.85 13.43 17.99
N LEU A 125 -17.27 14.45 18.74
CA LEU A 125 -18.07 14.24 19.94
C LEU A 125 -19.46 14.76 19.60
N ILE A 126 -20.48 14.03 20.02
CA ILE A 126 -21.82 14.40 19.62
C ILE A 126 -22.36 15.51 20.50
N ALA A 127 -22.70 16.65 19.89
CA ALA A 127 -23.24 17.80 20.63
C ALA A 127 -24.57 17.42 21.28
N GLY A 128 -24.83 17.93 22.48
CA GLY A 128 -26.10 17.69 23.15
C GLY A 128 -26.17 16.43 23.99
N ALA A 129 -25.05 15.72 24.07
CA ALA A 129 -24.99 14.45 24.79
C ALA A 129 -25.00 14.68 26.31
N VAL A 130 -25.33 13.64 27.06
CA VAL A 130 -25.28 13.69 28.51
C VAL A 130 -23.83 13.78 29.01
N ALA A 131 -22.95 13.07 28.30
CA ALA A 131 -21.53 13.02 28.64
C ALA A 131 -20.68 12.67 27.43
N HIS A 132 -19.43 13.11 27.46
CA HIS A 132 -18.44 12.72 26.47
C HIS A 132 -17.28 12.08 27.22
N LEU A 133 -16.78 10.97 26.71
CA LEU A 133 -15.57 10.34 27.22
C LEU A 133 -14.56 10.15 26.10
N GLU A 134 -13.31 10.57 26.30
CA GLU A 134 -12.30 10.28 25.31
C GLU A 134 -11.34 9.25 25.88
N CYS A 135 -11.11 8.19 25.11
CA CYS A 135 -10.38 7.03 25.65
C CYS A 135 -9.26 6.58 24.74
N ALA A 136 -8.26 5.94 25.35
CA ALA A 136 -7.18 5.32 24.60
C ALA A 136 -7.35 3.81 24.78
N ILE A 137 -7.26 3.08 23.68
CA ILE A 137 -7.44 1.63 23.75
C ILE A 137 -6.21 1.01 24.41
N HIS A 138 -6.45 0.31 25.51
CA HIS A 138 -5.37 -0.28 26.29
C HIS A 138 -5.22 -1.78 25.98
N ARG A 139 -6.34 -2.48 25.88
CA ARG A 139 -6.33 -3.91 25.55
C ARG A 139 -7.42 -4.26 24.53
N LEU A 140 -7.13 -5.27 23.72
CA LEU A 140 -8.13 -5.97 22.91
C LEU A 140 -8.30 -7.38 23.46
N TYR A 141 -9.54 -7.73 23.79
CA TYR A 141 -9.86 -9.06 24.33
C TYR A 141 -10.78 -9.83 23.39
N GLU A 142 -10.57 -11.14 23.31
CA GLU A 142 -11.38 -11.99 22.44
C GLU A 142 -12.83 -12.04 22.92
N GLY A 143 -13.77 -11.79 22.02
CA GLY A 143 -15.18 -11.80 22.37
C GLY A 143 -16.10 -12.45 21.34
N GLY A 144 -15.69 -13.61 20.84
CA GLY A 144 -16.53 -14.35 19.90
C GLY A 144 -16.70 -13.61 18.58
N ASP A 145 -17.94 -13.30 18.22
CA ASP A 145 -18.17 -12.55 16.97
C ASP A 145 -17.93 -11.05 17.17
N HIS A 146 -17.54 -10.68 18.38
CA HIS A 146 -17.17 -9.30 18.68
C HIS A 146 -15.75 -9.26 19.22
N THR A 147 -15.19 -8.06 19.28
CA THR A 147 -13.99 -7.82 20.06
C THR A 147 -14.33 -6.89 21.21
N ILE A 148 -13.77 -7.20 22.37
CA ILE A 148 -13.88 -6.35 23.54
C ILE A 148 -12.69 -5.37 23.53
N PHE A 149 -12.99 -4.09 23.41
CA PHE A 149 -11.96 -3.06 23.49
C PHE A 149 -11.96 -2.44 24.88
N LEU A 150 -10.87 -2.58 25.61
CA LEU A 150 -10.76 -1.98 26.93
C LEU A 150 -10.10 -0.60 26.80
N GLY A 151 -10.83 0.45 27.17
CA GLY A 151 -10.30 1.81 27.02
C GLY A 151 -9.93 2.48 28.35
N GLU A 152 -8.83 3.23 28.35
CA GLU A 152 -8.47 4.05 29.50
C GLU A 152 -9.00 5.44 29.30
N VAL A 153 -9.78 5.95 30.25
CA VAL A 153 -10.46 7.24 30.09
C VAL A 153 -9.43 8.35 30.21
N ILE A 154 -9.27 9.13 29.15
CA ILE A 154 -8.26 10.20 29.17
C ILE A 154 -8.88 11.50 29.65
N THR A 155 -10.08 11.78 29.18
CA THR A 155 -10.77 12.96 29.65
C THR A 155 -12.26 12.71 29.52
N ALA A 156 -13.03 13.52 30.24
CA ALA A 156 -14.47 13.39 30.16
C ALA A 156 -15.14 14.70 30.54
N THR A 157 -16.34 14.89 30.00
CA THR A 157 -17.15 16.05 30.30
C THR A 157 -18.57 15.58 30.50
N ARG A 158 -19.32 16.21 31.39
CA ARG A 158 -20.71 15.84 31.58
C ARG A 158 -21.64 17.03 31.74
N TRP A 159 -22.91 16.81 31.37
CA TRP A 159 -23.97 17.81 31.52
C TRP A 159 -25.02 17.25 32.49
N PRO A 160 -24.89 17.56 33.78
CA PRO A 160 -25.74 17.01 34.83
C PRO A 160 -27.24 17.23 34.60
N ALA A 161 -27.62 18.34 33.96
CA ALA A 161 -29.04 18.61 33.73
C ALA A 161 -29.65 17.74 32.64
N ARG A 162 -28.81 17.02 31.90
CA ARG A 162 -29.31 16.15 30.84
C ARG A 162 -29.47 14.71 31.32
N GLU A 163 -30.48 14.03 30.80
CA GLU A 163 -30.78 12.67 31.22
C GLU A 163 -30.63 11.76 30.02
N GLY A 164 -30.07 10.57 30.24
CA GLY A 164 -29.77 9.67 29.16
C GLY A 164 -30.95 8.98 28.50
N LEU A 166 -32.76 5.70 26.84
CA LEU A 166 -32.86 4.31 27.29
C LEU A 166 -33.16 3.40 26.11
N PHE A 167 -32.70 2.16 26.18
CA PHE A 167 -32.97 1.19 25.12
C PHE A 167 -33.25 -0.14 25.78
N SER A 168 -34.33 -0.78 25.37
CA SER A 168 -34.69 -2.06 25.96
C SER A 168 -35.68 -2.79 25.06
N GLY A 169 -35.56 -4.11 25.01
CA GLY A 169 -36.45 -4.90 24.16
C GLY A 169 -36.43 -4.36 22.74
N GLY A 170 -35.25 -3.96 22.29
CA GLY A 170 -35.08 -3.41 20.95
C GLY A 170 -35.82 -2.11 20.65
N ARG A 171 -36.18 -1.36 21.67
CA ARG A 171 -36.84 -0.07 21.45
C ARG A 171 -36.33 1.07 22.34
N PHE A 172 -36.49 2.31 21.88
CA PHE A 172 -36.15 3.45 22.72
C PHE A 172 -37.20 3.57 23.79
N ARG A 173 -36.78 3.88 25.01
CA ARG A 173 -37.70 4.05 26.12
C ARG A 173 -37.32 5.32 26.83
N ARG A 174 -38.14 5.75 27.78
CA ARG A 174 -37.84 6.92 28.58
C ARG A 174 -38.04 6.62 30.07
N PHE A 175 -37.39 7.39 30.92
CA PHE A 175 -37.57 7.30 32.36
C PHE A 175 -38.91 7.86 32.78
N ALA A 176 -39.48 7.29 33.84
CA ALA A 176 -40.56 7.96 34.54
C ALA A 176 -39.91 8.93 35.53
N PRO A 177 -40.52 10.10 35.74
CA PRO A 177 -39.94 11.07 36.67
C PRO A 177 -39.90 10.53 38.10
N ASP A 178 -38.75 10.63 38.75
CA ASP A 178 -38.55 10.28 40.16
C ASP A 178 -37.13 9.77 40.40
N PRO B 11 -24.72 24.04 31.95
CA PRO B 11 -23.27 24.17 31.77
C PRO B 11 -22.54 22.83 31.78
N ALA B 12 -21.38 22.80 31.14
CA ALA B 12 -20.57 21.58 31.09
C ALA B 12 -19.67 21.46 32.31
N GLU B 13 -19.68 20.28 32.91
CA GLU B 13 -18.85 19.97 34.06
C GLU B 13 -17.67 19.13 33.59
N LEU B 14 -16.47 19.67 33.72
CA LEU B 14 -15.26 18.97 33.33
C LEU B 14 -14.94 17.88 34.37
N VAL B 15 -14.56 16.70 33.89
CA VAL B 15 -14.23 15.61 34.79
C VAL B 15 -12.77 15.19 34.69
N ASP B 16 -12.09 15.13 35.82
CA ASP B 16 -10.73 14.58 35.90
C ASP B 16 -10.81 13.09 36.22
N PRO B 17 -10.44 12.23 35.26
CA PRO B 17 -10.67 10.79 35.44
C PRO B 17 -9.89 10.23 36.63
N LYS B 18 -8.91 11.00 37.11
CA LYS B 18 -8.13 10.57 38.25
C LYS B 18 -8.82 10.92 39.57
N ASP B 19 -9.89 11.69 39.49
CA ASP B 19 -10.70 12.00 40.66
C ASP B 19 -11.83 10.98 40.76
N ARG B 20 -11.72 10.06 41.72
CA ARG B 20 -12.66 8.94 41.81
C ARG B 20 -14.11 9.38 41.97
N VAL B 21 -14.30 10.47 42.70
CA VAL B 21 -15.65 11.00 42.91
C VAL B 21 -16.25 11.52 41.60
N GLN B 22 -15.47 12.31 40.87
CA GLN B 22 -15.95 12.85 39.59
C GLN B 22 -16.15 11.75 38.55
N LEU B 23 -15.26 10.77 38.52
CA LEU B 23 -15.36 9.67 37.57
C LEU B 23 -16.61 8.82 37.84
N ARG B 24 -16.89 8.56 39.11
CA ARG B 24 -18.13 7.84 39.45
C ARG B 24 -19.36 8.55 38.89
N ARG B 25 -19.35 9.88 38.95
CA ARG B 25 -20.49 10.66 38.47
C ARG B 25 -20.70 10.44 36.99
N VAL B 26 -19.62 10.43 36.20
CA VAL B 26 -19.80 10.27 34.77
C VAL B 26 -20.19 8.82 34.42
N PHE B 27 -19.64 7.85 35.13
CA PHE B 27 -20.00 6.44 34.92
C PHE B 27 -21.48 6.27 35.22
N GLY B 28 -21.95 7.01 36.20
CA GLY B 28 -23.36 6.97 36.57
C GLY B 28 -24.31 7.55 35.51
N ASP B 29 -23.78 8.23 34.51
CA ASP B 29 -24.61 8.89 33.49
C ASP B 29 -25.11 7.91 32.43
N PHE B 30 -24.47 6.74 32.35
CA PHE B 30 -24.96 5.69 31.47
C PHE B 30 -25.92 4.77 32.23
N PRO B 31 -27.22 4.81 31.89
CA PRO B 31 -28.21 3.97 32.57
C PRO B 31 -27.96 2.49 32.31
N THR B 32 -28.27 1.64 33.28
CA THR B 32 -28.17 0.20 33.08
C THR B 32 -29.29 -0.52 33.78
N GLY B 33 -29.39 -1.81 33.49
CA GLY B 33 -30.24 -2.68 34.28
C GLY B 33 -29.49 -3.08 35.53
N VAL B 34 -30.02 -4.08 36.22
CA VAL B 34 -29.44 -4.58 37.45
C VAL B 34 -29.60 -6.10 37.45
N THR B 35 -28.52 -6.81 37.77
CA THR B 35 -28.59 -8.26 37.85
C THR B 35 -28.12 -8.75 39.21
N VAL B 36 -28.44 -10.00 39.51
CA VAL B 36 -27.76 -10.66 40.61
C VAL B 36 -26.98 -11.79 40.00
N VAL B 37 -25.67 -11.78 40.20
CA VAL B 37 -24.84 -12.89 39.74
C VAL B 37 -24.72 -13.91 40.87
N THR B 38 -24.94 -15.17 40.54
CA THR B 38 -24.86 -16.21 41.56
C THR B 38 -23.94 -17.37 41.18
N VAL B 39 -23.40 -18.03 42.20
CA VAL B 39 -22.69 -19.30 42.02
C VAL B 39 -23.18 -20.32 43.05
N GLY B 40 -23.09 -21.59 42.68
CA GLY B 40 -23.46 -22.68 43.57
C GLY B 40 -22.20 -23.14 44.26
N GLY B 41 -21.95 -24.45 44.23
CA GLY B 41 -20.81 -25.03 44.90
C GLY B 41 -21.09 -25.26 46.36
N SER B 42 -20.03 -25.42 47.15
CA SER B 42 -20.17 -25.67 48.58
C SER B 42 -20.87 -24.51 49.28
N GLU B 43 -20.45 -23.28 48.96
CA GLU B 43 -21.02 -22.08 49.58
C GLU B 43 -21.62 -21.16 48.53
N PRO B 44 -22.90 -21.36 48.20
CA PRO B 44 -23.56 -20.51 47.20
C PRO B 44 -23.45 -19.03 47.54
N ARG B 45 -23.37 -18.19 46.52
CA ARG B 45 -23.10 -16.80 46.74
C ARG B 45 -23.82 -15.98 45.69
N GLY B 46 -24.27 -14.80 46.06
CA GLY B 46 -24.90 -13.90 45.11
C GLY B 46 -24.31 -12.52 45.23
N THR B 48 -25.10 -8.41 43.65
CA THR B 48 -25.79 -7.49 42.77
C THR B 48 -24.73 -6.82 41.88
N ALA B 49 -24.97 -6.78 40.58
CA ALA B 49 -24.00 -6.21 39.66
C ALA B 49 -24.71 -5.54 38.51
N ASN B 50 -24.20 -4.40 38.07
CA ASN B 50 -24.74 -3.78 36.87
C ASN B 50 -23.76 -3.73 35.71
N SER B 51 -22.60 -4.33 35.89
CA SER B 51 -21.56 -4.31 34.87
C SER B 51 -21.74 -5.42 33.83
N PHE B 52 -22.94 -5.96 33.75
CA PHE B 52 -23.25 -7.05 32.84
C PHE B 52 -23.50 -6.53 31.43
N THR B 53 -23.01 -7.28 30.44
N THR B 53 -22.92 -7.17 30.41
CA THR B 53 -23.07 -6.87 29.03
CA THR B 53 -23.29 -6.87 29.03
C THR B 53 -23.16 -8.11 28.13
C THR B 53 -23.22 -8.10 28.17
N SER B 54 -24.01 -8.09 27.11
CA SER B 54 -23.96 -9.17 26.14
C SER B 54 -22.84 -8.84 25.17
N VAL B 55 -22.13 -9.88 24.73
CA VAL B 55 -20.91 -9.72 23.97
C VAL B 55 -21.06 -10.28 22.55
N SER B 56 -21.58 -11.49 22.44
CA SER B 56 -21.53 -12.21 21.17
C SER B 56 -22.76 -13.11 20.99
N LEU B 57 -23.23 -13.24 19.75
CA LEU B 57 -24.32 -14.17 19.46
C LEU B 57 -23.81 -15.57 19.16
N SER B 58 -22.74 -15.67 18.38
CA SER B 58 -22.18 -16.96 18.04
C SER B 58 -20.66 -16.89 18.09
N PRO B 59 -20.06 -17.49 19.13
CA PRO B 59 -20.70 -18.21 20.25
C PRO B 59 -21.46 -17.25 21.16
N PRO B 60 -22.42 -17.78 21.93
CA PRO B 60 -23.24 -16.90 22.79
C PRO B 60 -22.45 -16.55 24.05
N LEU B 61 -22.06 -15.29 24.15
CA LEU B 61 -21.17 -14.84 25.22
C LEU B 61 -21.71 -13.61 25.92
N VAL B 62 -21.48 -13.57 27.24
CA VAL B 62 -21.78 -12.40 28.05
C VAL B 62 -20.58 -12.13 28.93
N LEU B 63 -20.55 -10.95 29.54
CA LEU B 63 -19.50 -10.65 30.48
C LEU B 63 -20.02 -9.91 31.70
N ILE B 64 -19.33 -10.09 32.82
CA ILE B 64 -19.59 -9.30 34.02
C ILE B 64 -18.25 -8.82 34.56
N CYS B 65 -18.22 -7.64 35.18
CA CYS B 65 -17.01 -7.17 35.84
C CYS B 65 -17.20 -7.29 37.33
N VAL B 66 -16.21 -7.88 37.99
CA VAL B 66 -16.27 -8.10 39.42
C VAL B 66 -15.03 -7.54 40.08
N GLY B 67 -15.26 -6.76 41.14
CA GLY B 67 -14.19 -6.17 41.90
C GLY B 67 -13.25 -7.23 42.45
N LYS B 68 -11.95 -6.98 42.34
CA LYS B 68 -10.96 -7.93 42.80
C LYS B 68 -11.05 -8.23 44.29
N ASP B 69 -11.61 -7.30 45.06
CA ASP B 69 -11.72 -7.47 46.51
C ASP B 69 -13.09 -7.99 46.95
N ALA B 70 -13.97 -8.23 45.99
CA ALA B 70 -15.28 -8.79 46.30
C ALA B 70 -15.16 -10.28 46.64
N VAL B 71 -16.00 -10.76 47.54
CA VAL B 71 -16.04 -12.19 47.86
C VAL B 71 -16.37 -13.03 46.63
N HIS B 73 -15.49 -12.57 43.66
CA HIS B 73 -14.34 -12.69 42.77
C HIS B 73 -13.58 -14.00 43.01
N GLN B 74 -13.45 -14.37 44.27
CA GLN B 74 -12.83 -15.62 44.65
C GLN B 74 -13.64 -16.82 44.16
N ARG B 75 -14.96 -16.75 44.30
CA ARG B 75 -15.83 -17.85 43.89
C ARG B 75 -15.78 -18.07 42.38
N LEU B 76 -15.96 -16.99 41.63
CA LEU B 76 -15.95 -17.07 40.18
C LEU B 76 -14.62 -17.56 39.63
N THR B 77 -13.53 -17.23 40.31
CA THR B 77 -12.22 -17.66 39.85
CA THR B 77 -12.21 -17.66 39.86
C THR B 77 -12.04 -19.16 40.05
N ALA B 78 -12.82 -19.73 40.97
CA ALA B 78 -12.65 -21.13 41.34
C ALA B 78 -13.66 -22.08 40.72
N LEU B 79 -14.84 -21.58 40.37
CA LEU B 79 -15.91 -22.43 39.85
C LEU B 79 -16.04 -22.29 38.34
N PRO B 80 -16.48 -23.35 37.65
CA PRO B 80 -16.58 -23.37 36.19
C PRO B 80 -17.82 -22.66 35.65
N THR B 81 -18.85 -22.51 36.49
CA THR B 81 -20.13 -21.97 36.03
C THR B 81 -20.72 -20.91 36.95
N PHE B 82 -21.62 -20.10 36.40
CA PHE B 82 -22.30 -19.09 37.18
C PHE B 82 -23.64 -18.79 36.53
N ALA B 83 -24.49 -18.06 37.24
CA ALA B 83 -25.78 -17.67 36.69
C ALA B 83 -25.98 -16.18 36.85
N VAL B 84 -26.81 -15.62 35.97
CA VAL B 84 -27.18 -14.22 36.02
C VAL B 84 -28.69 -14.12 36.03
N SER B 85 -29.23 -13.41 37.02
CA SER B 85 -30.65 -13.10 37.05
C SER B 85 -30.83 -11.61 36.79
N VAL B 86 -31.53 -11.27 35.70
CA VAL B 86 -31.79 -9.86 35.39
C VAL B 86 -32.99 -9.42 36.19
N LEU B 87 -32.82 -8.44 37.08
CA LEU B 87 -33.93 -8.14 38.02
C LEU B 87 -35.05 -7.36 37.38
N GLU B 88 -36.26 -7.64 37.86
CA GLU B 88 -37.49 -7.04 37.37
C GLU B 88 -37.72 -5.73 38.13
N ALA B 89 -38.55 -4.85 37.59
CA ALA B 89 -38.75 -3.52 38.14
C ALA B 89 -39.08 -3.49 39.66
N GLY B 90 -39.80 -4.49 40.16
CA GLY B 90 -40.21 -4.49 41.55
C GLY B 90 -39.30 -5.26 42.52
N GLN B 91 -38.06 -5.48 42.14
CA GLN B 91 -37.17 -6.32 42.93
C GLN B 91 -36.07 -5.53 43.63
N GLU B 92 -36.35 -4.28 43.98
CA GLU B 92 -35.35 -3.47 44.65
C GLU B 92 -34.84 -4.17 45.92
N LYS B 93 -35.73 -4.87 46.62
CA LYS B 93 -35.36 -5.59 47.83
C LYS B 93 -34.28 -6.62 47.57
N ALA B 94 -34.45 -7.44 46.53
CA ALA B 94 -33.44 -8.41 46.17
C ALA B 94 -32.14 -7.73 45.75
N ALA B 95 -32.25 -6.66 44.98
CA ALA B 95 -31.09 -5.90 44.57
C ALA B 95 -30.30 -5.44 45.80
N ARG B 96 -31.01 -4.86 46.77
CA ARG B 96 -30.33 -4.39 47.99
C ARG B 96 -29.76 -5.57 48.80
N HIS B 97 -30.46 -6.69 48.80
CA HIS B 97 -30.09 -7.82 49.63
C HIS B 97 -28.73 -8.43 49.27
N PHE B 98 -28.41 -8.44 47.98
CA PHE B 98 -27.14 -9.01 47.51
C PHE B 98 -26.09 -7.94 47.23
N ALA B 99 -26.36 -6.70 47.66
CA ALA B 99 -25.42 -5.62 47.43
C ALA B 99 -24.29 -5.68 48.45
N SER B 102 -25.37 -6.84 53.18
CA SER B 102 -24.05 -7.46 53.14
C SER B 102 -24.02 -8.76 53.94
N HIS B 103 -23.06 -9.62 53.63
CA HIS B 103 -22.90 -10.89 54.34
C HIS B 103 -21.43 -11.32 54.37
N PRO B 104 -20.97 -11.74 55.56
CA PRO B 104 -19.66 -12.40 55.66
C PRO B 104 -19.67 -13.67 54.82
N PRO B 105 -18.50 -14.13 54.38
CA PRO B 105 -18.40 -15.33 53.54
C PRO B 105 -19.08 -16.58 54.11
N GLY B 106 -19.45 -16.55 55.39
CA GLY B 106 -20.05 -17.73 56.02
C GLY B 106 -21.53 -17.63 56.35
N VAL B 107 -22.16 -16.53 55.98
CA VAL B 107 -23.57 -16.31 56.26
C VAL B 107 -24.44 -16.50 55.00
N ASP B 108 -25.45 -17.36 55.12
CA ASP B 108 -26.31 -17.71 53.98
C ASP B 108 -27.14 -16.52 53.49
N GLN B 109 -27.00 -16.20 52.21
CA GLN B 109 -27.71 -15.07 51.62
C GLN B 109 -29.09 -15.47 51.14
N PHE B 110 -29.29 -16.76 50.90
CA PHE B 110 -30.45 -17.21 50.14
C PHE B 110 -31.64 -17.67 51.00
N ASP B 111 -31.44 -17.69 52.31
CA ASP B 111 -32.45 -18.23 53.22
C ASP B 111 -33.68 -17.32 53.37
N THR B 112 -33.56 -16.10 52.87
CA THR B 112 -34.62 -15.12 53.06
C THR B 112 -35.14 -14.56 51.74
N VAL B 113 -34.80 -15.21 50.63
CA VAL B 113 -35.30 -14.79 49.34
C VAL B 113 -35.77 -16.00 48.54
N ASP B 114 -36.59 -15.78 47.52
CA ASP B 114 -37.07 -16.90 46.73
C ASP B 114 -36.14 -17.19 45.56
N TRP B 115 -35.79 -18.46 45.42
CA TRP B 115 -34.87 -18.87 44.38
C TRP B 115 -35.18 -20.29 43.94
N VAL B 116 -34.67 -20.65 42.76
CA VAL B 116 -34.74 -22.01 42.27
C VAL B 116 -33.36 -22.41 41.78
N LEU B 117 -33.04 -23.68 41.97
CA LEU B 117 -31.75 -24.21 41.52
C LEU B 117 -31.73 -24.28 40.00
N GLY B 118 -30.72 -23.69 39.38
CA GLY B 118 -30.51 -23.86 37.95
C GLY B 118 -29.76 -25.17 37.74
N GLU B 119 -30.35 -26.05 36.96
CA GLU B 119 -29.80 -27.39 36.75
C GLU B 119 -28.44 -27.36 36.06
N GLU B 120 -28.29 -26.52 35.04
CA GLU B 120 -27.02 -26.44 34.30
C GLU B 120 -25.88 -25.84 35.11
N SER B 121 -26.14 -24.70 35.76
CA SER B 121 -25.10 -23.99 36.49
C SER B 121 -24.81 -24.54 37.89
N GLY B 122 -25.81 -25.18 38.50
CA GLY B 122 -25.74 -25.53 39.90
C GLY B 122 -25.94 -24.33 40.82
N ALA B 123 -26.31 -23.19 40.25
CA ALA B 123 -26.41 -21.95 41.02
C ALA B 123 -27.86 -21.48 41.23
N PRO B 124 -28.14 -20.81 42.36
CA PRO B 124 -29.52 -20.36 42.60
C PRO B 124 -29.93 -19.28 41.60
N LEU B 125 -31.11 -19.40 41.01
CA LEU B 125 -31.66 -18.37 40.15
C LEU B 125 -32.74 -17.60 40.90
N ILE B 126 -32.72 -16.27 40.81
CA ILE B 126 -33.62 -15.46 41.62
C ILE B 126 -35.01 -15.49 41.03
N ALA B 127 -35.99 -15.97 41.80
CA ALA B 127 -37.35 -16.03 41.28
C ALA B 127 -37.90 -14.63 41.00
N GLY B 128 -38.78 -14.52 40.01
CA GLY B 128 -39.42 -13.25 39.70
C GLY B 128 -38.59 -12.39 38.75
N ALA B 129 -37.49 -12.95 38.27
CA ALA B 129 -36.59 -12.23 37.39
C ALA B 129 -37.17 -12.05 35.99
N VAL B 130 -36.65 -11.08 35.25
CA VAL B 130 -37.04 -10.89 33.86
C VAL B 130 -36.42 -11.99 33.02
N ALA B 131 -35.26 -12.48 33.44
CA ALA B 131 -34.51 -13.48 32.69
C ALA B 131 -33.48 -14.17 33.56
N HIS B 132 -33.22 -15.43 33.25
CA HIS B 132 -32.16 -16.21 33.89
C HIS B 132 -31.18 -16.63 32.81
N LEU B 133 -29.89 -16.50 33.08
CA LEU B 133 -28.86 -17.01 32.19
C LEU B 133 -27.89 -17.87 33.00
N GLU B 134 -27.67 -19.09 32.53
CA GLU B 134 -26.68 -19.96 33.14
C GLU B 134 -25.50 -20.08 32.20
N CYS B 135 -24.31 -19.80 32.73
CA CYS B 135 -23.12 -19.66 31.91
C CYS B 135 -21.97 -20.52 32.37
N ALA B 136 -21.05 -20.76 31.45
CA ALA B 136 -19.79 -21.42 31.75
C ALA B 136 -18.69 -20.37 31.52
N ILE B 137 -17.78 -20.25 32.48
CA ILE B 137 -16.70 -19.28 32.36
C ILE B 137 -15.83 -19.67 31.16
N HIS B 138 -15.49 -18.69 30.35
CA HIS B 138 -14.80 -18.92 29.08
C HIS B 138 -13.39 -18.32 29.16
N ARG B 139 -13.29 -17.09 29.64
CA ARG B 139 -11.98 -16.44 29.83
C ARG B 139 -12.08 -15.47 31.01
N LEU B 140 -10.94 -15.21 31.63
CA LEU B 140 -10.82 -14.10 32.58
C LEU B 140 -9.88 -13.06 31.97
N TYR B 141 -10.29 -11.81 31.99
CA TYR B 141 -9.44 -10.72 31.49
C TYR B 141 -9.19 -9.67 32.55
N GLU B 142 -8.02 -9.04 32.51
CA GLU B 142 -7.68 -7.93 33.41
C GLU B 142 -8.54 -6.72 33.12
N GLY B 143 -9.06 -6.10 34.17
CA GLY B 143 -9.85 -4.88 34.06
C GLY B 143 -9.54 -3.88 35.16
N GLY B 144 -8.26 -3.58 35.33
CA GLY B 144 -7.84 -2.62 36.36
C GLY B 144 -8.15 -3.14 37.75
N ASP B 145 -9.01 -2.45 38.49
CA ASP B 145 -9.41 -2.89 39.82
C ASP B 145 -10.52 -3.93 39.79
N HIS B 146 -10.97 -4.28 38.59
CA HIS B 146 -11.90 -5.39 38.40
C HIS B 146 -11.28 -6.49 37.55
N THR B 147 -11.94 -7.64 37.55
CA THR B 147 -11.67 -8.68 36.57
C THR B 147 -12.88 -8.78 35.66
N ILE B 148 -12.64 -9.01 34.39
CA ILE B 148 -13.72 -9.21 33.43
C ILE B 148 -13.93 -10.73 33.24
N PHE B 149 -15.09 -11.23 33.65
CA PHE B 149 -15.42 -12.64 33.43
C PHE B 149 -16.30 -12.81 32.18
N LEU B 150 -15.79 -13.54 31.21
CA LEU B 150 -16.50 -13.79 29.96
C LEU B 150 -17.10 -15.19 30.06
N GLY B 151 -18.42 -15.28 29.96
CA GLY B 151 -19.12 -16.54 30.10
C GLY B 151 -19.82 -16.94 28.81
N GLU B 152 -19.92 -18.24 28.57
CA GLU B 152 -20.71 -18.72 27.45
C GLU B 152 -22.07 -19.11 27.99
N VAL B 153 -23.13 -18.62 27.35
CA VAL B 153 -24.47 -18.93 27.80
C VAL B 153 -24.79 -20.38 27.40
N ILE B 154 -25.06 -21.22 28.40
CA ILE B 154 -25.47 -22.61 28.14
C ILE B 154 -26.98 -22.74 28.04
N THR B 155 -27.69 -22.07 28.93
CA THR B 155 -29.16 -22.05 28.83
C THR B 155 -29.70 -20.72 29.34
N ALA B 156 -30.90 -20.35 28.90
CA ALA B 156 -31.54 -19.16 29.45
C ALA B 156 -33.04 -19.32 29.45
N THR B 157 -33.70 -18.50 30.27
CA THR B 157 -35.16 -18.46 30.34
C THR B 157 -35.56 -17.01 30.44
N ARG B 158 -36.61 -16.61 29.74
CA ARG B 158 -37.11 -15.24 29.86
C ARG B 158 -38.62 -15.18 30.14
N TRP B 159 -39.04 -14.09 30.77
CA TRP B 159 -40.45 -13.81 31.00
C TRP B 159 -40.77 -12.46 30.35
N PRO B 160 -41.18 -12.48 29.08
CA PRO B 160 -41.38 -11.29 28.25
C PRO B 160 -42.33 -10.27 28.87
N ALA B 161 -43.28 -10.74 29.67
CA ALA B 161 -44.24 -9.86 30.31
C ALA B 161 -43.56 -8.93 31.30
N ARG B 162 -42.42 -9.36 31.85
CA ARG B 162 -41.73 -8.58 32.88
C ARG B 162 -40.74 -7.54 32.33
N GLU B 163 -40.61 -6.44 33.06
CA GLU B 163 -39.77 -5.33 32.66
C GLU B 163 -38.60 -5.17 33.62
N GLY B 164 -37.43 -4.90 33.08
CA GLY B 164 -36.24 -4.75 33.89
C GLY B 164 -36.20 -3.54 34.82
N LEU B 166 -34.18 -0.47 36.61
CA LEU B 166 -33.24 0.50 36.07
C LEU B 166 -32.38 1.12 37.15
N PHE B 167 -31.13 1.43 36.79
CA PHE B 167 -30.23 2.09 37.71
C PHE B 167 -29.49 3.19 36.97
N SER B 168 -29.52 4.40 37.51
CA SER B 168 -28.89 5.52 36.83
C SER B 168 -28.70 6.68 37.80
N GLY B 169 -27.65 7.46 37.58
CA GLY B 169 -27.32 8.56 38.47
C GLY B 169 -27.24 8.10 39.91
N GLY B 170 -26.86 6.83 40.10
CA GLY B 170 -26.69 6.28 41.43
C GLY B 170 -27.97 5.87 42.15
N ARG B 171 -29.11 5.90 41.46
CA ARG B 171 -30.36 5.49 42.11
C ARG B 171 -31.26 4.61 41.24
N PHE B 172 -32.22 3.96 41.86
CA PHE B 172 -33.17 3.12 41.12
C PHE B 172 -34.20 4.00 40.41
N ARG B 173 -34.50 3.66 39.16
CA ARG B 173 -35.43 4.45 38.36
C ARG B 173 -36.44 3.49 37.74
N ARG B 174 -37.46 4.04 37.11
CA ARG B 174 -38.45 3.20 36.44
C ARG B 174 -38.72 3.70 35.03
N PHE B 175 -39.25 2.81 34.20
CA PHE B 175 -39.61 3.16 32.84
C PHE B 175 -40.86 4.00 32.84
N ALA B 176 -40.94 4.93 31.90
CA ALA B 176 -42.21 5.56 31.59
C ALA B 176 -42.96 4.55 30.73
N PRO B 177 -44.29 4.45 30.93
CA PRO B 177 -45.06 3.52 30.10
C PRO B 177 -44.80 3.76 28.62
N ASP B 178 -44.53 2.69 27.89
CA ASP B 178 -44.16 2.76 26.47
C ASP B 178 -45.26 3.44 25.65
N ALA B 179 -44.93 4.59 25.08
CA ALA B 179 -45.89 5.33 24.25
C ALA B 179 -45.96 4.76 22.84
N ALA C 3 40.18 -31.54 2.63
CA ALA C 3 41.29 -31.74 3.56
C ALA C 3 41.51 -33.23 3.82
N SER C 5 44.39 -34.52 6.36
CA SER C 5 44.81 -34.69 7.75
C SER C 5 45.64 -33.50 8.22
N PRO C 6 45.62 -33.23 9.54
CA PRO C 6 44.74 -33.91 10.50
C PRO C 6 43.49 -33.08 10.80
N ILE C 7 42.32 -33.70 10.72
CA ILE C 7 41.06 -32.99 11.04
C ILE C 7 40.91 -32.81 12.54
N ILE C 8 41.02 -31.58 12.99
CA ILE C 8 41.08 -31.24 14.40
C ILE C 8 40.30 -29.95 14.61
N ALA C 9 39.25 -30.01 15.42
CA ALA C 9 38.43 -28.85 15.70
C ALA C 9 39.14 -27.87 16.62
N PRO C 10 38.84 -26.58 16.48
CA PRO C 10 39.43 -25.56 17.36
C PRO C 10 39.01 -25.73 18.82
N PRO C 11 39.75 -25.12 19.74
CA PRO C 11 39.51 -25.29 21.18
C PRO C 11 38.15 -24.73 21.60
N ALA C 12 37.55 -25.33 22.61
CA ALA C 12 36.34 -24.78 23.21
C ALA C 12 36.66 -23.43 23.84
N GLU C 13 35.65 -22.59 24.07
CA GLU C 13 35.85 -21.32 24.76
C GLU C 13 35.04 -21.30 26.04
N LEU C 14 35.70 -21.05 27.17
CA LEU C 14 34.95 -20.84 28.39
C LEU C 14 34.36 -19.43 28.32
N VAL C 15 33.11 -19.28 28.74
CA VAL C 15 32.43 -17.99 28.66
C VAL C 15 32.08 -17.48 30.05
N ASP C 16 32.58 -16.30 30.38
CA ASP C 16 32.24 -15.64 31.63
C ASP C 16 31.00 -14.78 31.36
N PRO C 17 29.86 -15.21 31.91
CA PRO C 17 28.58 -14.54 31.63
C PRO C 17 28.64 -13.07 31.98
N LYS C 18 29.59 -12.68 32.81
CA LYS C 18 29.77 -11.27 33.18
C LYS C 18 30.38 -10.44 32.03
N ASP C 19 31.00 -11.12 31.07
CA ASP C 19 31.65 -10.42 29.97
C ASP C 19 30.68 -10.32 28.80
N ARG C 20 30.18 -9.11 28.54
CA ARG C 20 29.13 -8.94 27.54
C ARG C 20 29.51 -9.46 26.15
N VAL C 21 30.73 -9.17 25.71
CA VAL C 21 31.15 -9.61 24.40
C VAL C 21 31.15 -11.13 24.30
N GLN C 22 31.61 -11.79 25.36
CA GLN C 22 31.62 -13.25 25.39
C GLN C 22 30.19 -13.79 25.43
N LEU C 23 29.38 -13.21 26.29
CA LEU C 23 28.00 -13.66 26.41
C LEU C 23 27.25 -13.53 25.09
N ARG C 24 27.48 -12.43 24.37
CA ARG C 24 26.81 -12.25 23.08
C ARG C 24 27.17 -13.37 22.13
N ARG C 25 28.40 -13.85 22.21
CA ARG C 25 28.83 -14.90 21.31
C ARG C 25 28.08 -16.19 21.58
N VAL C 26 27.91 -16.54 22.85
CA VAL C 26 27.24 -17.79 23.15
C VAL C 26 25.74 -17.70 22.81
N PHE C 27 25.16 -16.52 23.04
CA PHE C 27 23.77 -16.30 22.66
C PHE C 27 23.59 -16.45 21.14
N GLY C 28 24.58 -16.04 20.37
CA GLY C 28 24.52 -16.11 18.91
C GLY C 28 24.68 -17.53 18.38
N ASP C 29 25.09 -18.44 19.26
CA ASP C 29 25.21 -19.85 18.90
C ASP C 29 23.89 -20.58 18.73
N PHE C 30 22.80 -20.01 19.23
CA PHE C 30 21.50 -20.64 19.03
C PHE C 30 20.90 -20.00 17.79
N PRO C 31 20.72 -20.78 16.70
CA PRO C 31 20.19 -20.16 15.48
C PRO C 31 18.73 -19.78 15.60
N THR C 32 18.32 -18.73 14.88
CA THR C 32 16.94 -18.28 14.91
C THR C 32 16.51 -17.83 13.52
N GLY C 33 15.22 -17.65 13.35
CA GLY C 33 14.73 -17.01 12.15
C GLY C 33 14.87 -15.52 12.40
N VAL C 34 14.29 -14.73 11.51
CA VAL C 34 14.35 -13.26 11.66
C VAL C 34 12.94 -12.72 11.47
N THR C 35 12.53 -11.80 12.32
CA THR C 35 11.20 -11.19 12.14
C THR C 35 11.32 -9.69 12.12
N VAL C 36 10.27 -9.01 11.65
CA VAL C 36 10.12 -7.59 11.87
C VAL C 36 8.84 -7.45 12.69
N VAL C 37 8.96 -6.86 13.87
CA VAL C 37 7.83 -6.54 14.72
C VAL C 37 7.36 -5.13 14.37
N THR C 38 6.06 -4.92 14.22
CA THR C 38 5.58 -3.59 13.86
C THR C 38 4.46 -3.18 14.75
N VAL C 39 4.26 -1.88 14.86
CA VAL C 39 3.03 -1.36 15.47
C VAL C 39 2.46 -0.31 14.53
N GLY C 40 1.19 -0.01 14.73
CA GLY C 40 0.51 0.96 13.90
C GLY C 40 0.38 2.31 14.59
N GLY C 41 -0.82 2.85 14.61
CA GLY C 41 -1.02 4.19 15.13
C GLY C 41 -0.78 5.19 14.03
N SER C 42 -0.76 6.48 14.38
CA SER C 42 -0.58 7.52 13.36
C SER C 42 0.84 7.51 12.77
N GLU C 43 1.79 6.94 13.50
CA GLU C 43 3.17 6.88 13.03
C GLU C 43 3.75 5.50 13.26
N PRO C 44 3.54 4.61 12.30
CA PRO C 44 3.90 3.19 12.40
C PRO C 44 5.40 3.02 12.59
N ARG C 45 5.81 1.99 13.33
CA ARG C 45 7.23 1.69 13.55
C ARG C 45 7.47 0.21 13.30
N GLY C 46 8.69 -0.12 12.88
CA GLY C 46 9.09 -1.51 12.80
C GLY C 46 10.43 -1.71 13.47
N THR C 48 13.50 -5.00 13.59
CA THR C 48 13.94 -6.36 13.31
C THR C 48 14.20 -7.04 14.65
N ALA C 49 13.73 -8.27 14.81
CA ALA C 49 13.88 -8.96 16.08
C ALA C 49 14.04 -10.46 15.87
N ASN C 50 14.92 -11.08 16.64
CA ASN C 50 15.04 -12.52 16.54
C ASN C 50 14.64 -13.24 17.84
N SER C 51 14.10 -12.47 18.78
CA SER C 51 13.72 -13.03 20.09
C SER C 51 12.29 -13.56 20.12
N PHE C 52 11.73 -13.83 18.95
CA PHE C 52 10.36 -14.28 18.84
C PHE C 52 10.26 -15.75 19.25
N THR C 53 9.19 -16.10 19.98
CA THR C 53 9.03 -17.47 20.44
C THR C 53 7.56 -17.81 20.62
N SER C 54 7.12 -18.98 20.13
CA SER C 54 5.73 -19.37 20.35
C SER C 54 5.65 -19.92 21.77
N VAL C 55 4.55 -19.67 22.46
CA VAL C 55 4.52 -19.99 23.88
C VAL C 55 3.41 -21.00 24.21
N SER C 56 2.23 -20.75 23.69
CA SER C 56 1.06 -21.54 24.12
C SER C 56 0.10 -21.73 22.97
N LEU C 57 -0.57 -22.88 22.93
CA LEU C 57 -1.58 -23.15 21.92
C LEU C 57 -2.97 -22.68 22.39
N SER C 58 -3.26 -22.91 23.66
CA SER C 58 -4.54 -22.49 24.22
C SER C 58 -4.33 -21.81 25.57
N PRO C 59 -4.51 -20.48 25.62
CA PRO C 59 -4.78 -19.58 24.49
C PRO C 59 -3.54 -19.41 23.62
N PRO C 60 -3.72 -18.94 22.38
CA PRO C 60 -2.62 -18.83 21.41
C PRO C 60 -1.71 -17.68 21.79
N LEU C 61 -0.55 -17.99 22.37
CA LEU C 61 0.38 -16.94 22.82
C LEU C 61 1.75 -17.03 22.18
N VAL C 62 2.33 -15.85 21.95
CA VAL C 62 3.72 -15.77 21.51
C VAL C 62 4.42 -14.74 22.38
N LEU C 63 5.74 -14.70 22.36
CA LEU C 63 6.41 -13.62 23.05
C LEU C 63 7.54 -13.03 22.22
N ILE C 64 7.92 -11.82 22.57
CA ILE C 64 9.11 -11.18 22.00
C ILE C 64 9.78 -10.45 23.14
N CYS C 65 11.11 -10.32 23.05
CA CYS C 65 11.87 -9.61 24.08
C CYS C 65 12.41 -8.36 23.46
N VAL C 66 12.20 -7.23 24.12
CA VAL C 66 12.63 -5.96 23.55
C VAL C 66 13.41 -5.18 24.59
N GLY C 67 14.55 -4.62 24.19
CA GLY C 67 15.38 -3.82 25.08
C GLY C 67 14.65 -2.57 25.60
N LYS C 68 14.89 -2.23 26.85
CA LYS C 68 14.21 -1.11 27.50
C LYS C 68 14.47 0.25 26.83
N ASP C 69 15.58 0.32 26.10
CA ASP C 69 16.02 1.52 25.39
C ASP C 69 15.29 1.79 24.07
N ALA C 70 14.74 0.74 23.47
CA ALA C 70 14.16 0.85 22.13
C ALA C 70 12.92 1.73 22.09
N VAL C 71 12.79 2.51 21.02
CA VAL C 71 11.51 3.15 20.71
C VAL C 71 10.39 2.11 20.71
N HIS C 73 10.08 -0.49 22.42
CA HIS C 73 9.72 -0.85 23.78
C HIS C 73 8.62 0.08 24.30
N GLN C 74 8.80 1.38 24.10
CA GLN C 74 7.80 2.39 24.47
C GLN C 74 6.46 2.14 23.80
N ARG C 75 6.49 1.87 22.49
CA ARG C 75 5.26 1.63 21.73
C ARG C 75 4.49 0.40 22.24
N LEU C 76 5.21 -0.70 22.48
CA LEU C 76 4.59 -1.95 22.92
C LEU C 76 4.01 -1.83 24.33
N THR C 77 4.59 -0.95 25.14
CA THR C 77 4.01 -0.67 26.44
C THR C 77 2.77 0.21 26.37
N ALA C 78 2.64 1.01 25.30
CA ALA C 78 1.56 1.98 25.19
C ALA C 78 0.43 1.61 24.23
N LEU C 79 0.68 0.71 23.28
CA LEU C 79 -0.32 0.36 22.28
C LEU C 79 -0.87 -1.05 22.54
N PRO C 80 -2.10 -1.33 22.08
CA PRO C 80 -2.73 -2.62 22.46
C PRO C 80 -2.39 -3.78 21.55
N THR C 81 -1.84 -3.50 20.37
CA THR C 81 -1.58 -4.58 19.42
C THR C 81 -0.26 -4.40 18.72
N PHE C 82 0.23 -5.48 18.15
CA PHE C 82 1.43 -5.44 17.33
C PHE C 82 1.36 -6.55 16.29
N ALA C 83 2.27 -6.51 15.34
CA ALA C 83 2.33 -7.57 14.36
C ALA C 83 3.75 -8.11 14.26
N VAL C 84 3.87 -9.37 13.84
CA VAL C 84 5.16 -9.97 13.60
C VAL C 84 5.16 -10.46 12.16
N SER C 85 6.19 -10.08 11.40
CA SER C 85 6.36 -10.62 10.06
C SER C 85 7.59 -11.51 10.05
N VAL C 86 7.40 -12.80 9.84
CA VAL C 86 8.52 -13.73 9.72
C VAL C 86 9.17 -13.64 8.37
N LEU C 87 10.41 -13.15 8.34
CA LEU C 87 11.03 -12.84 7.05
C LEU C 87 11.45 -14.06 6.24
N GLU C 88 11.24 -13.97 4.94
CA GLU C 88 11.58 -15.02 3.99
C GLU C 88 13.08 -14.94 3.60
N ALA C 89 13.61 -16.05 3.11
CA ALA C 89 15.02 -16.19 2.75
C ALA C 89 15.67 -15.07 1.95
N GLY C 90 14.89 -14.37 1.12
CA GLY C 90 15.45 -13.36 0.24
C GLY C 90 15.28 -11.94 0.77
N GLN C 91 14.88 -11.81 2.03
CA GLN C 91 14.56 -10.49 2.59
C GLN C 91 15.61 -9.88 3.50
N GLU C 92 16.89 -10.12 3.23
CA GLU C 92 17.93 -9.52 4.05
C GLU C 92 17.79 -8.00 4.05
N LYS C 93 17.41 -7.44 2.91
CA LYS C 93 17.34 -5.99 2.81
C LYS C 93 16.31 -5.46 3.80
N ALA C 94 15.16 -6.13 3.88
CA ALA C 94 14.14 -5.75 4.84
C ALA C 94 14.67 -5.90 6.27
N ALA C 95 15.33 -7.01 6.56
CA ALA C 95 15.90 -7.22 7.90
C ALA C 95 16.82 -6.06 8.30
N ARG C 96 17.67 -5.65 7.36
CA ARG C 96 18.66 -4.62 7.66
C ARG C 96 18.02 -3.26 7.81
N HIS C 97 17.03 -3.01 6.98
CA HIS C 97 16.30 -1.75 7.00
C HIS C 97 15.66 -1.49 8.35
N PHE C 98 15.05 -2.51 8.94
CA PHE C 98 14.33 -2.32 10.20
C PHE C 98 15.21 -2.53 11.44
N ALA C 99 16.50 -2.74 11.22
CA ALA C 99 17.41 -2.89 12.33
C ALA C 99 18.06 -1.55 12.63
N ASP C 100 17.99 -0.67 11.65
CA ASP C 100 18.77 0.57 11.65
C ASP C 100 18.62 1.36 12.94
N ASP C 108 10.31 8.64 6.76
CA ASP C 108 9.40 7.54 7.04
C ASP C 108 10.14 6.19 7.01
N GLN C 109 9.97 5.39 8.06
CA GLN C 109 10.66 4.11 8.17
C GLN C 109 10.14 3.16 7.08
N PHE C 110 8.92 3.40 6.63
CA PHE C 110 8.32 2.49 5.66
C PHE C 110 8.45 2.97 4.21
N ASP C 111 9.24 4.02 4.00
CA ASP C 111 9.47 4.53 2.64
C ASP C 111 10.18 3.46 1.81
N THR C 112 9.65 3.18 0.61
CA THR C 112 10.19 2.15 -0.28
C THR C 112 9.92 0.69 0.16
N VAL C 113 9.29 0.52 1.30
CA VAL C 113 8.96 -0.82 1.80
C VAL C 113 7.58 -1.27 1.30
N ASP C 114 7.49 -2.52 0.86
CA ASP C 114 6.20 -3.06 0.45
C ASP C 114 5.54 -3.64 1.68
N TRP C 115 4.41 -3.06 2.07
CA TRP C 115 3.72 -3.52 3.28
C TRP C 115 2.21 -3.48 3.06
N VAL C 116 1.51 -4.20 3.92
CA VAL C 116 0.06 -4.20 3.87
CA VAL C 116 0.06 -4.31 3.88
C VAL C 116 -0.46 -3.98 5.27
N LEU C 117 -1.55 -3.23 5.37
CA LEU C 117 -2.12 -2.91 6.67
C LEU C 117 -2.75 -4.14 7.30
N GLY C 118 -2.38 -4.45 8.54
CA GLY C 118 -2.99 -5.55 9.26
C GLY C 118 -4.38 -5.13 9.76
N GLU C 119 -5.39 -5.86 9.31
CA GLU C 119 -6.77 -5.55 9.67
C GLU C 119 -7.06 -5.73 11.15
N GLU C 120 -6.29 -6.58 11.82
CA GLU C 120 -6.61 -6.91 13.20
C GLU C 120 -5.73 -6.15 14.19
N SER C 121 -4.53 -5.78 13.75
CA SER C 121 -3.56 -5.11 14.61
C SER C 121 -3.39 -3.66 14.25
N GLY C 122 -3.83 -3.30 13.05
CA GLY C 122 -3.65 -1.95 12.55
C GLY C 122 -2.17 -1.68 12.26
N ALA C 123 -1.37 -2.72 12.24
CA ALA C 123 0.08 -2.57 12.03
C ALA C 123 0.48 -2.98 10.62
N PRO C 124 1.56 -2.36 10.11
CA PRO C 124 2.03 -2.77 8.78
C PRO C 124 2.63 -4.18 8.80
N LEU C 125 2.24 -4.97 7.82
CA LEU C 125 2.74 -6.33 7.66
C LEU C 125 3.70 -6.31 6.50
N ILE C 126 4.87 -6.92 6.66
CA ILE C 126 5.87 -6.83 5.59
C ILE C 126 5.54 -7.79 4.46
N ALA C 127 5.36 -7.29 3.24
CA ALA C 127 5.05 -8.17 2.13
C ALA C 127 6.23 -9.10 1.81
N GLY C 128 5.94 -10.29 1.30
CA GLY C 128 6.98 -11.23 0.94
C GLY C 128 7.33 -12.21 2.06
N ALA C 129 6.70 -12.04 3.21
CA ALA C 129 7.07 -12.79 4.41
C ALA C 129 6.61 -14.25 4.35
N VAL C 130 7.24 -15.08 5.17
CA VAL C 130 6.81 -16.47 5.33
C VAL C 130 5.47 -16.52 6.06
N ALA C 131 5.28 -15.62 7.02
CA ALA C 131 4.07 -15.61 7.83
C ALA C 131 3.87 -14.25 8.45
N HIS C 132 2.62 -13.93 8.75
CA HIS C 132 2.26 -12.73 9.49
C HIS C 132 1.46 -13.21 10.68
N LEU C 133 1.77 -12.71 11.87
CA LEU C 133 0.90 -12.89 13.03
C LEU C 133 0.47 -11.51 13.57
N GLU C 134 -0.82 -11.34 13.81
CA GLU C 134 -1.30 -10.10 14.43
C GLU C 134 -1.75 -10.42 15.83
N CYS C 135 -1.24 -9.66 16.79
CA CYS C 135 -1.30 -10.01 18.20
C CYS C 135 -1.84 -8.89 19.08
N ALA C 136 -2.56 -9.28 20.13
CA ALA C 136 -2.97 -8.34 21.15
C ALA C 136 -1.99 -8.48 22.32
N ILE C 137 -1.51 -7.36 22.83
CA ILE C 137 -0.72 -7.41 24.06
C ILE C 137 -1.51 -8.14 25.14
N HIS C 138 -0.87 -9.10 25.80
CA HIS C 138 -1.47 -9.89 26.86
C HIS C 138 -0.83 -9.61 28.24
N ARG C 139 0.48 -9.75 28.34
CA ARG C 139 1.20 -9.46 29.60
C ARG C 139 2.57 -8.86 29.30
N LEU C 140 3.07 -8.09 30.26
CA LEU C 140 4.45 -7.60 30.24
C LEU C 140 5.17 -8.19 31.44
N TYR C 141 6.29 -8.86 31.18
CA TYR C 141 7.09 -9.42 32.25
C TYR C 141 8.50 -8.84 32.23
N GLU C 142 9.08 -8.67 33.42
CA GLU C 142 10.44 -8.18 33.53
CA GLU C 142 10.44 -8.19 33.55
C GLU C 142 11.43 -9.23 33.03
N GLY C 143 12.38 -8.80 32.21
CA GLY C 143 13.44 -9.68 31.72
C GLY C 143 14.79 -9.00 31.77
N GLY C 144 15.21 -8.56 32.95
CA GLY C 144 16.51 -7.92 33.11
C GLY C 144 16.57 -6.61 32.33
N ASP C 145 17.48 -6.53 31.37
CA ASP C 145 17.61 -5.32 30.56
C ASP C 145 16.64 -5.30 29.38
N HIS C 146 15.76 -6.31 29.32
CA HIS C 146 14.68 -6.34 28.34
C HIS C 146 13.33 -6.50 29.07
N THR C 147 12.27 -6.28 28.32
CA THR C 147 10.92 -6.63 28.76
C THR C 147 10.44 -7.75 27.87
N ILE C 148 9.74 -8.72 28.45
CA ILE C 148 9.15 -9.82 27.70
C ILE C 148 7.68 -9.47 27.44
N PHE C 149 7.30 -9.31 26.17
CA PHE C 149 5.92 -8.98 25.81
C PHE C 149 5.23 -10.25 25.34
N LEU C 150 4.19 -10.65 26.06
CA LEU C 150 3.38 -11.81 25.69
C LEU C 150 2.19 -11.30 24.89
N GLY C 151 2.01 -11.86 23.70
CA GLY C 151 0.95 -11.42 22.81
C GLY C 151 0.00 -12.57 22.57
N GLU C 152 -1.30 -12.29 22.46
CA GLU C 152 -2.25 -13.32 22.11
C GLU C 152 -2.53 -13.18 20.62
N VAL C 153 -2.40 -14.29 19.88
CA VAL C 153 -2.57 -14.24 18.44
C VAL C 153 -4.03 -14.01 18.06
N ILE C 154 -4.30 -12.94 17.32
CA ILE C 154 -5.66 -12.66 16.87
C ILE C 154 -5.91 -13.36 15.54
N THR C 155 -4.94 -13.26 14.64
CA THR C 155 -5.06 -13.91 13.36
C THR C 155 -3.64 -14.10 12.82
N ALA C 156 -3.50 -14.97 11.83
CA ALA C 156 -2.24 -15.17 11.16
C ALA C 156 -2.47 -15.66 9.75
N THR C 157 -1.46 -15.48 8.91
CA THR C 157 -1.47 -15.94 7.54
C THR C 157 -0.10 -16.53 7.27
N ARG C 158 -0.05 -17.60 6.51
CA ARG C 158 1.23 -18.19 6.17
C ARG C 158 1.27 -18.49 4.67
N TRP C 159 2.49 -18.55 4.14
CA TRP C 159 2.72 -18.82 2.73
C TRP C 159 3.59 -20.04 2.69
N PRO C 160 2.99 -21.25 2.64
CA PRO C 160 3.73 -22.50 2.84
C PRO C 160 4.89 -22.67 1.87
N ALA C 161 4.83 -22.06 0.70
CA ALA C 161 5.91 -22.25 -0.27
C ALA C 161 7.15 -21.44 0.07
N ARG C 162 7.04 -20.51 1.02
CA ARG C 162 8.19 -19.68 1.41
C ARG C 162 8.93 -20.28 2.62
N GLU C 163 10.26 -20.11 2.63
CA GLU C 163 11.10 -20.56 3.75
C GLU C 163 11.76 -19.39 4.45
N GLY C 164 11.89 -19.47 5.76
CA GLY C 164 12.45 -18.38 6.55
C GLY C 164 13.93 -18.11 6.35
N LEU C 166 17.59 -17.03 8.05
CA LEU C 166 18.21 -17.48 9.30
C LEU C 166 19.16 -16.44 9.81
N PHE C 167 19.37 -16.44 11.13
CA PHE C 167 20.40 -15.60 11.73
C PHE C 167 21.13 -16.46 12.75
N SER C 168 22.45 -16.53 12.61
CA SER C 168 23.26 -17.39 13.47
C SER C 168 24.67 -16.85 13.57
N GLY C 169 25.20 -16.80 14.80
CA GLY C 169 26.53 -16.30 15.01
C GLY C 169 26.76 -14.92 14.42
N GLY C 170 25.74 -14.05 14.49
CA GLY C 170 25.87 -12.68 14.05
C GLY C 170 25.71 -12.42 12.56
N ARG C 171 25.40 -13.47 11.80
CA ARG C 171 25.32 -13.35 10.35
C ARG C 171 24.02 -13.92 9.81
N PHE C 172 23.54 -13.36 8.70
CA PHE C 172 22.45 -13.97 7.98
C PHE C 172 22.91 -15.25 7.34
N ARG C 173 22.06 -16.28 7.42
CA ARG C 173 22.40 -17.55 6.81
C ARG C 173 21.19 -18.06 6.06
N ARG C 174 21.38 -19.14 5.31
CA ARG C 174 20.27 -19.73 4.55
C ARG C 174 20.22 -21.23 4.74
N PHE C 175 19.05 -21.80 4.56
CA PHE C 175 18.92 -23.27 4.59
C PHE C 175 19.58 -23.88 3.38
N ALA C 176 20.11 -25.08 3.55
CA ALA C 176 20.33 -25.96 2.42
C ALA C 176 18.97 -26.60 2.12
N PRO C 177 18.73 -26.96 0.84
CA PRO C 177 17.50 -27.67 0.45
C PRO C 177 17.26 -28.91 1.32
N ASP C 178 16.01 -29.17 1.69
CA ASP C 178 15.68 -30.24 2.62
C ASP C 178 16.08 -31.62 2.07
N ALA C 179 17.07 -32.24 2.70
CA ALA C 179 17.51 -33.58 2.28
C ALA C 179 16.61 -34.65 2.86
N ASP C 180 16.42 -35.74 2.13
CA ASP C 180 15.59 -36.85 2.59
C ASP C 180 16.41 -37.84 3.43
N GLU C 181 17.04 -37.32 4.48
CA GLU C 181 17.75 -38.16 5.47
C GLU C 181 18.60 -39.27 4.83
N ASN D 2 11.15 -8.21 -13.73
CA ASN D 2 11.42 -7.55 -15.01
C ASN D 2 10.15 -7.31 -15.80
N ALA D 3 9.27 -8.31 -15.84
CA ALA D 3 7.97 -8.15 -16.49
C ALA D 3 7.22 -6.96 -15.90
N SER D 5 3.93 -6.92 -15.22
CA SER D 5 3.07 -7.49 -14.20
C SER D 5 3.90 -8.10 -13.08
N PRO D 6 3.63 -7.70 -11.83
CA PRO D 6 4.33 -8.24 -10.65
C PRO D 6 4.13 -9.74 -10.51
N ILE D 7 5.11 -10.41 -9.90
CA ILE D 7 5.01 -11.84 -9.65
C ILE D 7 3.86 -12.15 -8.70
N ILE D 8 2.91 -12.99 -9.16
CA ILE D 8 1.83 -13.45 -8.31
C ILE D 8 2.44 -14.23 -7.16
N ALA D 9 2.10 -13.85 -5.94
CA ALA D 9 2.66 -14.54 -4.78
C ALA D 9 2.12 -15.97 -4.71
N PRO D 10 2.87 -16.87 -4.06
CA PRO D 10 2.32 -18.21 -3.89
C PRO D 10 1.10 -18.13 -2.98
N PRO D 11 0.32 -19.21 -2.90
CA PRO D 11 -0.94 -19.18 -2.18
C PRO D 11 -0.72 -18.88 -0.71
N ALA D 12 -1.61 -18.07 -0.15
CA ALA D 12 -1.61 -17.80 1.27
C ALA D 12 -2.61 -18.74 1.93
N GLU D 13 -2.43 -18.98 3.21
CA GLU D 13 -3.29 -19.84 4.00
C GLU D 13 -3.64 -19.06 5.26
N LEU D 14 -4.93 -18.76 5.44
CA LEU D 14 -5.39 -18.10 6.64
CA LEU D 14 -5.36 -18.09 6.64
C LEU D 14 -5.29 -19.07 7.81
N VAL D 15 -4.91 -18.57 8.97
CA VAL D 15 -4.84 -19.41 10.16
C VAL D 15 -5.84 -18.89 11.19
N ASP D 16 -6.76 -19.76 11.61
CA ASP D 16 -7.60 -19.46 12.77
C ASP D 16 -6.89 -19.92 14.05
N PRO D 17 -6.46 -18.97 14.88
CA PRO D 17 -5.63 -19.35 16.03
C PRO D 17 -6.35 -20.25 17.04
N LYS D 18 -7.67 -20.31 16.97
CA LYS D 18 -8.43 -21.24 17.82
C LYS D 18 -8.34 -22.69 17.31
N ASP D 19 -7.77 -22.86 16.12
CA ASP D 19 -7.61 -24.18 15.55
C ASP D 19 -6.18 -24.66 15.80
N ARG D 20 -6.02 -25.54 16.77
CA ARG D 20 -4.68 -25.91 17.24
C ARG D 20 -3.78 -26.47 16.13
N VAL D 21 -4.37 -27.21 15.21
CA VAL D 21 -3.61 -27.80 14.11
C VAL D 21 -3.06 -26.72 13.19
N GLN D 22 -3.91 -25.77 12.81
CA GLN D 22 -3.46 -24.65 11.98
C GLN D 22 -2.44 -23.82 12.74
N LEU D 23 -2.73 -23.52 14.00
CA LEU D 23 -1.80 -22.70 14.79
C LEU D 23 -0.41 -23.33 14.89
N ARG D 24 -0.34 -24.65 15.05
CA ARG D 24 0.96 -25.30 15.12
C ARG D 24 1.72 -25.08 13.83
N ARG D 25 1.02 -25.07 12.70
CA ARG D 25 1.70 -24.92 11.42
C ARG D 25 2.38 -23.56 11.31
N VAL D 26 1.69 -22.50 11.75
CA VAL D 26 2.30 -21.19 11.64
C VAL D 26 3.41 -21.03 12.67
N PHE D 27 3.23 -21.60 13.86
CA PHE D 27 4.32 -21.58 14.83
C PHE D 27 5.56 -22.27 14.24
N GLY D 28 5.35 -23.33 13.46
CA GLY D 28 6.47 -24.05 12.87
C GLY D 28 7.21 -23.30 11.78
N ASP D 29 6.65 -22.18 11.32
CA ASP D 29 7.25 -21.42 10.23
C ASP D 29 8.42 -20.57 10.65
N PHE D 30 8.54 -20.31 11.95
CA PHE D 30 9.67 -19.55 12.45
C PHE D 30 10.80 -20.54 12.78
N PRO D 31 11.91 -20.46 12.03
CA PRO D 31 13.00 -21.43 12.26
C PRO D 31 13.62 -21.23 13.63
N THR D 32 14.04 -22.31 14.25
CA THR D 32 14.70 -22.24 15.56
C THR D 32 15.86 -23.22 15.61
N GLY D 33 16.73 -23.05 16.60
CA GLY D 33 17.70 -24.08 16.90
C GLY D 33 17.00 -25.13 17.77
N VAL D 34 17.79 -26.09 18.24
CA VAL D 34 17.26 -27.16 19.08
C VAL D 34 18.14 -27.29 20.31
N THR D 35 17.53 -27.34 21.49
CA THR D 35 18.27 -27.56 22.73
C THR D 35 17.80 -28.81 23.44
N VAL D 36 18.63 -29.30 24.35
CA VAL D 36 18.17 -30.28 25.32
C VAL D 36 18.38 -29.64 26.69
N VAL D 37 17.27 -29.50 27.43
CA VAL D 37 17.30 -28.94 28.76
C VAL D 37 17.38 -30.11 29.71
N THR D 38 18.21 -30.01 30.73
CA THR D 38 18.38 -31.13 31.65
C THR D 38 18.37 -30.66 33.08
N VAL D 39 18.04 -31.57 33.98
CA VAL D 39 18.21 -31.31 35.40
C VAL D 39 18.92 -32.50 36.01
N GLY D 40 19.52 -32.28 37.17
CA GLY D 40 20.21 -33.33 37.86
C GLY D 40 19.35 -33.82 39.01
N GLY D 41 19.94 -33.87 40.19
CA GLY D 41 19.20 -34.30 41.37
C GLY D 41 18.98 -35.80 41.40
N SER D 42 18.04 -36.21 42.25
CA SER D 42 17.74 -37.62 42.46
C SER D 42 17.64 -38.41 41.14
N GLU D 43 16.83 -37.92 40.23
CA GLU D 43 16.57 -38.62 38.98
C GLU D 43 16.74 -37.70 37.78
N PRO D 44 17.95 -37.66 37.21
CA PRO D 44 18.21 -36.73 36.12
C PRO D 44 17.28 -36.96 34.94
N ARG D 45 16.96 -35.89 34.25
CA ARG D 45 16.01 -35.92 33.14
C ARG D 45 16.41 -34.94 32.06
N GLY D 46 16.07 -35.29 30.82
CA GLY D 46 16.33 -34.37 29.73
C GLY D 46 15.08 -34.20 28.88
N THR D 48 14.01 -32.33 24.97
CA THR D 48 14.33 -31.52 23.79
C THR D 48 13.37 -30.32 23.76
N ALA D 49 13.89 -29.13 23.47
CA ALA D 49 13.09 -27.93 23.47
C ALA D 49 13.59 -27.00 22.38
N ASN D 50 12.67 -26.30 21.73
CA ASN D 50 13.09 -25.28 20.80
C ASN D 50 12.60 -23.90 21.21
N SER D 51 11.96 -23.83 22.37
CA SER D 51 11.46 -22.57 22.93
C SER D 51 12.55 -21.72 23.61
N PHE D 52 13.79 -22.15 23.53
CA PHE D 52 14.91 -21.44 24.16
C PHE D 52 15.12 -20.06 23.52
N THR D 53 15.31 -19.03 24.35
CA THR D 53 15.60 -17.68 23.84
C THR D 53 16.49 -16.91 24.80
N SER D 54 17.45 -16.18 24.27
CA SER D 54 18.25 -15.31 25.12
C SER D 54 17.41 -14.04 25.41
N VAL D 55 17.50 -13.55 26.64
CA VAL D 55 16.61 -12.48 27.08
C VAL D 55 17.38 -11.18 27.43
N SER D 56 18.47 -11.32 28.16
CA SER D 56 19.14 -10.16 28.78
C SER D 56 20.64 -10.40 28.90
N LEU D 57 21.45 -9.35 28.71
CA LEU D 57 22.88 -9.45 28.91
C LEU D 57 23.28 -9.13 30.37
N SER D 58 22.63 -8.15 30.97
CA SER D 58 22.88 -7.86 32.39
C SER D 58 21.58 -7.60 33.11
N PRO D 59 21.18 -8.51 34.00
CA PRO D 59 21.82 -9.79 34.34
C PRO D 59 21.71 -10.73 33.13
N PRO D 60 22.57 -11.76 33.07
CA PRO D 60 22.54 -12.65 31.90
C PRO D 60 21.37 -13.63 32.02
N LEU D 61 20.35 -13.48 31.18
CA LEU D 61 19.12 -14.24 31.34
C LEU D 61 18.71 -14.93 30.05
N VAL D 62 18.14 -16.12 30.17
CA VAL D 62 17.60 -16.87 29.04
C VAL D 62 16.24 -17.37 29.51
N LEU D 63 15.41 -17.81 28.58
CA LEU D 63 14.13 -18.38 29.00
C LEU D 63 13.85 -19.65 28.20
N ILE D 64 13.02 -20.51 28.77
CA ILE D 64 12.49 -21.66 28.06
C ILE D 64 11.02 -21.77 28.43
N CYS D 65 10.20 -22.30 27.51
CA CYS D 65 8.78 -22.48 27.81
C CYS D 65 8.54 -23.98 27.93
N VAL D 66 7.84 -24.37 28.99
CA VAL D 66 7.61 -25.79 29.24
C VAL D 66 6.15 -26.01 29.56
N GLY D 67 5.57 -27.07 28.99
CA GLY D 67 4.18 -27.41 29.20
C GLY D 67 3.87 -27.70 30.64
N LYS D 68 2.72 -27.24 31.10
CA LYS D 68 2.35 -27.36 32.50
C LYS D 68 2.19 -28.79 32.99
N ASP D 69 1.89 -29.71 32.08
CA ASP D 69 1.74 -31.12 32.46
C ASP D 69 3.03 -31.93 32.34
N ALA D 70 4.07 -31.31 31.79
CA ALA D 70 5.33 -32.02 31.56
C ALA D 70 6.02 -32.38 32.88
N VAL D 71 6.66 -33.54 32.94
CA VAL D 71 7.45 -33.88 34.12
C VAL D 71 8.52 -32.83 34.36
N HIS D 73 8.42 -29.84 33.97
CA HIS D 73 7.83 -28.68 34.62
C HIS D 73 7.90 -28.87 36.13
N GLN D 74 7.59 -30.07 36.60
CA GLN D 74 7.64 -30.36 38.01
C GLN D 74 9.08 -30.19 38.53
N ARG D 75 10.04 -30.72 37.78
CA ARG D 75 11.44 -30.68 38.21
C ARG D 75 11.98 -29.26 38.26
N LEU D 76 11.69 -28.47 37.23
CA LEU D 76 12.19 -27.11 37.13
C LEU D 76 11.56 -26.22 38.18
N THR D 77 10.35 -26.57 38.59
CA THR D 77 9.66 -25.83 39.64
C THR D 77 10.33 -26.14 40.97
N ALA D 78 10.77 -27.39 41.14
CA ALA D 78 11.34 -27.84 42.40
C ALA D 78 12.83 -27.53 42.55
N LEU D 79 13.60 -27.75 41.49
CA LEU D 79 15.05 -27.61 41.56
C LEU D 79 15.52 -26.20 41.19
N PRO D 80 16.61 -25.76 41.83
CA PRO D 80 17.15 -24.41 41.65
C PRO D 80 17.99 -24.26 40.39
N THR D 81 18.53 -25.34 39.83
CA THR D 81 19.42 -25.18 38.67
C THR D 81 19.05 -26.13 37.56
N PHE D 82 19.41 -25.75 36.34
CA PHE D 82 19.23 -26.60 35.17
C PHE D 82 20.33 -26.30 34.17
N ALA D 83 20.40 -27.10 33.12
CA ALA D 83 21.42 -26.88 32.12
C ALA D 83 20.78 -26.92 30.75
N VAL D 84 21.39 -26.24 29.79
CA VAL D 84 20.91 -26.26 28.41
C VAL D 84 22.06 -26.65 27.49
N SER D 85 21.83 -27.61 26.61
CA SER D 85 22.81 -27.96 25.58
C SER D 85 22.21 -27.56 24.24
N VAL D 86 22.88 -26.69 23.52
CA VAL D 86 22.43 -26.28 22.18
C VAL D 86 22.98 -27.29 21.23
N LEU D 87 22.10 -28.05 20.58
CA LEU D 87 22.56 -29.16 19.75
C LEU D 87 23.20 -28.74 18.44
N GLU D 88 24.20 -29.54 18.04
CA GLU D 88 24.95 -29.29 16.82
C GLU D 88 24.23 -29.99 15.66
N ALA D 89 24.58 -29.59 14.44
CA ALA D 89 23.88 -30.02 13.22
C ALA D 89 23.72 -31.53 13.05
N GLY D 90 24.65 -32.31 13.58
CA GLY D 90 24.66 -33.74 13.37
C GLY D 90 24.06 -34.55 14.50
N GLN D 91 23.39 -33.88 15.44
CA GLN D 91 22.92 -34.53 16.65
C GLN D 91 21.41 -34.89 16.63
N GLU D 92 20.87 -35.26 15.47
CA GLU D 92 19.45 -35.58 15.40
C GLU D 92 19.08 -36.72 16.33
N LYS D 93 20.01 -37.65 16.57
CA LYS D 93 19.68 -38.79 17.41
C LYS D 93 19.39 -38.36 18.84
N ALA D 94 20.21 -37.45 19.37
CA ALA D 94 20.03 -36.93 20.71
C ALA D 94 18.73 -36.13 20.79
N ALA D 95 18.46 -35.33 19.75
CA ALA D 95 17.24 -34.53 19.72
C ALA D 95 16.01 -35.43 19.81
N ARG D 96 15.94 -36.43 18.93
CA ARG D 96 14.82 -37.37 18.95
C ARG D 96 14.75 -38.17 20.26
N HIS D 97 15.90 -38.56 20.77
CA HIS D 97 15.95 -39.34 22.01
C HIS D 97 15.28 -38.59 23.17
N PHE D 98 15.60 -37.32 23.33
CA PHE D 98 15.06 -36.52 24.43
C PHE D 98 13.70 -35.87 24.13
N ALA D 99 13.16 -36.11 22.93
CA ALA D 99 11.84 -35.63 22.60
C ALA D 99 10.79 -36.72 22.84
N ASP D 100 11.26 -37.94 23.09
CA ASP D 100 10.40 -39.12 23.13
C ASP D 100 9.66 -39.28 24.44
N HIS D 101 8.38 -39.66 24.35
CA HIS D 101 7.52 -39.82 25.51
C HIS D 101 7.11 -41.27 25.71
N SER D 102 7.14 -42.04 24.64
CA SER D 102 6.78 -43.46 24.70
C SER D 102 7.94 -44.32 25.21
N HIS D 103 8.54 -43.88 26.32
CA HIS D 103 9.61 -44.65 26.96
C HIS D 103 9.35 -44.80 28.45
N PRO D 104 9.58 -46.00 28.99
CA PRO D 104 9.31 -46.29 30.41
C PRO D 104 10.32 -45.59 31.30
N PRO D 105 9.88 -45.09 32.46
CA PRO D 105 10.73 -44.33 33.37
C PRO D 105 11.88 -45.18 33.88
N GLY D 106 11.73 -46.50 33.76
CA GLY D 106 12.71 -47.44 34.26
C GLY D 106 13.96 -47.51 33.39
N VAL D 107 13.81 -47.27 32.10
CA VAL D 107 14.95 -47.27 31.20
C VAL D 107 15.80 -46.02 31.41
N ASP D 108 17.10 -46.24 31.55
CA ASP D 108 18.05 -45.16 31.78
C ASP D 108 18.21 -44.34 30.50
N GLN D 109 17.86 -43.05 30.56
CA GLN D 109 17.85 -42.24 29.34
C GLN D 109 19.21 -41.64 29.01
N PHE D 110 20.21 -41.92 29.85
CA PHE D 110 21.52 -41.32 29.65
C PHE D 110 22.65 -42.31 29.32
N ASP D 111 22.34 -43.61 29.33
CA ASP D 111 23.42 -44.60 29.14
C ASP D 111 23.76 -44.88 27.67
N THR D 112 23.03 -44.24 26.76
CA THR D 112 23.31 -44.38 25.33
C THR D 112 23.49 -43.01 24.66
N VAL D 113 23.73 -41.99 25.47
CA VAL D 113 24.08 -40.68 24.94
C VAL D 113 25.35 -40.20 25.59
N ASP D 114 26.27 -39.67 24.80
CA ASP D 114 27.48 -39.11 25.35
C ASP D 114 27.11 -37.87 26.17
N TRP D 115 27.37 -37.89 27.47
CA TRP D 115 27.10 -36.70 28.28
C TRP D 115 28.24 -36.43 29.23
N VAL D 116 28.31 -35.21 29.74
CA VAL D 116 29.30 -34.86 30.75
C VAL D 116 28.59 -34.15 31.91
N LEU D 117 29.07 -34.34 33.13
CA LEU D 117 28.40 -33.72 34.26
C LEU D 117 28.59 -32.21 34.24
N GLY D 118 27.49 -31.46 34.36
CA GLY D 118 27.54 -30.03 34.55
C GLY D 118 27.97 -29.79 35.99
N GLU D 119 29.17 -29.26 36.17
CA GLU D 119 29.71 -29.15 37.53
C GLU D 119 29.06 -28.07 38.38
N GLU D 120 28.58 -26.99 37.74
CA GLU D 120 27.87 -25.96 38.49
C GLU D 120 26.45 -26.41 38.81
N SER D 121 25.77 -26.94 37.80
CA SER D 121 24.35 -27.24 37.90
C SER D 121 24.07 -28.61 38.50
N GLY D 122 25.05 -29.53 38.42
CA GLY D 122 24.81 -30.91 38.79
C GLY D 122 23.99 -31.67 37.73
N ALA D 123 23.75 -31.06 36.59
CA ALA D 123 22.95 -31.69 35.52
C ALA D 123 23.78 -32.17 34.33
N PRO D 124 23.30 -33.21 33.61
CA PRO D 124 24.07 -33.71 32.46
C PRO D 124 24.08 -32.71 31.30
N LEU D 125 25.21 -32.56 30.63
CA LEU D 125 25.31 -31.74 29.43
C LEU D 125 25.59 -32.67 28.27
N ILE D 126 25.00 -32.39 27.12
CA ILE D 126 25.16 -33.32 25.99
C ILE D 126 26.48 -33.08 25.23
N ALA D 127 27.34 -34.09 25.15
CA ALA D 127 28.63 -33.94 24.46
C ALA D 127 28.40 -33.68 22.97
N GLY D 128 29.25 -32.88 22.35
CA GLY D 128 29.15 -32.63 20.92
C GLY D 128 28.34 -31.39 20.61
N ALA D 129 27.80 -30.77 21.66
CA ALA D 129 26.91 -29.63 21.52
C ALA D 129 27.66 -28.40 21.05
N VAL D 130 26.92 -27.44 20.49
CA VAL D 130 27.51 -26.19 20.08
C VAL D 130 27.86 -25.37 21.30
N ALA D 131 27.06 -25.50 22.35
CA ALA D 131 27.26 -24.71 23.57
C ALA D 131 26.57 -25.36 24.77
N HIS D 132 27.11 -25.11 25.97
CA HIS D 132 26.55 -25.59 27.21
C HIS D 132 26.29 -24.35 28.04
N LEU D 133 25.12 -24.26 28.64
CA LEU D 133 24.84 -23.16 29.56
C LEU D 133 24.32 -23.78 30.84
N GLU D 134 24.86 -23.37 31.96
CA GLU D 134 24.31 -23.83 33.23
C GLU D 134 23.67 -22.65 33.94
N CYS D 135 22.44 -22.84 34.39
CA CYS D 135 21.59 -21.70 34.78
C CYS D 135 20.90 -21.93 36.11
N ALA D 136 20.45 -20.84 36.72
CA ALA D 136 19.71 -20.90 37.95
C ALA D 136 18.35 -20.34 37.64
N ILE D 137 17.30 -21.00 38.13
CA ILE D 137 15.95 -20.47 37.94
C ILE D 137 15.86 -19.09 38.56
N HIS D 138 15.35 -18.13 37.80
CA HIS D 138 15.25 -16.75 38.26
C HIS D 138 13.78 -16.37 38.54
N ARG D 139 12.90 -16.64 37.58
CA ARG D 139 11.47 -16.38 37.74
C ARG D 139 10.65 -17.40 36.95
N LEU D 140 9.41 -17.63 37.39
CA LEU D 140 8.41 -18.38 36.65
C LEU D 140 7.26 -17.45 36.26
N TYR D 141 6.92 -17.41 34.98
CA TYR D 141 5.87 -16.53 34.49
C TYR D 141 4.77 -17.35 33.82
N GLU D 142 3.52 -16.94 34.01
CA GLU D 142 2.42 -17.68 33.38
C GLU D 142 2.43 -17.51 31.87
N GLY D 143 2.31 -18.63 31.14
CA GLY D 143 2.36 -18.60 29.70
C GLY D 143 1.26 -19.44 29.06
N GLY D 144 0.02 -19.23 29.49
CA GLY D 144 -1.10 -20.00 28.98
C GLY D 144 -0.98 -21.45 29.41
N ASP D 145 -0.96 -22.37 28.46
CA ASP D 145 -0.74 -23.80 28.77
C ASP D 145 0.72 -24.16 29.04
N HIS D 146 1.58 -23.15 29.00
CA HIS D 146 2.99 -23.31 29.34
C HIS D 146 3.37 -22.39 30.49
N THR D 147 4.48 -22.72 31.16
CA THR D 147 5.15 -21.78 32.05
C THR D 147 6.42 -21.29 31.35
N ILE D 148 6.72 -20.02 31.53
CA ILE D 148 7.97 -19.45 31.05
C ILE D 148 8.96 -19.44 32.20
N PHE D 149 10.04 -20.22 32.07
CA PHE D 149 11.07 -20.24 33.10
C PHE D 149 12.20 -19.31 32.68
N LEU D 150 12.47 -18.30 33.52
CA LEU D 150 13.59 -17.40 33.30
CA LEU D 150 13.58 -17.39 33.30
C LEU D 150 14.75 -17.88 34.14
N GLY D 151 15.90 -18.06 33.52
CA GLY D 151 17.09 -18.54 34.20
C GLY D 151 18.26 -17.58 34.04
N GLU D 152 19.04 -17.42 35.09
CA GLU D 152 20.26 -16.63 35.00
C GLU D 152 21.39 -17.55 34.56
N VAL D 153 22.20 -17.13 33.60
CA VAL D 153 23.34 -17.94 33.17
C VAL D 153 24.47 -17.83 34.19
N ILE D 154 24.89 -18.98 34.72
CA ILE D 154 25.95 -18.99 35.74
C ILE D 154 27.29 -19.31 35.09
N THR D 155 27.31 -20.26 34.17
CA THR D 155 28.53 -20.51 33.41
C THR D 155 28.16 -21.04 32.05
N ALA D 156 29.10 -20.98 31.11
CA ALA D 156 28.78 -21.42 29.77
C ALA D 156 30.07 -21.71 29.03
N THR D 157 29.97 -22.56 28.02
CA THR D 157 31.10 -22.91 27.19
C THR D 157 30.58 -23.02 25.78
N ARG D 158 31.39 -22.61 24.80
CA ARG D 158 30.96 -22.73 23.42
C ARG D 158 32.06 -23.37 22.57
N TRP D 159 31.66 -23.94 21.44
CA TRP D 159 32.60 -24.60 20.54
C TRP D 159 32.49 -23.85 19.23
N PRO D 160 33.38 -22.88 19.00
CA PRO D 160 33.32 -21.93 17.88
C PRO D 160 33.05 -22.56 16.53
N ALA D 161 33.56 -23.77 16.28
CA ALA D 161 33.46 -24.33 14.93
C ALA D 161 32.19 -25.14 14.68
N ARG D 162 31.40 -25.39 15.73
CA ARG D 162 30.20 -26.21 15.57
C ARG D 162 28.98 -25.34 15.18
N GLU D 163 28.20 -25.85 14.24
CA GLU D 163 27.00 -25.16 13.78
CA GLU D 163 26.99 -25.16 13.77
C GLU D 163 25.75 -25.79 14.40
N GLY D 164 24.82 -24.95 14.81
CA GLY D 164 23.60 -25.43 15.42
C GLY D 164 22.72 -26.26 14.50
N LEU D 166 19.06 -27.09 13.08
CA LEU D 166 17.91 -26.24 12.77
C LEU D 166 16.64 -27.07 12.76
N PHE D 167 15.55 -26.44 13.17
CA PHE D 167 14.22 -27.07 13.19
C PHE D 167 13.23 -26.09 12.59
N SER D 168 12.61 -26.51 11.49
CA SER D 168 11.72 -25.61 10.79
C SER D 168 10.68 -26.43 10.03
N GLY D 169 9.41 -26.03 10.10
CA GLY D 169 8.37 -26.77 9.41
C GLY D 169 8.28 -28.20 9.90
N GLY D 170 8.67 -28.44 11.14
CA GLY D 170 8.60 -29.78 11.70
C GLY D 170 9.70 -30.73 11.21
N ARG D 171 10.79 -30.17 10.70
CA ARG D 171 11.86 -30.98 10.13
C ARG D 171 13.21 -30.46 10.59
N PHE D 172 14.17 -31.36 10.76
CA PHE D 172 15.54 -30.94 11.00
C PHE D 172 16.08 -30.39 9.68
N ARG D 173 16.81 -29.28 9.74
CA ARG D 173 17.35 -28.69 8.53
C ARG D 173 18.81 -28.37 8.71
N ARG D 174 19.50 -28.13 7.61
CA ARG D 174 20.90 -27.73 7.69
C ARG D 174 21.14 -26.37 7.03
N PHE D 175 22.21 -25.70 7.43
CA PHE D 175 22.67 -24.47 6.78
C PHE D 175 23.32 -24.77 5.45
N ALA D 176 23.10 -23.88 4.50
CA ALA D 176 23.93 -23.83 3.31
C ALA D 176 25.28 -23.24 3.69
N PRO D 177 26.34 -23.53 2.91
CA PRO D 177 27.67 -22.97 3.16
C PRO D 177 27.71 -21.45 3.15
N ASP D 178 28.44 -20.87 4.10
CA ASP D 178 28.50 -19.42 4.27
C ASP D 178 29.15 -18.73 3.08
N PRO E 6 -27.22 -17.39 -2.92
CA PRO E 6 -26.28 -18.18 -2.11
C PRO E 6 -26.29 -19.66 -2.51
N ILE E 7 -27.42 -20.34 -2.33
CA ILE E 7 -27.52 -21.74 -2.71
C ILE E 7 -27.75 -21.87 -4.23
N ILE E 8 -28.46 -20.91 -4.82
CA ILE E 8 -28.73 -20.92 -6.26
C ILE E 8 -28.61 -19.54 -6.90
N ALA E 9 -27.68 -19.43 -7.86
CA ALA E 9 -27.43 -18.18 -8.57
C ALA E 9 -28.38 -17.96 -9.75
N PRO E 10 -28.61 -16.68 -10.12
CA PRO E 10 -29.46 -16.31 -11.24
C PRO E 10 -28.91 -16.89 -12.54
N PRO E 11 -29.76 -17.00 -13.57
CA PRO E 11 -29.27 -17.60 -14.82
C PRO E 11 -28.25 -16.75 -15.54
N ALA E 12 -27.34 -17.41 -16.25
CA ALA E 12 -26.42 -16.72 -17.13
C ALA E 12 -27.19 -15.97 -18.21
N GLU E 13 -26.61 -14.89 -18.73
CA GLU E 13 -27.25 -14.10 -19.77
C GLU E 13 -26.40 -14.09 -21.04
N LEU E 14 -27.00 -14.45 -22.16
CA LEU E 14 -26.35 -14.29 -23.45
C LEU E 14 -26.43 -12.81 -23.83
N VAL E 15 -25.30 -12.23 -24.19
CA VAL E 15 -25.24 -10.82 -24.54
C VAL E 15 -25.06 -10.65 -26.03
N ASP E 16 -25.97 -9.93 -26.66
CA ASP E 16 -25.82 -9.53 -28.04
C ASP E 16 -25.07 -8.22 -28.01
N PRO E 17 -23.87 -8.17 -28.59
CA PRO E 17 -23.09 -6.93 -28.51
C PRO E 17 -23.75 -5.77 -29.24
N LYS E 18 -24.69 -6.05 -30.13
CA LYS E 18 -25.45 -5.00 -30.79
C LYS E 18 -26.39 -4.30 -29.81
N ASP E 19 -26.66 -4.96 -28.68
CA ASP E 19 -27.55 -4.39 -27.68
C ASP E 19 -26.72 -3.55 -26.70
N ARG E 20 -26.75 -2.24 -26.88
CA ARG E 20 -25.89 -1.35 -26.11
C ARG E 20 -26.10 -1.50 -24.60
N VAL E 21 -27.35 -1.68 -24.20
CA VAL E 21 -27.68 -1.83 -22.79
C VAL E 21 -27.03 -3.07 -22.22
N GLN E 22 -27.15 -4.19 -22.95
CA GLN E 22 -26.57 -5.47 -22.51
C GLN E 22 -25.06 -5.38 -22.49
N LEU E 23 -24.50 -4.76 -23.53
CA LEU E 23 -23.05 -4.65 -23.64
C LEU E 23 -22.50 -3.85 -22.47
N ARG E 24 -23.18 -2.78 -22.10
CA ARG E 24 -22.71 -1.98 -20.98
C ARG E 24 -22.64 -2.83 -19.71
N ARG E 25 -23.60 -3.75 -19.55
CA ARG E 25 -23.63 -4.58 -18.35
C ARG E 25 -22.42 -5.51 -18.28
N VAL E 26 -22.06 -6.12 -19.40
CA VAL E 26 -20.92 -7.03 -19.41
C VAL E 26 -19.63 -6.22 -19.23
N PHE E 27 -19.54 -5.07 -19.88
CA PHE E 27 -18.38 -4.23 -19.65
C PHE E 27 -18.26 -3.84 -18.18
N GLY E 28 -19.39 -3.60 -17.53
CA GLY E 28 -19.39 -3.22 -16.13
C GLY E 28 -18.98 -4.33 -15.17
N ASP E 29 -18.89 -5.55 -15.67
CA ASP E 29 -18.56 -6.72 -14.83
C ASP E 29 -17.08 -6.79 -14.50
N PHE E 30 -16.27 -6.02 -15.23
CA PHE E 30 -14.83 -5.99 -14.94
C PHE E 30 -14.60 -4.88 -13.92
N PRO E 31 -14.21 -5.24 -12.70
CA PRO E 31 -14.06 -4.18 -11.68
C PRO E 31 -12.83 -3.32 -11.92
N THR E 32 -12.87 -2.07 -11.46
CA THR E 32 -11.75 -1.15 -11.68
C THR E 32 -11.65 -0.20 -10.51
N GLY E 33 -10.56 0.55 -10.48
CA GLY E 33 -10.48 1.70 -9.59
C GLY E 33 -11.20 2.85 -10.25
N VAL E 34 -11.04 4.03 -9.69
CA VAL E 34 -11.71 5.21 -10.22
C VAL E 34 -10.68 6.33 -10.24
N THR E 35 -10.60 7.06 -11.35
CA THR E 35 -9.71 8.21 -11.42
C THR E 35 -10.46 9.46 -11.84
N VAL E 36 -9.82 10.62 -11.63
CA VAL E 36 -10.24 11.85 -12.28
C VAL E 36 -9.10 12.26 -13.21
N VAL E 37 -9.42 12.35 -14.49
CA VAL E 37 -8.48 12.83 -15.49
C VAL E 37 -8.66 14.33 -15.59
N THR E 38 -7.55 15.06 -15.60
CA THR E 38 -7.66 16.52 -15.68
C THR E 38 -6.74 17.09 -16.73
N VAL E 39 -7.11 18.28 -17.23
CA VAL E 39 -6.25 19.07 -18.09
C VAL E 39 -6.22 20.50 -17.60
N GLY E 40 -5.16 21.20 -17.96
CA GLY E 40 -5.03 22.60 -17.58
C GLY E 40 -5.55 23.54 -18.65
N GLY E 41 -4.75 24.56 -18.97
CA GLY E 41 -5.19 25.62 -19.85
C GLY E 41 -5.81 26.71 -19.00
N SER E 42 -6.34 27.73 -19.65
CA SER E 42 -6.95 28.84 -18.93
C SER E 42 -8.19 28.39 -18.16
N GLU E 43 -8.86 27.36 -18.68
CA GLU E 43 -10.06 26.81 -18.04
C GLU E 43 -9.92 25.30 -17.85
N PRO E 44 -9.35 24.90 -16.72
CA PRO E 44 -9.13 23.46 -16.54
C PRO E 44 -10.43 22.67 -16.45
N ARG E 45 -10.32 21.39 -16.80
CA ARG E 45 -11.47 20.49 -16.84
C ARG E 45 -11.06 19.19 -16.14
N GLY E 46 -12.04 18.53 -15.54
CA GLY E 46 -11.81 17.21 -14.97
C GLY E 46 -12.91 16.26 -15.40
N THR E 48 -14.32 12.13 -14.40
CA THR E 48 -14.18 10.83 -13.74
C THR E 48 -14.03 9.75 -14.80
N ALA E 49 -13.06 8.87 -14.64
CA ALA E 49 -12.77 7.89 -15.67
C ALA E 49 -12.35 6.56 -15.06
N ASN E 50 -12.79 5.46 -15.63
CA ASN E 50 -12.30 4.18 -15.13
C ASN E 50 -11.56 3.35 -16.20
N SER E 51 -11.38 3.95 -17.38
CA SER E 51 -10.67 3.31 -18.50
C SER E 51 -9.14 3.37 -18.37
N PHE E 52 -8.66 3.90 -17.26
CA PHE E 52 -7.23 4.03 -17.03
C PHE E 52 -6.52 2.68 -17.05
N THR E 53 -5.41 2.56 -17.78
CA THR E 53 -4.64 1.31 -17.83
CA THR E 53 -4.60 1.33 -17.70
C THR E 53 -3.14 1.60 -17.93
N SER E 54 -2.30 0.87 -17.20
CA SER E 54 -0.87 1.05 -17.40
C SER E 54 -0.48 0.21 -18.61
N VAL E 55 0.46 0.72 -19.40
CA VAL E 55 0.75 0.12 -20.69
C VAL E 55 2.19 -0.40 -20.82
N SER E 56 3.13 0.40 -20.35
CA SER E 56 4.54 0.15 -20.63
C SER E 56 5.42 0.66 -19.48
N LEU E 57 6.51 -0.06 -19.19
CA LEU E 57 7.46 0.42 -18.20
C LEU E 57 8.53 1.29 -18.84
N SER E 58 8.98 0.90 -20.03
CA SER E 58 10.01 1.65 -20.73
C SER E 58 9.67 1.80 -22.22
N PRO E 59 9.26 3.02 -22.65
CA PRO E 59 9.10 4.22 -21.82
C PRO E 59 7.89 4.06 -20.91
N PRO E 60 7.78 4.85 -19.84
CA PRO E 60 6.64 4.67 -18.93
C PRO E 60 5.36 5.21 -19.57
N LEU E 61 4.43 4.33 -19.93
CA LEU E 61 3.19 4.71 -20.62
C LEU E 61 1.92 4.24 -19.91
N VAL E 62 0.88 5.08 -19.98
CA VAL E 62 -0.43 4.71 -19.49
C VAL E 62 -1.39 5.06 -20.61
N LEU E 63 -2.63 4.58 -20.53
CA LEU E 63 -3.62 5.03 -21.51
C LEU E 63 -4.93 5.31 -20.80
N ILE E 64 -5.77 6.11 -21.46
CA ILE E 64 -7.15 6.30 -21.03
C ILE E 64 -7.99 6.33 -22.30
N CYS E 65 -9.27 5.99 -22.20
CA CYS E 65 -10.11 6.00 -23.41
C CYS E 65 -11.18 7.04 -23.15
N VAL E 66 -11.43 7.89 -24.12
CA VAL E 66 -12.37 8.99 -23.89
C VAL E 66 -13.31 9.09 -25.07
N GLY E 67 -14.62 9.23 -24.79
CA GLY E 67 -15.61 9.27 -25.84
C GLY E 67 -15.46 10.47 -26.76
N LYS E 68 -15.68 10.25 -28.04
CA LYS E 68 -15.39 11.29 -29.02
C LYS E 68 -16.25 12.55 -28.85
N ASP E 69 -17.41 12.39 -28.22
CA ASP E 69 -18.32 13.52 -28.00
C ASP E 69 -17.99 14.33 -26.75
N ALA E 70 -17.16 13.78 -25.87
CA ALA E 70 -16.86 14.47 -24.60
C ALA E 70 -16.04 15.74 -24.79
N VAL E 71 -16.33 16.75 -23.99
CA VAL E 71 -15.49 17.95 -23.97
C VAL E 71 -14.04 17.59 -23.66
N HIS E 73 -12.48 15.02 -24.53
CA HIS E 73 -11.85 14.53 -25.75
C HIS E 73 -11.24 15.68 -26.57
N GLN E 74 -11.97 16.78 -26.68
CA GLN E 74 -11.45 17.93 -27.44
C GLN E 74 -10.23 18.53 -26.76
N ARG E 75 -10.28 18.68 -25.44
CA ARG E 75 -9.12 19.17 -24.69
C ARG E 75 -7.88 18.29 -24.89
N LEU E 76 -8.08 16.98 -24.80
CA LEU E 76 -6.95 16.05 -24.86
C LEU E 76 -6.34 16.03 -26.24
N THR E 77 -7.14 16.37 -27.26
CA THR E 77 -6.59 16.50 -28.61
C THR E 77 -5.85 17.83 -28.78
N ALA E 78 -6.23 18.84 -27.99
CA ALA E 78 -5.67 20.18 -28.18
C ALA E 78 -4.52 20.56 -27.24
N LEU E 79 -4.37 19.82 -26.15
CA LEU E 79 -3.38 20.18 -25.12
C LEU E 79 -2.32 19.09 -25.04
N PRO E 80 -1.10 19.45 -24.60
CA PRO E 80 0.01 18.48 -24.68
C PRO E 80 0.16 17.58 -23.45
N THR E 81 -0.55 17.90 -22.37
CA THR E 81 -0.39 17.15 -21.11
C THR E 81 -1.73 16.94 -20.43
N PHE E 82 -1.75 15.97 -19.51
CA PHE E 82 -2.91 15.70 -18.67
C PHE E 82 -2.43 15.09 -17.37
N ALA E 83 -3.31 15.03 -16.38
CA ALA E 83 -2.99 14.38 -15.11
C ALA E 83 -4.07 13.40 -14.76
N VAL E 84 -3.68 12.36 -14.02
CA VAL E 84 -4.61 11.38 -13.53
C VAL E 84 -4.49 11.35 -12.00
N SER E 85 -5.60 11.50 -11.31
CA SER E 85 -5.63 11.36 -9.86
C SER E 85 -6.44 10.10 -9.56
N VAL E 86 -5.77 9.09 -8.99
CA VAL E 86 -6.43 7.85 -8.57
C VAL E 86 -7.12 8.12 -7.24
N LEU E 87 -8.45 8.04 -7.24
CA LEU E 87 -9.22 8.40 -6.06
C LEU E 87 -9.16 7.38 -4.94
N GLU E 88 -9.12 7.92 -3.73
CA GLU E 88 -9.12 7.16 -2.49
C GLU E 88 -10.57 6.80 -2.10
N ALA E 89 -10.75 5.74 -1.33
CA ALA E 89 -12.09 5.21 -1.04
C ALA E 89 -13.06 6.21 -0.41
N GLY E 90 -12.55 7.22 0.27
CA GLY E 90 -13.43 8.16 0.95
C GLY E 90 -13.83 9.33 0.05
N GLN E 91 -13.52 9.24 -1.23
CA GLN E 91 -13.71 10.39 -2.13
C GLN E 91 -14.88 10.25 -3.11
N GLU E 92 -15.94 9.54 -2.69
CA GLU E 92 -17.07 9.31 -3.58
C GLU E 92 -17.71 10.61 -4.03
N LYS E 93 -17.75 11.61 -3.16
CA LYS E 93 -18.36 12.87 -3.57
C LYS E 93 -17.62 13.49 -4.76
N ALA E 94 -16.30 13.49 -4.71
CA ALA E 94 -15.51 14.02 -5.82
C ALA E 94 -15.69 13.17 -7.09
N ALA E 95 -15.74 11.84 -6.94
CA ALA E 95 -15.97 10.97 -8.08
C ALA E 95 -17.29 11.38 -8.75
N ARG E 96 -18.32 11.58 -7.95
CA ARG E 96 -19.62 11.98 -8.48
C ARG E 96 -19.58 13.39 -9.09
N HIS E 97 -18.91 14.31 -8.43
CA HIS E 97 -18.81 15.67 -8.94
C HIS E 97 -18.23 15.69 -10.35
N PHE E 98 -17.18 14.92 -10.58
CA PHE E 98 -16.48 14.99 -11.86
C PHE E 98 -17.09 14.08 -12.91
N ALA E 99 -18.17 13.40 -12.54
CA ALA E 99 -18.85 12.54 -13.50
C ALA E 99 -19.94 13.32 -14.22
N ASP E 100 -20.12 14.58 -13.81
CA ASP E 100 -21.20 15.45 -14.28
C ASP E 100 -22.41 15.39 -13.36
N ASP E 108 -15.50 25.11 -14.35
CA ASP E 108 -15.91 25.65 -13.06
C ASP E 108 -15.91 24.54 -12.01
N GLN E 109 -15.58 23.33 -12.45
CA GLN E 109 -15.66 22.14 -11.61
C GLN E 109 -14.78 22.15 -10.37
N PHE E 110 -13.72 22.95 -10.38
CA PHE E 110 -12.73 22.79 -9.33
C PHE E 110 -12.93 23.69 -8.10
N ASP E 111 -13.99 24.49 -8.11
CA ASP E 111 -14.24 25.39 -7.00
C ASP E 111 -14.69 24.70 -5.71
N THR E 112 -15.12 23.44 -5.82
CA THR E 112 -15.70 22.72 -4.68
C THR E 112 -14.91 21.47 -4.28
N VAL E 113 -13.66 21.41 -4.71
CA VAL E 113 -12.78 20.30 -4.36
C VAL E 113 -11.36 20.87 -4.18
N ASP E 114 -10.57 20.30 -3.27
CA ASP E 114 -9.21 20.79 -3.09
C ASP E 114 -8.27 20.23 -4.16
N TRP E 115 -7.41 21.09 -4.68
CA TRP E 115 -6.49 20.69 -5.74
C TRP E 115 -5.29 21.59 -5.78
N VAL E 116 -4.24 21.13 -6.45
CA VAL E 116 -3.07 21.95 -6.68
CA VAL E 116 -3.03 21.91 -6.66
C VAL E 116 -2.64 21.73 -8.12
N LEU E 117 -2.07 22.76 -8.72
CA LEU E 117 -1.71 22.66 -10.12
C LEU E 117 -0.46 21.79 -10.21
N GLY E 118 -0.43 20.90 -11.19
CA GLY E 118 0.72 20.05 -11.40
C GLY E 118 1.83 20.85 -12.03
N GLU E 119 3.00 20.79 -11.43
CA GLU E 119 4.15 21.54 -11.92
C GLU E 119 4.58 21.05 -13.31
N GLU E 120 4.34 19.77 -13.58
CA GLU E 120 4.86 19.18 -14.83
C GLU E 120 3.81 19.07 -15.92
N SER E 121 2.54 19.03 -15.54
CA SER E 121 1.46 18.87 -16.50
C SER E 121 0.64 20.14 -16.64
N GLY E 122 0.77 21.05 -15.68
CA GLY E 122 -0.07 22.23 -15.66
C GLY E 122 -1.54 21.88 -15.50
N ALA E 123 -1.83 20.68 -14.98
CA ALA E 123 -3.21 20.26 -14.76
C ALA E 123 -3.50 20.06 -13.28
N PRO E 124 -4.76 20.27 -12.86
CA PRO E 124 -5.12 20.09 -11.44
C PRO E 124 -4.92 18.67 -10.93
N LEU E 125 -4.36 18.58 -9.73
CA LEU E 125 -4.17 17.32 -9.04
C LEU E 125 -5.12 17.34 -7.84
N ILE E 126 -5.97 16.32 -7.76
CA ILE E 126 -6.99 16.28 -6.72
C ILE E 126 -6.37 15.89 -5.39
N ALA E 127 -6.53 16.73 -4.37
CA ALA E 127 -6.01 16.42 -3.05
C ALA E 127 -6.69 15.19 -2.45
N GLY E 128 -5.95 14.43 -1.66
CA GLY E 128 -6.48 13.26 -0.99
C GLY E 128 -6.42 11.98 -1.81
N ALA E 129 -5.85 12.07 -2.99
CA ALA E 129 -5.83 10.91 -3.89
C ALA E 129 -4.82 9.87 -3.44
N VAL E 130 -5.00 8.64 -3.91
CA VAL E 130 -4.02 7.58 -3.66
C VAL E 130 -2.75 7.87 -4.44
N ALA E 131 -2.88 8.50 -5.60
CA ALA E 131 -1.69 8.78 -6.43
C ALA E 131 -2.02 9.82 -7.46
N HIS E 132 -0.98 10.49 -7.97
CA HIS E 132 -1.11 11.44 -9.08
C HIS E 132 -0.11 11.02 -10.13
N LEU E 133 -0.53 10.99 -11.38
CA LEU E 133 0.41 10.82 -12.49
C LEU E 133 0.25 12.04 -13.41
N GLU E 134 1.36 12.69 -13.71
CA GLU E 134 1.37 13.80 -14.65
C GLU E 134 1.97 13.29 -15.95
N CYS E 135 1.25 13.50 -17.05
CA CYS E 135 1.59 12.84 -18.30
C CYS E 135 1.65 13.79 -19.48
N ALA E 136 2.48 13.40 -20.45
CA ALA E 136 2.54 14.07 -21.74
C ALA E 136 1.85 13.17 -22.75
N ILE E 137 0.94 13.74 -23.54
CA ILE E 137 0.34 13.00 -24.64
C ILE E 137 1.45 12.41 -25.51
N HIS E 138 1.35 11.13 -25.79
CA HIS E 138 2.33 10.40 -26.61
C HIS E 138 1.73 9.97 -27.98
N ARG E 139 0.55 9.36 -27.95
CA ARG E 139 -0.12 8.94 -29.19
C ARG E 139 -1.63 9.05 -29.02
N LEU E 140 -2.35 9.27 -30.13
CA LEU E 140 -3.80 9.08 -30.16
C LEU E 140 -4.08 7.93 -31.09
N TYR E 141 -4.94 6.99 -30.65
CA TYR E 141 -5.29 5.86 -31.46
C TYR E 141 -6.80 5.75 -31.58
N GLU E 142 -7.29 5.36 -32.76
CA GLU E 142 -8.73 5.18 -32.95
C GLU E 142 -9.28 4.02 -32.13
N GLY E 143 -10.38 4.26 -31.41
CA GLY E 143 -11.04 3.21 -30.65
C GLY E 143 -12.55 3.19 -30.82
N GLY E 144 -13.02 3.08 -32.06
CA GLY E 144 -14.45 3.08 -32.34
C GLY E 144 -15.07 4.41 -31.94
N ASP E 145 -16.00 4.39 -30.99
CA ASP E 145 -16.66 5.62 -30.57
C ASP E 145 -15.84 6.35 -29.51
N HIS E 146 -14.64 5.83 -29.23
CA HIS E 146 -13.69 6.46 -28.32
C HIS E 146 -12.34 6.68 -29.02
N THR E 147 -11.51 7.51 -28.41
CA THR E 147 -10.12 7.63 -28.79
C THR E 147 -9.32 7.08 -27.63
N ILE E 148 -8.25 6.37 -27.95
CA ILE E 148 -7.32 5.89 -26.95
C ILE E 148 -6.19 6.92 -26.87
N PHE E 149 -6.04 7.56 -25.71
CA PHE E 149 -4.94 8.49 -25.52
C PHE E 149 -3.83 7.82 -24.72
N LEU E 150 -2.65 7.71 -25.31
CA LEU E 150 -1.48 7.19 -24.62
C LEU E 150 -0.69 8.37 -24.07
N GLY E 151 -0.32 8.29 -22.80
CA GLY E 151 0.46 9.34 -22.19
C GLY E 151 1.76 8.77 -21.64
N GLU E 152 2.83 9.54 -21.76
CA GLU E 152 4.09 9.15 -21.16
C GLU E 152 4.16 9.82 -19.78
N VAL E 153 4.41 9.02 -18.76
CA VAL E 153 4.45 9.54 -17.40
C VAL E 153 5.70 10.40 -17.20
N ILE E 154 5.49 11.65 -16.79
CA ILE E 154 6.57 12.61 -16.53
C ILE E 154 6.98 12.53 -15.07
N THR E 155 6.01 12.44 -14.18
CA THR E 155 6.29 12.32 -12.76
C THR E 155 5.06 11.75 -12.08
N ALA E 156 5.26 11.19 -10.91
CA ALA E 156 4.14 10.66 -10.15
C ALA E 156 4.42 10.76 -8.68
N THR E 157 3.35 10.78 -7.88
CA THR E 157 3.47 10.72 -6.44
C THR E 157 2.41 9.76 -5.92
N ARG E 158 2.73 9.04 -4.86
CA ARG E 158 1.75 8.13 -4.31
C ARG E 158 1.72 8.24 -2.80
N TRP E 159 0.58 7.85 -2.21
CA TRP E 159 0.39 7.84 -0.77
C TRP E 159 0.13 6.38 -0.40
N PRO E 160 1.19 5.65 -0.03
CA PRO E 160 1.06 4.20 0.16
C PRO E 160 -0.03 3.77 1.15
N ALA E 161 -0.28 4.57 2.17
CA ALA E 161 -1.30 4.25 3.17
C ALA E 161 -2.75 4.41 2.68
N ARG E 162 -2.94 5.10 1.56
CA ARG E 162 -4.29 5.31 1.05
C ARG E 162 -4.75 4.15 0.17
N GLU E 163 -6.02 3.78 0.33
CA GLU E 163 -6.61 2.67 -0.42
C GLU E 163 -7.52 3.19 -1.54
N GLY E 164 -7.41 2.59 -2.73
CA GLY E 164 -8.18 3.05 -3.86
C GLY E 164 -9.68 2.80 -3.76
N LEU E 166 -13.20 1.66 -5.45
CA LEU E 166 -13.57 0.59 -6.39
C LEU E 166 -14.90 0.89 -7.05
N PHE E 167 -15.06 0.45 -8.31
CA PHE E 167 -16.30 0.61 -9.03
C PHE E 167 -16.56 -0.67 -9.80
N SER E 168 -17.75 -1.26 -9.62
CA SER E 168 -18.05 -2.50 -10.31
C SER E 168 -19.55 -2.61 -10.45
N GLY E 169 -20.02 -3.09 -11.59
CA GLY E 169 -21.45 -3.19 -11.85
C GLY E 169 -22.20 -1.89 -11.61
N GLY E 170 -21.57 -0.77 -11.93
CA GLY E 170 -22.25 0.51 -11.84
C GLY E 170 -22.39 1.05 -10.43
N ARG E 171 -21.63 0.50 -9.49
CA ARG E 171 -21.73 0.91 -8.09
C ARG E 171 -20.36 1.01 -7.46
N PHE E 172 -20.19 1.94 -6.51
CA PHE E 172 -18.97 1.97 -5.72
C PHE E 172 -18.95 0.75 -4.82
N ARG E 173 -17.77 0.16 -4.64
CA ARG E 173 -17.64 -1.02 -3.80
CA ARG E 173 -17.61 -1.04 -3.82
C ARG E 173 -16.52 -0.82 -2.79
N ARG E 174 -16.48 -1.68 -1.78
CA ARG E 174 -15.49 -1.57 -0.71
C ARG E 174 -14.65 -2.86 -0.68
N PHE E 175 -13.38 -2.76 -0.30
CA PHE E 175 -12.57 -3.97 -0.16
C PHE E 175 -13.10 -4.83 0.97
N ALA E 176 -13.13 -6.13 0.75
CA ALA E 176 -13.45 -7.08 1.80
C ALA E 176 -12.20 -7.48 2.58
N PRO E 177 -12.39 -7.88 3.84
CA PRO E 177 -11.26 -8.43 4.60
C PRO E 177 -10.75 -9.68 3.90
N ASP E 178 -9.46 -9.98 4.08
CA ASP E 178 -8.83 -11.13 3.44
C ASP E 178 -9.56 -12.46 3.66
N ALA E 179 -9.45 -13.35 2.69
CA ALA E 179 -10.07 -14.67 2.76
C ALA E 179 -9.16 -15.73 2.17
N ASP E 180 -9.38 -16.99 2.54
CA ASP E 180 -8.67 -18.11 1.92
C ASP E 180 -9.00 -18.13 0.42
N GLU E 181 -8.06 -18.62 -0.39
CA GLU E 181 -8.29 -18.71 -1.82
C GLU E 181 -9.38 -19.72 -2.12
N GLY E 182 -10.25 -19.39 -3.08
CA GLY E 182 -11.35 -20.28 -3.44
C GLY E 182 -12.57 -20.06 -2.57
N ARG E 183 -13.36 -21.11 -2.38
CA ARG E 183 -14.57 -21.05 -1.55
C ARG E 183 -14.51 -22.01 -0.38
N ALA F 3 -5.59 26.77 12.07
CA ALA F 3 -5.44 25.37 12.46
C ALA F 3 -4.64 24.60 11.41
N SER F 5 -4.89 21.44 10.69
CA SER F 5 -5.57 20.22 10.25
C SER F 5 -5.32 19.82 8.79
N PRO F 6 -5.33 20.80 7.87
CA PRO F 6 -5.17 20.44 6.45
C PRO F 6 -3.83 19.77 6.13
N ILE F 7 -2.85 19.90 7.02
CA ILE F 7 -1.53 19.31 6.78
C ILE F 7 -1.48 17.84 7.17
N ILE F 8 -2.53 17.36 7.84
CA ILE F 8 -2.53 16.01 8.37
C ILE F 8 -2.84 14.98 7.28
N ALA F 9 -1.82 14.20 6.94
CA ALA F 9 -1.88 13.25 5.83
C ALA F 9 -0.77 12.22 6.04
N PRO F 10 -0.94 11.02 5.46
CA PRO F 10 0.12 10.02 5.57
C PRO F 10 1.25 10.34 4.61
N PRO F 11 2.42 9.70 4.78
CA PRO F 11 3.62 10.04 4.02
C PRO F 11 3.40 9.94 2.52
N ALA F 12 3.91 10.92 1.77
CA ALA F 12 3.87 10.89 0.31
C ALA F 12 5.19 10.31 -0.20
N GLU F 13 5.15 9.73 -1.39
CA GLU F 13 6.30 9.06 -1.96
C GLU F 13 6.46 9.54 -3.40
N LEU F 14 7.54 10.27 -3.69
CA LEU F 14 7.78 10.71 -5.07
C LEU F 14 8.24 9.54 -5.93
N VAL F 15 7.68 9.41 -7.13
CA VAL F 15 8.03 8.32 -8.03
C VAL F 15 8.78 8.83 -9.26
N ASP F 16 10.01 8.35 -9.44
CA ASP F 16 10.77 8.60 -10.65
C ASP F 16 10.37 7.55 -11.67
N PRO F 17 9.65 7.97 -12.70
CA PRO F 17 9.11 6.96 -13.62
C PRO F 17 10.19 6.25 -14.44
N LYS F 18 11.42 6.76 -14.43
CA LYS F 18 12.51 6.02 -15.05
C LYS F 18 12.97 4.84 -14.20
N ASP F 19 12.48 4.77 -12.97
CA ASP F 19 12.86 3.68 -12.07
C ASP F 19 11.79 2.62 -12.09
N ARG F 20 12.06 1.50 -12.73
CA ARG F 20 11.03 0.49 -12.97
C ARG F 20 10.35 -0.01 -11.71
N VAL F 21 11.14 -0.16 -10.64
CA VAL F 21 10.61 -0.62 -9.36
C VAL F 21 9.59 0.37 -8.81
N GLN F 22 9.96 1.64 -8.79
CA GLN F 22 9.06 2.70 -8.30
C GLN F 22 7.83 2.81 -9.17
N LEU F 23 8.02 2.71 -10.48
CA LEU F 23 6.92 2.84 -11.43
C LEU F 23 5.89 1.73 -11.21
N ARG F 24 6.37 0.52 -10.97
CA ARG F 24 5.48 -0.61 -10.72
C ARG F 24 4.59 -0.37 -9.51
N ARG F 25 5.12 0.30 -8.51
CA ARG F 25 4.38 0.55 -7.28
C ARG F 25 3.21 1.49 -7.54
N VAL F 26 3.44 2.55 -8.29
CA VAL F 26 2.34 3.46 -8.57
C VAL F 26 1.32 2.83 -9.52
N PHE F 27 1.80 2.07 -10.49
CA PHE F 27 0.87 1.36 -11.36
C PHE F 27 -0.01 0.43 -10.54
N GLY F 28 0.55 -0.18 -9.51
CA GLY F 28 -0.21 -1.09 -8.65
C GLY F 28 -1.24 -0.42 -7.78
N ASP F 29 -1.22 0.91 -7.71
CA ASP F 29 -2.16 1.66 -6.88
C ASP F 29 -3.57 1.77 -7.47
N PHE F 30 -3.69 1.55 -8.77
CA PHE F 30 -4.99 1.52 -9.41
C PHE F 30 -5.49 0.08 -9.40
N PRO F 31 -6.55 -0.20 -8.61
CA PRO F 31 -7.07 -1.56 -8.58
C PRO F 31 -7.65 -1.96 -9.93
N THR F 32 -7.54 -3.23 -10.28
CA THR F 32 -8.14 -3.71 -11.52
C THR F 32 -8.75 -5.08 -11.29
N GLY F 33 -9.59 -5.52 -12.21
CA GLY F 33 -10.01 -6.91 -12.21
C GLY F 33 -8.92 -7.77 -12.82
N VAL F 34 -9.23 -9.04 -13.03
CA VAL F 34 -8.27 -9.98 -13.56
C VAL F 34 -8.94 -10.82 -14.65
N THR F 35 -8.28 -10.94 -15.79
CA THR F 35 -8.82 -11.80 -16.84
C THR F 35 -7.85 -12.90 -17.21
N VAL F 36 -8.34 -13.90 -17.92
CA VAL F 36 -7.46 -14.82 -18.60
C VAL F 36 -7.79 -14.70 -20.06
N VAL F 37 -6.79 -14.38 -20.87
CA VAL F 37 -6.93 -14.29 -22.31
C VAL F 37 -6.52 -15.62 -22.90
N THR F 38 -7.31 -16.15 -23.84
CA THR F 38 -7.00 -17.47 -24.38
C THR F 38 -7.07 -17.48 -25.91
N VAL F 39 -6.28 -18.36 -26.50
CA VAL F 39 -6.42 -18.63 -27.93
C VAL F 39 -6.53 -20.12 -28.10
N GLY F 40 -7.11 -20.52 -29.23
CA GLY F 40 -7.27 -21.93 -29.51
C GLY F 40 -6.24 -22.38 -30.53
N GLY F 41 -6.70 -23.08 -31.56
CA GLY F 41 -5.83 -23.57 -32.59
C GLY F 41 -4.97 -24.71 -32.11
N SER F 42 -3.89 -24.98 -32.84
CA SER F 42 -3.05 -26.16 -32.64
C SER F 42 -2.58 -26.33 -31.20
N GLU F 43 -2.16 -25.22 -30.58
CA GLU F 43 -1.67 -25.28 -29.21
C GLU F 43 -2.39 -24.24 -28.36
N PRO F 44 -3.56 -24.60 -27.83
CA PRO F 44 -4.27 -23.56 -27.05
C PRO F 44 -3.41 -23.04 -25.90
N ARG F 45 -3.56 -21.76 -25.62
CA ARG F 45 -2.77 -21.09 -24.61
C ARG F 45 -3.60 -20.11 -23.82
N GLY F 46 -3.28 -19.98 -22.54
CA GLY F 46 -3.92 -18.96 -21.71
C GLY F 46 -2.90 -18.05 -21.05
N THR F 48 -2.88 -14.82 -17.96
CA THR F 48 -3.56 -13.94 -17.03
C THR F 48 -3.19 -12.51 -17.41
N ALA F 49 -4.16 -11.63 -17.44
CA ALA F 49 -3.91 -10.24 -17.84
C ALA F 49 -4.75 -9.28 -17.01
N ASN F 50 -4.16 -8.22 -16.50
CA ASN F 50 -5.02 -7.26 -15.82
C ASN F 50 -5.18 -5.96 -16.60
N SER F 51 -4.51 -5.86 -17.74
CA SER F 51 -4.57 -4.64 -18.56
C SER F 51 -5.79 -4.62 -19.48
N PHE F 52 -6.80 -5.40 -19.15
CA PHE F 52 -8.02 -5.43 -19.95
C PHE F 52 -8.84 -4.15 -19.72
N THR F 53 -9.39 -3.59 -20.79
CA THR F 53 -10.20 -2.38 -20.70
CA THR F 53 -10.34 -2.49 -20.62
C THR F 53 -11.30 -2.41 -21.77
N SER F 54 -12.53 -2.00 -21.42
CA SER F 54 -13.56 -1.80 -22.43
C SER F 54 -13.30 -0.49 -23.15
N VAL F 55 -13.53 -0.44 -24.46
CA VAL F 55 -13.11 0.73 -25.22
C VAL F 55 -14.30 1.43 -25.90
N SER F 56 -15.16 0.65 -26.55
CA SER F 56 -16.19 1.21 -27.43
C SER F 56 -17.48 0.41 -27.41
N LEU F 57 -18.62 1.10 -27.54
CA LEU F 57 -19.89 0.38 -27.65
C LEU F 57 -20.19 0.07 -29.10
N SER F 58 -19.88 1.01 -29.99
CA SER F 58 -20.10 0.82 -31.42
C SER F 58 -18.88 1.29 -32.22
N PRO F 59 -18.14 0.35 -32.82
CA PRO F 59 -18.33 -1.10 -32.67
C PRO F 59 -17.97 -1.52 -31.26
N PRO F 60 -18.38 -2.73 -30.86
CA PRO F 60 -18.06 -3.19 -29.50
C PRO F 60 -16.59 -3.60 -29.44
N LEU F 61 -15.77 -2.84 -28.71
CA LEU F 61 -14.34 -3.04 -28.66
C LEU F 61 -13.81 -3.11 -27.24
N VAL F 62 -12.81 -3.94 -27.06
CA VAL F 62 -12.05 -4.00 -25.82
C VAL F 62 -10.59 -4.01 -26.21
N LEU F 63 -9.72 -3.81 -25.24
CA LEU F 63 -8.31 -3.90 -25.55
C LEU F 63 -7.61 -4.63 -24.42
N ILE F 64 -6.46 -5.21 -24.75
CA ILE F 64 -5.53 -5.73 -23.77
C ILE F 64 -4.13 -5.34 -24.21
N CYS F 65 -3.22 -5.19 -23.25
CA CYS F 65 -1.83 -4.86 -23.55
C CYS F 65 -0.99 -6.11 -23.27
N VAL F 66 -0.17 -6.49 -24.24
CA VAL F 66 0.62 -7.72 -24.15
C VAL F 66 2.07 -7.38 -24.42
N GLY F 67 2.94 -7.91 -23.58
CA GLY F 67 4.38 -7.71 -23.72
C GLY F 67 4.88 -8.18 -25.07
N LYS F 68 5.78 -7.41 -25.67
CA LYS F 68 6.29 -7.75 -26.99
C LYS F 68 6.99 -9.11 -27.07
N ASP F 69 7.59 -9.55 -25.96
CA ASP F 69 8.30 -10.83 -25.94
C ASP F 69 7.47 -11.99 -25.39
N ALA F 70 6.20 -11.75 -25.10
CA ALA F 70 5.31 -12.80 -24.62
C ALA F 70 4.95 -13.79 -25.74
N VAL F 71 4.78 -15.06 -25.41
CA VAL F 71 4.36 -16.02 -26.41
C VAL F 71 2.99 -15.63 -26.95
N HIS F 73 1.84 -12.85 -27.40
CA HIS F 73 1.98 -11.78 -28.37
C HIS F 73 2.09 -12.36 -29.78
N GLN F 74 2.90 -13.39 -29.96
CA GLN F 74 3.02 -14.04 -31.25
C GLN F 74 1.68 -14.66 -31.66
N ARG F 75 1.01 -15.32 -30.71
CA ARG F 75 -0.25 -16.01 -30.99
C ARG F 75 -1.34 -15.02 -31.42
N LEU F 76 -1.49 -13.92 -30.70
CA LEU F 76 -2.51 -12.94 -31.06
C LEU F 76 -2.21 -12.22 -32.37
N THR F 77 -0.94 -12.16 -32.76
CA THR F 77 -0.56 -11.55 -34.02
CA THR F 77 -0.58 -11.54 -34.03
C THR F 77 -0.87 -12.48 -35.19
N ALA F 78 -0.89 -13.78 -34.90
CA ALA F 78 -1.07 -14.81 -35.93
C ALA F 78 -2.51 -15.32 -36.07
N LEU F 79 -3.25 -15.36 -34.96
CA LEU F 79 -4.63 -15.86 -34.95
C LEU F 79 -5.63 -14.73 -35.05
N PRO F 80 -6.75 -14.97 -35.73
CA PRO F 80 -7.76 -13.93 -35.94
C PRO F 80 -8.69 -13.71 -34.74
N THR F 81 -8.79 -14.70 -33.85
CA THR F 81 -9.74 -14.62 -32.75
C THR F 81 -9.10 -14.97 -31.42
N PHE F 82 -9.73 -14.53 -30.34
CA PHE F 82 -9.31 -14.86 -28.99
C PHE F 82 -10.52 -14.75 -28.04
N ALA F 83 -10.32 -15.12 -26.78
CA ALA F 83 -11.40 -15.06 -25.80
C ALA F 83 -10.86 -14.43 -24.53
N VAL F 84 -11.75 -13.85 -23.76
CA VAL F 84 -11.38 -13.26 -22.51
C VAL F 84 -12.33 -13.78 -21.46
N SER F 85 -11.78 -14.28 -20.36
CA SER F 85 -12.59 -14.74 -19.26
C SER F 85 -12.29 -13.81 -18.09
N VAL F 86 -13.29 -13.07 -17.63
CA VAL F 86 -13.12 -12.18 -16.49
C VAL F 86 -13.27 -13.04 -15.24
N LEU F 87 -12.22 -13.12 -14.44
CA LEU F 87 -12.22 -14.09 -13.34
C LEU F 87 -13.06 -13.64 -12.15
N GLU F 88 -13.72 -14.62 -11.53
CA GLU F 88 -14.56 -14.41 -10.37
C GLU F 88 -13.73 -14.40 -9.10
N ALA F 89 -14.29 -13.84 -8.04
CA ALA F 89 -13.58 -13.56 -6.78
C ALA F 89 -12.79 -14.74 -6.21
N GLY F 90 -13.28 -15.96 -6.41
CA GLY F 90 -12.64 -17.13 -5.84
C GLY F 90 -11.74 -17.91 -6.77
N GLN F 91 -11.33 -17.27 -7.87
CA GLN F 91 -10.56 -17.96 -8.90
C GLN F 91 -9.06 -17.66 -8.83
N GLU F 92 -8.54 -17.46 -7.62
CA GLU F 92 -7.13 -17.15 -7.50
C GLU F 92 -6.26 -18.26 -8.12
N LYS F 93 -6.66 -19.52 -7.96
CA LYS F 93 -5.82 -20.59 -8.50
C LYS F 93 -5.71 -20.51 -10.03
N ALA F 94 -6.81 -20.18 -10.68
CA ALA F 94 -6.81 -20.03 -12.14
C ALA F 94 -5.90 -18.89 -12.54
N ALA F 95 -6.03 -17.77 -11.84
CA ALA F 95 -5.17 -16.61 -12.10
C ALA F 95 -3.70 -16.97 -12.01
N ARG F 96 -3.30 -17.60 -10.91
CA ARG F 96 -1.91 -17.96 -10.68
C ARG F 96 -1.45 -18.93 -11.76
N HIS F 97 -2.31 -19.89 -12.09
CA HIS F 97 -2.04 -20.91 -13.09
C HIS F 97 -1.67 -20.31 -14.44
N PHE F 98 -2.43 -19.33 -14.91
CA PHE F 98 -2.18 -18.76 -16.23
C PHE F 98 -1.23 -17.55 -16.21
N ALA F 99 -0.70 -17.23 -15.04
CA ALA F 99 0.29 -16.17 -14.87
C ALA F 99 1.71 -16.72 -14.83
N ASP F 100 1.83 -18.03 -14.64
CA ASP F 100 3.11 -18.64 -14.30
C ASP F 100 4.00 -18.90 -15.51
N HIS F 101 5.20 -18.31 -15.50
CA HIS F 101 6.15 -18.48 -16.59
C HIS F 101 7.09 -19.66 -16.35
N SER F 102 7.18 -20.09 -15.10
CA SER F 102 8.10 -21.17 -14.74
C SER F 102 7.59 -22.55 -15.17
N HIS F 103 6.30 -22.63 -15.50
CA HIS F 103 5.70 -23.94 -15.78
C HIS F 103 6.37 -24.62 -16.97
N PRO F 104 6.73 -25.90 -16.80
CA PRO F 104 7.35 -26.66 -17.89
C PRO F 104 6.48 -26.61 -19.13
N PRO F 105 7.09 -26.32 -20.29
CA PRO F 105 6.38 -26.14 -21.57
C PRO F 105 5.58 -27.36 -22.02
N GLY F 106 6.07 -28.57 -21.75
CA GLY F 106 5.39 -29.77 -22.21
C GLY F 106 4.17 -30.15 -21.39
N VAL F 107 3.99 -29.52 -20.24
CA VAL F 107 2.85 -29.83 -19.38
C VAL F 107 1.56 -29.23 -19.95
N ASP F 108 0.51 -30.04 -19.99
CA ASP F 108 -0.79 -29.61 -20.50
C ASP F 108 -1.40 -28.60 -19.52
N GLN F 109 -1.67 -27.40 -19.99
CA GLN F 109 -2.13 -26.32 -19.11
C GLN F 109 -3.64 -26.28 -18.93
N PHE F 110 -4.34 -27.11 -19.68
CA PHE F 110 -5.80 -27.12 -19.63
C PHE F 110 -6.44 -28.34 -18.99
N ASP F 111 -5.63 -29.36 -18.68
CA ASP F 111 -6.21 -30.62 -18.20
C ASP F 111 -6.55 -30.64 -16.71
N THR F 112 -6.17 -29.59 -15.98
CA THR F 112 -6.56 -29.47 -14.58
C THR F 112 -7.41 -28.22 -14.34
N VAL F 113 -7.88 -27.63 -15.43
CA VAL F 113 -8.72 -26.43 -15.37
CA VAL F 113 -8.74 -26.46 -15.32
C VAL F 113 -10.09 -26.74 -15.96
N ASP F 114 -11.14 -26.21 -15.36
CA ASP F 114 -12.47 -26.40 -15.91
C ASP F 114 -12.67 -25.36 -17.01
N TRP F 115 -12.88 -25.83 -18.24
CA TRP F 115 -13.06 -24.88 -19.34
C TRP F 115 -14.04 -25.44 -20.35
N VAL F 116 -14.63 -24.56 -21.13
CA VAL F 116 -15.50 -24.95 -22.22
C VAL F 116 -15.03 -24.25 -23.49
N LEU F 117 -15.25 -24.91 -24.62
CA LEU F 117 -14.82 -24.37 -25.89
C LEU F 117 -15.71 -23.20 -26.31
N GLY F 118 -15.08 -22.09 -26.68
CA GLY F 118 -15.81 -20.97 -27.25
C GLY F 118 -16.08 -21.25 -28.72
N GLU F 119 -17.35 -21.34 -29.08
CA GLU F 119 -17.72 -21.73 -30.43
C GLU F 119 -17.36 -20.66 -31.48
N GLU F 120 -17.39 -19.39 -31.08
CA GLU F 120 -17.03 -18.32 -32.00
C GLU F 120 -15.52 -18.18 -32.17
N SER F 121 -14.81 -18.16 -31.04
CA SER F 121 -13.38 -17.90 -31.06
C SER F 121 -12.56 -19.16 -31.30
N GLY F 122 -13.12 -20.32 -30.96
CA GLY F 122 -12.37 -21.57 -31.00
C GLY F 122 -11.39 -21.66 -29.83
N ALA F 123 -11.57 -20.78 -28.85
CA ALA F 123 -10.66 -20.69 -27.70
C ALA F 123 -11.32 -21.19 -26.42
N PRO F 124 -10.50 -21.73 -25.50
CA PRO F 124 -11.02 -22.18 -24.21
C PRO F 124 -11.54 -21.03 -23.37
N LEU F 125 -12.72 -21.21 -22.79
CA LEU F 125 -13.29 -20.23 -21.88
C LEU F 125 -13.23 -20.81 -20.48
N ILE F 126 -12.81 -20.01 -19.52
CA ILE F 126 -12.59 -20.52 -18.17
C ILE F 126 -13.92 -20.61 -17.40
N ALA F 127 -14.28 -21.82 -16.98
CA ALA F 127 -15.52 -21.99 -16.23
C ALA F 127 -15.44 -21.29 -14.88
N GLY F 128 -16.58 -20.78 -14.41
CA GLY F 128 -16.66 -20.13 -13.12
C GLY F 128 -16.43 -18.64 -13.23
N ALA F 129 -16.18 -18.17 -14.44
CA ALA F 129 -15.89 -16.76 -14.68
C ALA F 129 -17.13 -15.88 -14.51
N VAL F 130 -16.91 -14.59 -14.24
CA VAL F 130 -17.99 -13.60 -14.21
C VAL F 130 -18.54 -13.39 -15.62
N ALA F 131 -17.68 -13.40 -16.62
CA ALA F 131 -18.11 -13.15 -17.99
C ALA F 131 -17.13 -13.79 -18.96
N HIS F 132 -17.63 -14.16 -20.13
CA HIS F 132 -16.81 -14.64 -21.24
C HIS F 132 -17.01 -13.68 -22.39
N LEU F 133 -15.94 -13.26 -23.04
CA LEU F 133 -16.06 -12.46 -24.24
C LEU F 133 -15.25 -13.12 -25.35
N GLU F 134 -15.90 -13.35 -26.48
CA GLU F 134 -15.19 -13.91 -27.61
C GLU F 134 -15.00 -12.81 -28.62
N CYS F 135 -13.76 -12.63 -29.07
CA CYS F 135 -13.39 -11.45 -29.83
C CYS F 135 -12.64 -11.76 -31.10
N ALA F 136 -12.68 -10.82 -32.04
CA ALA F 136 -11.85 -10.90 -33.23
C ALA F 136 -10.81 -9.79 -33.12
N ILE F 137 -9.57 -10.07 -33.49
CA ILE F 137 -8.51 -9.05 -33.51
C ILE F 137 -8.90 -7.93 -34.46
N HIS F 138 -8.94 -6.71 -33.97
CA HIS F 138 -9.36 -5.55 -34.77
C HIS F 138 -8.17 -4.67 -35.21
N ARG F 139 -7.29 -4.31 -34.27
CA ARG F 139 -6.12 -3.46 -34.59
C ARG F 139 -4.98 -3.82 -33.64
N LEU F 140 -3.74 -3.63 -34.10
CA LEU F 140 -2.58 -3.66 -33.22
C LEU F 140 -1.98 -2.26 -33.18
N TYR F 141 -1.67 -1.78 -31.98
CA TYR F 141 -1.13 -0.45 -31.79
C TYR F 141 0.12 -0.52 -30.93
N GLU F 142 1.10 0.31 -31.25
CA GLU F 142 2.33 0.36 -30.49
C GLU F 142 2.10 0.94 -29.09
N GLY F 143 2.62 0.26 -28.08
CA GLY F 143 2.53 0.73 -26.70
C GLY F 143 3.82 0.57 -25.94
N GLY F 144 4.90 1.17 -26.46
CA GLY F 144 6.20 1.05 -25.83
C GLY F 144 6.69 -0.37 -25.84
N ASP F 145 6.94 -0.94 -24.66
CA ASP F 145 7.41 -2.33 -24.57
C ASP F 145 6.25 -3.34 -24.65
N HIS F 146 5.03 -2.82 -24.78
CA HIS F 146 3.88 -3.66 -25.04
C HIS F 146 3.23 -3.35 -26.40
N THR F 147 2.39 -4.26 -26.86
CA THR F 147 1.47 -3.96 -27.95
C THR F 147 0.07 -3.90 -27.37
N ILE F 148 -0.71 -2.95 -27.85
CA ILE F 148 -2.11 -2.81 -27.46
C ILE F 148 -2.93 -3.55 -28.52
N PHE F 149 -3.62 -4.62 -28.11
CA PHE F 149 -4.45 -5.38 -29.04
C PHE F 149 -5.90 -4.97 -28.85
N LEU F 150 -6.51 -4.42 -29.91
CA LEU F 150 -7.91 -4.02 -29.89
C LEU F 150 -8.72 -5.18 -30.47
N GLY F 151 -9.73 -5.62 -29.73
CA GLY F 151 -10.54 -6.74 -30.19
C GLY F 151 -11.98 -6.31 -30.32
N GLU F 152 -12.67 -6.84 -31.33
CA GLU F 152 -14.10 -6.60 -31.46
C GLU F 152 -14.86 -7.74 -30.81
N VAL F 153 -15.81 -7.41 -29.95
CA VAL F 153 -16.60 -8.43 -29.27
C VAL F 153 -17.62 -9.05 -30.21
N ILE F 154 -17.54 -10.36 -30.40
CA ILE F 154 -18.45 -11.07 -31.29
CA ILE F 154 -18.46 -11.05 -31.29
C ILE F 154 -19.62 -11.63 -30.50
N THR F 155 -19.34 -12.16 -29.32
CA THR F 155 -20.41 -12.65 -28.45
C THR F 155 -19.91 -12.60 -27.02
N ALA F 156 -20.85 -12.58 -26.08
CA ALA F 156 -20.47 -12.58 -24.67
C ALA F 156 -21.57 -13.22 -23.84
N THR F 157 -21.18 -13.75 -22.69
CA THR F 157 -22.09 -14.29 -21.71
C THR F 157 -21.65 -13.73 -20.38
N ARG F 158 -22.60 -13.41 -19.50
CA ARG F 158 -22.24 -12.93 -18.18
C ARG F 158 -23.08 -13.66 -17.14
N TRP F 159 -22.56 -13.74 -15.93
CA TRP F 159 -23.22 -14.44 -14.84
C TRP F 159 -23.51 -13.38 -13.78
N PRO F 160 -24.75 -12.87 -13.74
CA PRO F 160 -25.12 -11.70 -12.95
C PRO F 160 -24.72 -11.71 -11.48
N ALA F 161 -24.69 -12.86 -10.82
CA ALA F 161 -24.37 -12.82 -9.38
C ALA F 161 -22.88 -12.93 -9.05
N ARG F 162 -22.05 -13.21 -10.06
CA ARG F 162 -20.63 -13.43 -9.83
C ARG F 162 -19.88 -12.11 -9.76
N GLU F 163 -19.00 -11.98 -8.78
CA GLU F 163 -18.26 -10.74 -8.59
C GLU F 163 -16.81 -10.91 -9.00
N GLY F 164 -16.28 -9.95 -9.76
CA GLY F 164 -14.92 -10.09 -10.28
C GLY F 164 -13.89 -10.07 -9.17
N LEU F 166 -10.22 -8.98 -7.65
CA LEU F 166 -9.42 -7.77 -7.78
C LEU F 166 -7.93 -8.07 -7.71
N PHE F 167 -7.14 -7.24 -8.39
CA PHE F 167 -5.70 -7.22 -8.23
C PHE F 167 -5.32 -5.79 -7.83
N SER F 168 -4.73 -5.66 -6.66
CA SER F 168 -4.44 -4.36 -6.08
C SER F 168 -3.16 -4.46 -5.24
N GLY F 169 -2.22 -3.56 -5.50
CA GLY F 169 -0.96 -3.58 -4.77
C GLY F 169 -0.28 -4.94 -4.89
N GLY F 170 -0.42 -5.54 -6.07
CA GLY F 170 0.26 -6.79 -6.36
C GLY F 170 -0.32 -8.03 -5.70
N ARG F 171 -1.55 -7.94 -5.19
CA ARG F 171 -2.15 -9.12 -4.59
C ARG F 171 -3.64 -9.26 -4.89
N PHE F 172 -4.13 -10.49 -4.79
CA PHE F 172 -5.53 -10.78 -5.08
C PHE F 172 -6.36 -10.27 -3.94
N ARG F 173 -7.47 -9.63 -4.28
CA ARG F 173 -8.37 -9.10 -3.28
C ARG F 173 -9.80 -9.30 -3.74
N ARG F 174 -10.74 -9.04 -2.83
CA ARG F 174 -12.16 -9.16 -3.16
C ARG F 174 -12.88 -7.91 -2.69
N PHE F 175 -13.94 -7.52 -3.38
CA PHE F 175 -14.77 -6.47 -2.80
C PHE F 175 -15.93 -7.03 -1.97
N ALA F 176 -16.24 -6.33 -0.88
CA ALA F 176 -17.26 -6.77 0.06
C ALA F 176 -18.61 -6.92 -0.60
N PRO F 177 -19.23 -8.09 -0.47
CA PRO F 177 -20.61 -8.23 -0.94
C PRO F 177 -21.53 -7.30 -0.13
N ASP F 178 -22.65 -6.91 -0.72
CA ASP F 178 -23.61 -6.06 -0.02
C ASP F 178 -25.05 -6.51 -0.23
N PRO G 10 8.07 48.30 -39.81
CA PRO G 10 7.56 48.34 -41.18
C PRO G 10 8.67 48.24 -42.22
N PRO G 11 8.37 47.65 -43.39
CA PRO G 11 7.06 47.06 -43.64
C PRO G 11 7.01 45.62 -43.14
N ALA G 12 5.91 45.26 -42.48
CA ALA G 12 5.75 43.91 -41.95
C ALA G 12 5.11 43.01 -43.00
N GLU G 13 5.67 41.83 -43.18
CA GLU G 13 5.12 40.86 -44.11
C GLU G 13 4.39 39.76 -43.34
N LEU G 14 3.07 39.69 -43.49
CA LEU G 14 2.31 38.66 -42.77
C LEU G 14 2.55 37.28 -43.41
N VAL G 15 2.68 36.28 -42.56
CA VAL G 15 3.01 34.95 -43.02
C VAL G 15 1.92 33.95 -42.65
N ASP G 16 1.39 33.27 -43.65
CA ASP G 16 0.43 32.21 -43.43
C ASP G 16 1.17 30.89 -43.21
N PRO G 17 1.11 30.35 -41.98
CA PRO G 17 1.90 29.15 -41.67
C PRO G 17 1.53 27.94 -42.53
N LYS G 18 0.34 27.95 -43.14
CA LYS G 18 -0.05 26.86 -44.03
C LYS G 18 0.45 27.08 -45.46
N ASP G 19 1.15 28.18 -45.70
CA ASP G 19 1.77 28.43 -46.99
C ASP G 19 3.24 28.05 -46.93
N ARG G 20 3.60 26.93 -47.56
CA ARG G 20 4.94 26.37 -47.42
C ARG G 20 6.02 27.36 -47.82
N VAL G 21 5.75 28.18 -48.84
CA VAL G 21 6.76 29.09 -49.32
C VAL G 21 6.95 30.21 -48.32
N GLN G 22 5.86 30.75 -47.79
CA GLN G 22 5.98 31.84 -46.81
C GLN G 22 6.59 31.30 -45.51
N LEU G 23 6.19 30.10 -45.12
CA LEU G 23 6.72 29.50 -43.91
C LEU G 23 8.24 29.28 -44.03
N ARG G 24 8.71 28.85 -45.20
CA ARG G 24 10.16 28.65 -45.37
C ARG G 24 10.94 29.95 -45.16
N ARG G 25 10.36 31.06 -45.62
CA ARG G 25 11.04 32.34 -45.51
C ARG G 25 11.21 32.75 -44.05
N VAL G 26 10.19 32.52 -43.23
CA VAL G 26 10.34 32.86 -41.83
C VAL G 26 11.30 31.92 -41.10
N PHE G 27 11.25 30.63 -41.43
CA PHE G 27 12.21 29.70 -40.86
C PHE G 27 13.65 30.10 -41.21
N GLY G 28 13.84 30.66 -42.39
CA GLY G 28 15.16 31.09 -42.84
C GLY G 28 15.67 32.36 -42.19
N ASP G 29 14.80 33.06 -41.46
CA ASP G 29 15.21 34.26 -40.72
C ASP G 29 16.03 33.92 -39.49
N PHE G 30 15.94 32.69 -39.02
CA PHE G 30 16.75 32.26 -37.89
C PHE G 30 18.04 31.67 -38.41
N PRO G 31 19.17 32.37 -38.21
CA PRO G 31 20.44 31.85 -38.71
C PRO G 31 20.85 30.57 -38.00
N THR G 32 21.57 29.69 -38.69
CA THR G 32 22.08 28.47 -38.09
C THR G 32 23.43 28.11 -38.67
N GLY G 33 24.12 27.19 -38.00
CA GLY G 33 25.29 26.56 -38.56
C GLY G 33 24.85 25.46 -39.50
N VAL G 34 25.81 24.67 -39.98
CA VAL G 34 25.53 23.58 -40.89
C VAL G 34 26.33 22.37 -40.43
N THR G 35 25.69 21.20 -40.41
CA THR G 35 26.37 19.96 -40.08
C THR G 35 26.21 18.95 -41.18
N VAL G 36 27.05 17.92 -41.14
CA VAL G 36 26.80 16.69 -41.86
C VAL G 36 26.62 15.60 -40.81
N VAL G 37 25.49 14.92 -40.87
CA VAL G 37 25.23 13.78 -40.01
C VAL G 37 25.63 12.53 -40.77
N THR G 38 26.32 11.62 -40.09
CA THR G 38 26.78 10.39 -40.74
C THR G 38 26.49 9.15 -39.91
N VAL G 39 26.36 8.02 -40.60
CA VAL G 39 26.28 6.72 -39.96
C VAL G 39 27.24 5.75 -40.63
N GLY G 40 27.64 4.72 -39.91
CA GLY G 40 28.52 3.73 -40.50
C GLY G 40 27.72 2.54 -40.96
N GLY G 41 28.13 1.35 -40.55
CA GLY G 41 27.40 0.13 -40.86
C GLY G 41 27.76 -0.45 -42.22
N SER G 42 26.88 -1.32 -42.72
CA SER G 42 27.08 -1.96 -44.01
C SER G 42 27.45 -0.93 -45.07
N GLU G 43 26.58 0.03 -45.30
CA GLU G 43 26.91 1.16 -46.16
C GLU G 43 26.77 2.49 -45.42
N PRO G 44 27.91 3.14 -45.17
CA PRO G 44 27.89 4.45 -44.52
C PRO G 44 27.11 5.46 -45.36
N ARG G 45 26.60 6.50 -44.71
CA ARG G 45 25.83 7.52 -45.39
C ARG G 45 26.03 8.84 -44.67
N GLY G 46 25.97 9.94 -45.43
CA GLY G 46 26.03 11.27 -44.84
C GLY G 46 24.88 12.13 -45.31
N THR G 48 23.62 16.41 -45.20
CA THR G 48 23.76 17.78 -44.73
C THR G 48 22.49 18.17 -44.00
N ALA G 49 22.64 18.79 -42.84
CA ALA G 49 21.49 19.16 -42.01
C ALA G 49 21.78 20.39 -41.18
N ASN G 50 20.82 21.31 -41.08
CA ASN G 50 20.99 22.46 -40.20
C ASN G 50 20.01 22.45 -39.03
N SER G 51 19.22 21.38 -38.94
CA SER G 51 18.24 21.24 -37.87
C SER G 51 18.85 20.53 -36.67
N PHE G 52 20.06 20.93 -36.28
CA PHE G 52 20.74 20.32 -35.15
C PHE G 52 20.67 21.27 -33.96
N THR G 53 20.54 20.72 -32.75
CA THR G 53 20.39 21.53 -31.54
CA THR G 53 20.56 21.57 -31.57
C THR G 53 20.97 20.80 -30.33
N SER G 54 21.64 21.52 -29.44
CA SER G 54 22.06 20.92 -28.18
C SER G 54 20.86 20.97 -27.25
N VAL G 55 20.66 19.92 -26.46
CA VAL G 55 19.44 19.79 -25.66
C VAL G 55 19.71 19.84 -24.15
N SER G 56 20.71 19.07 -23.70
CA SER G 56 20.92 18.83 -22.28
C SER G 56 22.40 18.66 -22.00
N LEU G 57 22.86 19.12 -20.83
CA LEU G 57 24.22 18.89 -20.40
C LEU G 57 24.34 17.59 -19.60
N SER G 58 23.36 17.32 -18.75
CA SER G 58 23.38 16.14 -17.91
CA SER G 58 23.37 16.15 -17.89
C SER G 58 22.03 15.44 -17.89
N PRO G 59 21.92 14.32 -18.63
CA PRO G 59 22.98 13.75 -19.48
C PRO G 59 23.23 14.62 -20.71
N PRO G 60 24.35 14.39 -21.41
CA PRO G 60 24.70 15.20 -22.57
C PRO G 60 23.89 14.77 -23.79
N LEU G 61 22.97 15.63 -24.22
CA LEU G 61 22.05 15.27 -25.31
C LEU G 61 21.99 16.33 -26.38
N VAL G 62 21.83 15.86 -27.62
CA VAL G 62 21.60 16.73 -28.75
C VAL G 62 20.50 16.11 -29.58
N LEU G 63 19.92 16.89 -30.48
CA LEU G 63 18.94 16.30 -31.38
C LEU G 63 19.19 16.77 -32.80
N ILE G 64 18.71 15.97 -33.76
CA ILE G 64 18.68 16.36 -35.16
C ILE G 64 17.31 15.99 -35.72
N CYS G 65 16.81 16.78 -36.67
CA CYS G 65 15.54 16.49 -37.30
C CYS G 65 15.80 15.98 -38.70
N VAL G 66 15.21 14.85 -39.04
CA VAL G 66 15.43 14.24 -40.35
C VAL G 66 14.09 13.92 -41.04
N GLY G 67 13.98 14.32 -42.31
CA GLY G 67 12.77 14.09 -43.07
C GLY G 67 12.40 12.61 -43.16
N LYS G 68 11.13 12.30 -42.98
CA LYS G 68 10.69 10.90 -43.03
C LYS G 68 10.95 10.29 -44.39
N ASP G 69 11.17 11.14 -45.38
CA ASP G 69 11.33 10.74 -46.77
C ASP G 69 12.78 10.53 -47.13
N ALA G 70 13.69 10.94 -46.25
CA ALA G 70 15.11 10.96 -46.60
C ALA G 70 15.76 9.57 -46.50
N VAL G 71 16.77 9.33 -47.33
CA VAL G 71 17.51 8.08 -47.27
C VAL G 71 18.08 7.90 -45.87
N HIS G 73 16.94 8.73 -43.03
CA HIS G 73 15.95 8.41 -42.00
C HIS G 73 15.92 6.90 -41.74
N GLN G 74 15.91 6.13 -42.81
CA GLN G 74 15.92 4.67 -42.73
C GLN G 74 17.22 4.19 -42.07
N ARG G 75 18.34 4.75 -42.49
CA ARG G 75 19.65 4.38 -41.93
C ARG G 75 19.76 4.68 -40.44
N LEU G 76 19.19 5.80 -40.02
CA LEU G 76 19.25 6.20 -38.60
C LEU G 76 18.35 5.38 -37.71
N THR G 77 17.22 4.93 -38.24
CA THR G 77 16.29 4.16 -37.44
C THR G 77 16.76 2.72 -37.26
N ALA G 78 17.75 2.32 -38.06
CA ALA G 78 18.26 0.95 -38.04
C ALA G 78 19.56 0.78 -37.25
N LEU G 79 20.28 1.87 -37.03
CA LEU G 79 21.56 1.80 -36.33
C LEU G 79 21.48 2.44 -34.94
N PRO G 80 22.32 1.98 -34.01
CA PRO G 80 22.33 2.53 -32.65
C PRO G 80 23.12 3.83 -32.49
N THR G 81 24.04 4.11 -33.41
CA THR G 81 24.91 5.26 -33.27
C THR G 81 24.96 6.12 -34.51
N PHE G 82 25.39 7.36 -34.34
CA PHE G 82 25.60 8.27 -35.45
C PHE G 82 26.60 9.32 -35.04
N ALA G 83 27.05 10.10 -36.01
CA ALA G 83 28.02 11.16 -35.76
C ALA G 83 27.58 12.47 -36.40
N VAL G 84 28.04 13.57 -35.82
CA VAL G 84 27.73 14.91 -36.32
C VAL G 84 29.02 15.70 -36.52
N SER G 85 29.24 16.17 -37.74
CA SER G 85 30.36 17.05 -38.03
C SER G 85 29.81 18.46 -38.26
N VAL G 86 30.25 19.39 -37.43
CA VAL G 86 29.87 20.78 -37.59
C VAL G 86 30.80 21.43 -38.61
N LEU G 87 30.27 21.80 -39.76
CA LEU G 87 31.11 22.30 -40.86
C LEU G 87 31.73 23.68 -40.59
N GLU G 88 32.97 23.83 -41.06
CA GLU G 88 33.76 25.05 -40.95
C GLU G 88 33.43 25.98 -42.10
N ALA G 89 33.76 27.26 -41.93
CA ALA G 89 33.33 28.30 -42.87
C ALA G 89 33.61 28.02 -44.35
N GLY G 90 34.68 27.30 -44.65
CA GLY G 90 35.06 27.06 -46.03
C GLY G 90 34.71 25.69 -46.59
N GLN G 91 33.65 25.07 -46.06
CA GLN G 91 33.28 23.72 -46.46
C GLN G 91 31.98 23.63 -47.27
N GLU G 92 31.68 24.65 -48.07
CA GLU G 92 30.47 24.61 -48.89
C GLU G 92 30.47 23.37 -49.77
N LYS G 93 31.63 23.05 -50.33
CA LYS G 93 31.79 21.85 -51.14
C LYS G 93 31.30 20.61 -50.40
N ALA G 94 31.72 20.44 -49.15
CA ALA G 94 31.24 19.32 -48.34
C ALA G 94 29.74 19.44 -48.08
N ALA G 95 29.32 20.64 -47.72
CA ALA G 95 27.90 20.91 -47.49
C ALA G 95 27.06 20.53 -48.72
N ARG G 96 27.51 20.94 -49.91
CA ARG G 96 26.77 20.62 -51.12
C ARG G 96 26.84 19.12 -51.43
N HIS G 97 27.98 18.51 -51.14
CA HIS G 97 28.19 17.10 -51.47
C HIS G 97 27.20 16.17 -50.79
N PHE G 98 26.84 16.47 -49.54
CA PHE G 98 26.02 15.57 -48.75
C PHE G 98 24.52 15.88 -48.78
N ALA G 99 24.05 16.47 -49.87
CA ALA G 99 22.61 16.55 -50.10
C ALA G 99 22.05 15.14 -50.20
N ASP G 100 21.00 14.86 -49.40
CA ASP G 100 20.45 13.52 -49.29
C ASP G 100 20.15 12.79 -50.61
N HIS G 101 19.68 13.52 -51.62
CA HIS G 101 19.29 12.88 -52.88
C HIS G 101 20.35 13.00 -53.98
N SER G 102 21.50 13.59 -53.66
CA SER G 102 22.57 13.78 -54.64
C SER G 102 23.40 12.51 -54.86
N HIS G 103 23.08 11.47 -54.10
CA HIS G 103 23.62 10.14 -54.33
C HIS G 103 22.51 9.10 -54.22
N PRO G 104 22.44 8.19 -55.20
CA PRO G 104 21.56 7.03 -55.03
C PRO G 104 21.91 6.32 -53.72
N PRO G 105 20.92 5.67 -53.09
CA PRO G 105 21.11 5.00 -51.80
C PRO G 105 22.34 4.09 -51.77
N GLY G 106 22.64 3.44 -52.89
CA GLY G 106 23.72 2.47 -52.93
C GLY G 106 25.02 2.96 -53.54
N VAL G 107 25.21 4.28 -53.59
CA VAL G 107 26.43 4.85 -54.14
C VAL G 107 27.23 5.56 -53.05
N ASP G 108 28.52 5.23 -52.96
CA ASP G 108 29.38 5.80 -51.95
C ASP G 108 29.47 7.32 -52.05
N GLN G 109 29.39 7.99 -50.91
CA GLN G 109 29.50 9.43 -50.83
C GLN G 109 30.88 9.86 -50.36
N PHE G 110 31.61 8.94 -49.73
CA PHE G 110 32.81 9.31 -48.99
C PHE G 110 34.14 9.13 -49.74
N ASP G 111 34.09 8.56 -50.94
CA ASP G 111 35.32 8.28 -51.68
C ASP G 111 35.97 9.54 -52.24
N THR G 112 35.24 10.66 -52.19
CA THR G 112 35.74 11.91 -52.77
C THR G 112 35.82 13.06 -51.76
N VAL G 113 35.84 12.71 -50.48
CA VAL G 113 35.99 13.72 -49.44
C VAL G 113 36.93 13.18 -48.36
N ASP G 114 37.56 14.08 -47.60
CA ASP G 114 38.46 13.67 -46.54
C ASP G 114 37.70 13.41 -45.25
N TRP G 115 37.82 12.19 -44.73
CA TRP G 115 37.09 11.80 -43.54
C TRP G 115 37.95 10.86 -42.69
N VAL G 116 37.57 10.69 -41.43
CA VAL G 116 38.29 9.77 -40.56
C VAL G 116 37.27 8.94 -39.77
N LEU G 117 37.58 7.68 -39.52
CA LEU G 117 36.62 6.81 -38.86
C LEU G 117 36.44 7.19 -37.39
N GLY G 118 35.19 7.33 -36.97
CA GLY G 118 34.89 7.55 -35.58
C GLY G 118 34.85 6.19 -34.88
N GLU G 119 35.77 5.97 -33.96
CA GLU G 119 35.85 4.70 -33.24
C GLU G 119 34.55 4.36 -32.50
N GLU G 120 34.05 5.32 -31.74
CA GLU G 120 32.85 5.10 -30.92
C GLU G 120 31.60 4.85 -31.77
N SER G 121 31.39 5.69 -32.78
CA SER G 121 30.20 5.58 -33.63
C SER G 121 30.36 4.56 -34.76
N GLY G 122 31.59 4.36 -35.22
CA GLY G 122 31.82 3.57 -36.41
C GLY G 122 31.39 4.37 -37.63
N ALA G 123 31.24 5.68 -37.46
CA ALA G 123 30.78 6.53 -38.55
C ALA G 123 31.89 7.46 -39.06
N PRO G 124 31.87 7.77 -40.36
CA PRO G 124 32.85 8.71 -40.89
C PRO G 124 32.68 10.11 -40.28
N LEU G 125 33.79 10.75 -39.92
CA LEU G 125 33.78 12.11 -39.44
C LEU G 125 34.44 12.98 -40.50
N ILE G 126 33.78 14.06 -40.88
CA ILE G 126 34.30 14.92 -41.93
C ILE G 126 35.52 15.70 -41.45
N ALA G 127 36.63 15.58 -42.18
CA ALA G 127 37.83 16.34 -41.82
C ALA G 127 37.64 17.84 -42.11
N GLY G 128 38.26 18.67 -41.29
CA GLY G 128 38.18 20.12 -41.47
C GLY G 128 37.03 20.75 -40.70
N ALA G 129 36.17 19.90 -40.14
CA ALA G 129 35.05 20.38 -39.34
C ALA G 129 35.50 21.16 -38.12
N VAL G 130 34.59 21.96 -37.58
CA VAL G 130 34.84 22.71 -36.35
C VAL G 130 34.80 21.78 -35.15
N ALA G 131 33.98 20.74 -35.24
CA ALA G 131 33.75 19.82 -34.13
C ALA G 131 33.16 18.52 -34.63
N HIS G 132 33.51 17.43 -33.95
CA HIS G 132 32.90 16.13 -34.19
C HIS G 132 32.17 15.70 -32.93
N LEU G 133 30.96 15.17 -33.10
CA LEU G 133 30.26 14.57 -31.97
C LEU G 133 29.83 13.17 -32.37
N GLU G 134 30.15 12.19 -31.53
CA GLU G 134 29.68 10.83 -31.77
C GLU G 134 28.60 10.49 -30.75
N CYS G 135 27.46 9.99 -31.23
CA CYS G 135 26.30 9.85 -30.38
C CYS G 135 25.67 8.46 -30.43
N ALA G 136 24.87 8.16 -29.42
CA ALA G 136 24.04 6.97 -29.39
C ALA G 136 22.59 7.41 -29.35
N ILE G 137 21.77 6.81 -30.19
CA ILE G 137 20.37 7.16 -30.26
C ILE G 137 19.65 6.83 -28.96
N HIS G 138 18.99 7.83 -28.40
CA HIS G 138 18.34 7.70 -27.10
C HIS G 138 16.83 7.55 -27.30
N ARG G 139 16.20 8.51 -27.99
CA ARG G 139 14.77 8.40 -28.31
C ARG G 139 14.49 8.89 -29.73
N LEU G 140 13.41 8.39 -30.32
CA LEU G 140 12.85 8.97 -31.54
C LEU G 140 11.52 9.61 -31.21
N TYR G 141 11.31 10.83 -31.70
CA TYR G 141 10.06 11.56 -31.46
C TYR G 141 9.41 12.05 -32.77
N GLU G 142 8.09 12.13 -32.78
CA GLU G 142 7.36 12.59 -33.97
C GLU G 142 7.62 14.07 -34.16
N GLY G 143 7.94 14.46 -35.39
CA GLY G 143 8.11 15.85 -35.71
C GLY G 143 7.38 16.24 -36.98
N GLY G 144 6.10 15.90 -37.08
CA GLY G 144 5.36 16.24 -38.28
C GLY G 144 5.96 15.53 -39.47
N ASP G 145 6.41 16.26 -40.48
CA ASP G 145 7.03 15.64 -41.66
C ASP G 145 8.49 15.23 -41.44
N HIS G 146 8.97 15.43 -40.21
CA HIS G 146 10.29 14.96 -39.82
C HIS G 146 10.21 14.06 -38.61
N THR G 147 11.30 13.33 -38.38
CA THR G 147 11.49 12.65 -37.11
C THR G 147 12.57 13.38 -36.33
N ILE G 148 12.38 13.48 -35.03
CA ILE G 148 13.38 14.06 -34.14
C ILE G 148 14.19 12.95 -33.50
N PHE G 149 15.50 12.91 -33.77
CA PHE G 149 16.35 11.89 -33.20
C PHE G 149 17.12 12.52 -32.05
N LEU G 150 16.91 12.02 -30.84
CA LEU G 150 17.59 12.54 -29.67
C LEU G 150 18.76 11.61 -29.39
N GLY G 151 19.97 12.14 -29.40
CA GLY G 151 21.16 11.33 -29.21
C GLY G 151 21.93 11.68 -27.95
N GLU G 152 22.54 10.68 -27.32
CA GLU G 152 23.44 10.96 -26.20
C GLU G 152 24.87 11.09 -26.76
N VAL G 153 25.56 12.16 -26.35
CA VAL G 153 26.93 12.40 -26.78
C VAL G 153 27.89 11.52 -26.01
N ILE G 154 28.58 10.64 -26.72
CA ILE G 154 29.49 9.69 -26.11
C ILE G 154 30.91 10.25 -26.16
N THR G 155 31.25 10.86 -27.29
CA THR G 155 32.57 11.47 -27.43
CA THR G 155 32.55 11.50 -27.39
C THR G 155 32.48 12.71 -28.32
N ALA G 156 33.38 13.65 -28.13
CA ALA G 156 33.40 14.81 -29.00
C ALA G 156 34.79 15.38 -29.06
N THR G 157 35.10 16.09 -30.16
CA THR G 157 36.36 16.76 -30.36
C THR G 157 36.07 18.10 -31.01
N ARG G 158 36.85 19.11 -30.66
CA ARG G 158 36.65 20.41 -31.27
C ARG G 158 37.98 21.07 -31.62
N TRP G 159 37.92 21.95 -32.61
CA TRP G 159 39.08 22.73 -33.04
C TRP G 159 38.74 24.21 -32.81
N PRO G 160 39.15 24.75 -31.65
CA PRO G 160 38.78 26.09 -31.19
C PRO G 160 39.11 27.23 -32.15
N ALA G 161 40.10 27.05 -33.02
CA ALA G 161 40.47 28.11 -33.95
C ALA G 161 39.55 28.22 -35.18
N ARG G 162 38.75 27.17 -35.41
CA ARG G 162 37.87 27.14 -36.59
C ARG G 162 36.52 27.77 -36.32
N GLU G 163 35.97 28.45 -37.33
CA GLU G 163 34.67 29.08 -37.21
C GLU G 163 33.64 28.34 -38.04
N GLY G 164 32.45 28.20 -37.49
CA GLY G 164 31.39 27.48 -38.15
C GLY G 164 30.90 28.16 -39.41
N LEU G 166 27.88 29.34 -41.83
CA LEU G 166 26.61 29.99 -41.49
C LEU G 166 25.61 29.83 -42.64
N PHE G 167 24.37 29.54 -42.28
CA PHE G 167 23.30 29.41 -43.25
C PHE G 167 22.15 30.30 -42.80
N SER G 168 21.83 31.30 -43.59
CA SER G 168 20.75 32.22 -43.22
C SER G 168 20.05 32.78 -44.44
N GLY G 169 18.74 32.93 -44.35
CA GLY G 169 17.97 33.47 -45.46
C GLY G 169 18.17 32.64 -46.71
N GLY G 170 18.42 31.35 -46.51
CA GLY G 170 18.58 30.42 -47.62
C GLY G 170 19.87 30.59 -48.40
N ARG G 171 20.86 31.24 -47.78
CA ARG G 171 22.18 31.41 -48.40
C ARG G 171 23.26 31.04 -47.39
N PHE G 172 24.47 30.77 -47.88
CA PHE G 172 25.64 30.65 -47.01
C PHE G 172 26.14 32.06 -46.70
N ARG G 173 26.46 32.32 -45.43
CA ARG G 173 26.97 33.62 -45.04
C ARG G 173 28.26 33.44 -44.24
N ARG G 174 28.89 34.56 -43.89
CA ARG G 174 30.13 34.51 -43.15
C ARG G 174 30.06 35.49 -41.98
N PHE G 175 30.81 35.20 -40.92
CA PHE G 175 30.95 36.12 -39.80
C PHE G 175 31.78 37.34 -40.17
N ALA G 176 31.46 38.47 -39.56
CA ALA G 176 32.36 39.62 -39.57
C ALA G 176 33.35 39.43 -38.41
N PRO G 177 34.58 39.94 -38.57
CA PRO G 177 35.60 39.82 -37.51
C PRO G 177 35.06 40.34 -36.17
N ASP G 178 35.40 39.65 -35.09
CA ASP G 178 34.86 39.93 -33.76
C ASP G 178 34.29 41.35 -33.60
N PRO H 10 45.79 21.41 -36.99
CA PRO H 10 46.08 21.08 -35.59
C PRO H 10 45.82 22.28 -34.68
N PRO H 11 45.62 22.05 -33.37
CA PRO H 11 45.48 20.75 -32.72
C PRO H 11 44.08 20.57 -32.13
N ALA H 12 43.54 19.36 -32.20
CA ALA H 12 42.19 19.10 -31.72
C ALA H 12 42.13 19.06 -30.19
N GLU H 13 41.01 19.55 -29.63
CA GLU H 13 40.78 19.45 -28.20
C GLU H 13 39.75 18.35 -27.92
N LEU H 14 40.15 17.35 -27.15
CA LEU H 14 39.24 16.27 -26.80
C LEU H 14 38.26 16.73 -25.73
N VAL H 15 36.98 16.42 -25.92
CA VAL H 15 35.94 16.89 -25.01
C VAL H 15 35.31 15.75 -24.23
N ASP H 16 35.40 15.81 -22.91
CA ASP H 16 34.74 14.85 -22.06
C ASP H 16 33.30 15.29 -21.87
N PRO H 17 32.34 14.47 -22.34
CA PRO H 17 30.91 14.77 -22.27
C PRO H 17 30.45 15.05 -20.85
N LYS H 18 31.11 14.44 -19.87
CA LYS H 18 30.73 14.65 -18.48
C LYS H 18 31.27 15.98 -17.92
N ASP H 19 32.20 16.60 -18.64
CA ASP H 19 32.73 17.90 -18.21
C ASP H 19 31.84 19.03 -18.75
N ARG H 20 31.00 19.60 -17.88
CA ARG H 20 30.02 20.59 -18.31
C ARG H 20 30.61 21.82 -19.01
N VAL H 21 31.70 22.35 -18.47
CA VAL H 21 32.38 23.46 -19.11
C VAL H 21 32.83 23.09 -20.53
N GLN H 22 33.48 21.96 -20.67
CA GLN H 22 33.96 21.51 -21.98
C GLN H 22 32.79 21.26 -22.93
N LEU H 23 31.72 20.63 -22.42
CA LEU H 23 30.58 20.31 -23.27
C LEU H 23 29.91 21.59 -23.78
N ARG H 24 29.78 22.58 -22.90
CA ARG H 24 29.21 23.86 -23.31
C ARG H 24 30.00 24.47 -24.45
N ARG H 25 31.31 24.26 -24.43
CA ARG H 25 32.17 24.83 -25.45
C ARG H 25 31.89 24.19 -26.80
N VAL H 26 31.76 22.87 -26.82
CA VAL H 26 31.47 22.18 -28.08
C VAL H 26 30.05 22.49 -28.53
N PHE H 27 29.09 22.50 -27.61
CA PHE H 27 27.76 22.96 -27.96
C PHE H 27 27.81 24.38 -28.58
N GLY H 28 28.68 25.23 -28.02
CA GLY H 28 28.82 26.59 -28.51
C GLY H 28 29.37 26.71 -29.92
N ASP H 29 29.91 25.62 -30.45
CA ASP H 29 30.57 25.64 -31.75
C ASP H 29 29.60 25.69 -32.94
N PHE H 30 28.34 25.33 -32.70
CA PHE H 30 27.30 25.44 -33.71
C PHE H 30 26.66 26.82 -33.63
N PRO H 31 26.91 27.67 -34.63
CA PRO H 31 26.35 29.02 -34.58
C PRO H 31 24.83 29.00 -34.66
N THR H 32 24.21 29.99 -34.02
CA THR H 32 22.77 30.15 -34.09
C THR H 32 22.40 31.62 -34.09
N GLY H 33 21.12 31.90 -34.32
CA GLY H 33 20.58 33.22 -34.07
C GLY H 33 20.26 33.31 -32.59
N VAL H 34 19.56 34.38 -32.21
CA VAL H 34 19.16 34.57 -30.84
C VAL H 34 17.68 34.87 -30.83
N THR H 35 16.91 34.17 -30.02
CA THR H 35 15.49 34.51 -29.89
C THR H 35 15.18 34.87 -28.46
N VAL H 36 14.04 35.49 -28.27
CA VAL H 36 13.47 35.65 -26.95
C VAL H 36 12.14 34.92 -27.00
N VAL H 37 11.95 33.99 -26.08
CA VAL H 37 10.72 33.21 -25.98
C VAL H 37 9.89 33.87 -24.91
N THR H 38 8.62 34.10 -25.19
CA THR H 38 7.79 34.73 -24.18
C THR H 38 6.49 33.96 -23.95
N VAL H 39 5.91 34.18 -22.77
N VAL H 39 5.89 34.20 -22.79
CA VAL H 39 4.61 33.61 -22.42
CA VAL H 39 4.60 33.61 -22.45
C VAL H 39 3.76 34.74 -21.88
C VAL H 39 3.76 34.68 -21.79
N GLY H 40 2.45 34.57 -21.95
CA GLY H 40 1.53 35.57 -21.41
C GLY H 40 1.11 35.24 -20.00
N GLY H 41 -0.18 35.40 -19.72
CA GLY H 41 -0.71 35.13 -18.40
C GLY H 41 -0.74 36.39 -17.54
N SER H 42 -1.09 36.23 -16.27
CA SER H 42 -1.18 37.36 -15.36
C SER H 42 0.17 38.03 -15.15
N GLU H 43 1.25 37.27 -15.32
CA GLU H 43 2.58 37.84 -15.31
C GLU H 43 3.41 37.30 -16.47
N PRO H 44 3.39 38.01 -17.60
CA PRO H 44 4.17 37.59 -18.77
C PRO H 44 5.66 37.52 -18.45
N ARG H 45 6.35 36.59 -19.08
CA ARG H 45 7.77 36.38 -18.82
C ARG H 45 8.50 36.17 -20.13
N GLY H 46 9.77 36.54 -20.16
CA GLY H 46 10.56 36.33 -21.38
C GLY H 46 11.84 35.61 -21.04
N THR H 48 15.71 34.50 -23.03
CA THR H 48 16.56 34.45 -24.22
C THR H 48 16.94 33.02 -24.47
N ALA H 49 16.84 32.60 -25.72
CA ALA H 49 16.99 31.18 -26.04
C ALA H 49 17.60 31.01 -27.41
N ASN H 50 18.56 30.08 -27.53
CA ASN H 50 19.12 29.82 -28.84
C ASN H 50 18.84 28.38 -29.29
N SER H 51 17.98 27.69 -28.53
CA SER H 51 17.64 26.30 -28.83
C SER H 51 16.50 26.18 -29.85
N PHE H 52 16.00 27.31 -30.33
CA PHE H 52 14.93 27.31 -31.32
C PHE H 52 15.35 26.58 -32.59
N THR H 53 14.48 25.69 -33.06
CA THR H 53 14.79 24.87 -34.23
C THR H 53 13.50 24.73 -35.01
N SER H 54 13.55 24.96 -36.32
CA SER H 54 12.40 24.65 -37.16
C SER H 54 12.36 23.14 -37.44
N VAL H 55 11.18 22.56 -37.36
CA VAL H 55 11.07 21.10 -37.42
C VAL H 55 10.36 20.60 -38.68
N SER H 56 9.24 21.23 -39.02
CA SER H 56 8.38 20.66 -40.06
C SER H 56 7.63 21.76 -40.79
N LEU H 57 7.42 21.58 -42.09
CA LEU H 57 6.65 22.53 -42.88
CA LEU H 57 6.64 22.53 -42.87
C LEU H 57 5.16 22.20 -42.82
N SER H 58 4.83 20.91 -42.93
CA SER H 58 3.44 20.48 -42.83
C SER H 58 3.30 19.22 -42.00
N PRO H 59 2.71 19.35 -40.79
CA PRO H 59 2.23 20.62 -40.25
C PRO H 59 3.41 21.53 -39.90
N PRO H 60 3.14 22.84 -39.74
CA PRO H 60 4.16 23.82 -39.39
C PRO H 60 4.59 23.69 -37.94
N LEU H 61 5.81 23.19 -37.74
CA LEU H 61 6.29 22.86 -36.39
C LEU H 61 7.65 23.47 -36.09
N VAL H 62 7.81 23.92 -34.86
CA VAL H 62 9.12 24.31 -34.37
C VAL H 62 9.30 23.70 -33.00
N LEU H 63 10.53 23.72 -32.49
CA LEU H 63 10.75 23.34 -31.10
C LEU H 63 11.66 24.32 -30.37
N ILE H 64 11.55 24.29 -29.04
CA ILE H 64 12.50 24.95 -28.17
C ILE H 64 12.84 23.97 -27.05
N CYS H 65 14.02 24.11 -26.47
CA CYS H 65 14.41 23.31 -25.31
C CYS H 65 14.48 24.24 -24.12
N VAL H 66 13.82 23.86 -23.04
CA VAL H 66 13.75 24.73 -21.86
C VAL H 66 14.21 23.95 -20.64
N GLY H 67 15.14 24.52 -19.88
CA GLY H 67 15.68 23.84 -18.71
C GLY H 67 14.61 23.53 -17.68
N LYS H 68 14.70 22.37 -17.06
CA LYS H 68 13.70 21.99 -16.06
C LYS H 68 13.73 22.91 -14.82
N ASP H 69 14.82 23.64 -14.63
CA ASP H 69 14.95 24.53 -13.47
C ASP H 69 14.74 25.99 -13.83
N ALA H 70 14.34 26.25 -15.07
CA ALA H 70 14.05 27.61 -15.50
C ALA H 70 12.63 28.02 -15.08
N VAL H 71 12.44 29.28 -14.72
CA VAL H 71 11.11 29.79 -14.40
C VAL H 71 10.15 29.52 -15.55
N HIS H 73 9.92 27.13 -17.54
CA HIS H 73 9.47 25.75 -17.75
C HIS H 73 8.08 25.53 -17.16
N GLN H 74 7.89 25.96 -15.92
CA GLN H 74 6.60 25.83 -15.30
C GLN H 74 5.58 26.79 -15.92
N ARG H 75 6.01 27.95 -16.40
CA ARG H 75 5.08 28.86 -17.06
C ARG H 75 4.49 28.24 -18.32
N LEU H 76 5.34 27.54 -19.07
CA LEU H 76 4.90 26.89 -20.30
C LEU H 76 4.09 25.63 -20.06
N THR H 77 4.33 24.92 -18.96
CA THR H 77 3.45 23.78 -18.68
C THR H 77 2.09 24.26 -18.20
N ALA H 78 2.05 25.38 -17.49
CA ALA H 78 0.77 25.96 -17.06
C ALA H 78 -0.02 26.61 -18.22
N LEU H 79 0.68 27.26 -19.13
CA LEU H 79 0.08 27.99 -20.25
C LEU H 79 0.75 27.52 -21.54
N PRO H 80 0.14 26.55 -22.22
CA PRO H 80 0.85 25.86 -23.30
C PRO H 80 0.85 26.62 -24.63
N THR H 81 1.17 27.90 -24.56
CA THR H 81 1.30 28.70 -25.78
CA THR H 81 1.28 28.73 -25.77
C THR H 81 2.44 29.69 -25.57
N PHE H 82 3.25 29.87 -26.61
CA PHE H 82 4.39 30.77 -26.49
C PHE H 82 4.65 31.62 -27.73
N ALA H 83 5.40 32.69 -27.56
CA ALA H 83 5.80 33.49 -28.71
C ALA H 83 7.32 33.51 -28.83
N VAL H 84 7.80 33.64 -30.07
CA VAL H 84 9.22 33.64 -30.36
C VAL H 84 9.51 34.91 -31.14
N SER H 85 10.51 35.65 -30.66
CA SER H 85 10.98 36.84 -31.36
C SER H 85 12.42 36.59 -31.77
N VAL H 86 12.68 36.57 -33.06
CA VAL H 86 14.03 36.40 -33.59
C VAL H 86 14.68 37.75 -33.60
N LEU H 87 15.68 37.92 -32.75
CA LEU H 87 16.28 39.24 -32.57
C LEU H 87 17.13 39.71 -33.74
N GLU H 88 17.03 41.00 -34.02
CA GLU H 88 17.79 41.68 -35.06
C GLU H 88 19.22 42.02 -34.59
N ALA H 89 20.09 42.33 -35.56
CA ALA H 89 21.51 42.56 -35.31
C ALA H 89 21.83 43.58 -34.22
N GLY H 90 20.98 44.58 -34.05
CA GLY H 90 21.29 45.64 -33.10
C GLY H 90 20.61 45.46 -31.75
N GLN H 91 20.09 44.27 -31.49
CA GLN H 91 19.26 44.07 -30.32
C GLN H 91 19.94 43.34 -29.16
N GLU H 92 21.25 43.50 -29.08
CA GLU H 92 22.02 42.84 -28.01
C GLU H 92 21.52 43.22 -26.61
N LYS H 93 21.05 44.45 -26.45
CA LYS H 93 20.48 44.90 -25.19
C LYS H 93 19.29 44.02 -24.74
N ALA H 94 18.37 43.77 -25.67
CA ALA H 94 17.23 42.90 -25.39
C ALA H 94 17.69 41.50 -25.08
N ALA H 95 18.67 41.01 -25.83
CA ALA H 95 19.19 39.66 -25.61
C ALA H 95 19.72 39.49 -24.18
N ARG H 96 20.49 40.48 -23.72
CA ARG H 96 21.04 40.47 -22.37
C ARG H 96 19.96 40.67 -21.30
N HIS H 97 19.02 41.57 -21.58
CA HIS H 97 17.90 41.79 -20.68
C HIS H 97 17.15 40.49 -20.32
N PHE H 98 16.88 39.64 -21.32
CA PHE H 98 16.13 38.42 -21.06
C PHE H 98 16.98 37.20 -20.72
N ALA H 99 18.27 37.41 -20.57
CA ALA H 99 19.17 36.33 -20.21
C ALA H 99 19.55 36.37 -18.72
N ASP H 100 19.23 37.49 -18.07
CA ASP H 100 19.46 37.62 -16.63
C ASP H 100 18.20 37.33 -15.81
N HIS H 103 16.20 39.90 -13.64
CA HIS H 103 14.79 40.19 -13.44
C HIS H 103 13.98 38.93 -13.17
N PRO H 104 13.84 38.57 -11.88
CA PRO H 104 13.07 37.39 -11.47
C PRO H 104 11.57 37.68 -11.52
N PRO H 105 10.73 36.65 -11.28
CA PRO H 105 9.30 36.88 -11.13
C PRO H 105 9.04 37.83 -9.97
N GLY H 106 8.04 38.69 -10.09
CA GLY H 106 7.75 39.67 -9.06
C GLY H 106 8.09 41.07 -9.51
N VAL H 107 8.82 41.19 -10.61
CA VAL H 107 9.12 42.48 -11.20
C VAL H 107 8.93 42.45 -12.73
N ASP H 108 8.23 43.46 -13.24
CA ASP H 108 7.94 43.55 -14.67
C ASP H 108 9.23 43.45 -15.49
N GLN H 109 9.26 42.50 -16.41
CA GLN H 109 10.42 42.26 -17.25
C GLN H 109 10.32 43.07 -18.55
N PHE H 110 9.13 43.58 -18.85
CA PHE H 110 8.88 44.23 -20.13
C PHE H 110 8.66 45.73 -20.00
N ASP H 111 8.97 46.29 -18.84
CA ASP H 111 8.70 47.70 -18.58
C ASP H 111 9.63 48.63 -19.35
N THR H 112 10.80 48.11 -19.75
CA THR H 112 11.82 48.94 -20.38
C THR H 112 12.17 48.49 -21.79
N VAL H 113 11.37 47.59 -22.36
CA VAL H 113 11.57 47.14 -23.73
C VAL H 113 10.28 47.30 -24.54
N ASP H 114 10.39 47.75 -25.79
CA ASP H 114 9.22 47.94 -26.63
C ASP H 114 8.67 46.57 -27.05
N TRP H 115 7.38 46.35 -26.81
CA TRP H 115 6.76 45.08 -27.16
C TRP H 115 5.33 45.25 -27.67
N VAL H 116 4.85 44.26 -28.41
CA VAL H 116 3.46 44.25 -28.86
C VAL H 116 2.82 42.91 -28.54
N LEU H 117 1.54 42.94 -28.19
CA LEU H 117 0.85 41.75 -27.71
C LEU H 117 0.56 40.78 -28.85
N GLY H 118 0.99 39.53 -28.69
CA GLY H 118 0.75 38.49 -29.68
C GLY H 118 -0.74 38.16 -29.79
N GLU H 119 -1.24 38.19 -31.02
CA GLU H 119 -2.67 38.04 -31.29
C GLU H 119 -3.26 36.69 -30.88
N GLU H 120 -2.42 35.66 -30.84
CA GLU H 120 -2.90 34.31 -30.58
C GLU H 120 -2.31 33.67 -29.31
N SER H 121 -1.19 34.20 -28.83
CA SER H 121 -0.55 33.60 -27.67
C SER H 121 -0.80 34.39 -26.39
N GLY H 122 -1.17 35.66 -26.54
CA GLY H 122 -1.29 36.55 -25.40
C GLY H 122 0.07 36.97 -24.85
N ALA H 123 1.14 36.55 -25.52
CA ALA H 123 2.49 36.81 -25.03
C ALA H 123 3.13 37.96 -25.79
N PRO H 124 4.02 38.70 -25.11
CA PRO H 124 4.70 39.85 -25.71
C PRO H 124 5.64 39.45 -26.84
N LEU H 125 5.59 40.21 -27.93
CA LEU H 125 6.54 40.08 -29.02
C LEU H 125 7.47 41.28 -28.95
N ILE H 126 8.76 41.07 -29.14
CA ILE H 126 9.71 42.17 -28.99
C ILE H 126 9.75 43.04 -30.25
N ALA H 127 9.55 44.34 -30.09
CA ALA H 127 9.57 45.25 -31.23
C ALA H 127 10.94 45.27 -31.88
N GLY H 128 10.98 45.41 -33.21
CA GLY H 128 12.22 45.53 -33.93
C GLY H 128 12.89 44.22 -34.30
N ALA H 129 12.23 43.11 -33.99
CA ALA H 129 12.74 41.78 -34.27
C ALA H 129 12.74 41.47 -35.76
N VAL H 130 13.49 40.46 -36.16
CA VAL H 130 13.50 40.03 -37.56
C VAL H 130 12.20 39.32 -37.90
N ALA H 131 11.68 38.58 -36.93
CA ALA H 131 10.45 37.83 -37.10
C ALA H 131 9.79 37.53 -35.78
N HIS H 132 8.46 37.41 -35.81
CA HIS H 132 7.68 36.95 -34.67
C HIS H 132 6.94 35.68 -35.06
N LEU H 133 6.95 34.70 -34.19
CA LEU H 133 6.11 33.52 -34.38
C LEU H 133 5.28 33.29 -33.12
N GLU H 134 4.05 32.83 -33.30
CA GLU H 134 3.24 32.41 -32.16
C GLU H 134 2.92 30.94 -32.31
N CYS H 135 3.16 30.17 -31.25
CA CYS H 135 3.05 28.73 -31.30
C CYS H 135 2.14 28.17 -30.20
N ALA H 136 1.43 27.10 -30.54
CA ALA H 136 0.69 26.34 -29.55
C ALA H 136 1.50 25.07 -29.27
N ILE H 137 1.79 24.81 -28.01
CA ILE H 137 2.53 23.60 -27.65
C ILE H 137 1.69 22.34 -27.95
N HIS H 138 2.24 21.51 -28.82
CA HIS H 138 1.60 20.28 -29.28
C HIS H 138 2.08 19.06 -28.49
N ARG H 139 3.39 18.98 -28.26
CA ARG H 139 3.99 17.87 -27.52
C ARG H 139 5.07 18.34 -26.56
N LEU H 140 5.24 17.58 -25.50
CA LEU H 140 6.34 17.74 -24.58
C LEU H 140 7.16 16.46 -24.66
N TYR H 141 8.44 16.58 -25.02
CA TYR H 141 9.30 15.40 -25.13
C TYR H 141 10.43 15.47 -24.10
N GLU H 142 10.80 14.30 -23.56
CA GLU H 142 11.87 14.23 -22.55
C GLU H 142 13.21 14.63 -23.17
N GLY H 143 13.93 15.54 -22.50
CA GLY H 143 15.24 15.98 -22.98
C GLY H 143 16.29 16.13 -21.88
N GLY H 144 16.39 15.12 -21.01
CA GLY H 144 17.42 15.12 -19.98
C GLY H 144 17.15 16.21 -18.96
N ASP H 145 18.02 17.20 -18.89
CA ASP H 145 17.83 18.28 -17.91
C ASP H 145 16.98 19.41 -18.50
N HIS H 146 16.59 19.21 -19.76
CA HIS H 146 15.68 20.11 -20.44
C HIS H 146 14.44 19.34 -20.86
N THR H 147 13.39 20.09 -21.18
CA THR H 147 12.22 19.55 -21.84
C THR H 147 12.19 20.11 -23.26
N ILE H 148 11.83 19.26 -24.22
CA ILE H 148 11.65 19.72 -25.60
C ILE H 148 10.17 20.01 -25.79
N PHE H 149 9.87 21.28 -26.10
CA PHE H 149 8.50 21.67 -26.38
C PHE H 149 8.35 21.78 -27.89
N LEU H 150 7.49 20.95 -28.46
CA LEU H 150 7.20 21.04 -29.88
C LEU H 150 5.98 21.92 -30.05
N GLY H 151 6.14 22.99 -30.82
CA GLY H 151 5.04 23.90 -31.06
C GLY H 151 4.55 23.93 -32.51
N GLU H 152 3.24 24.08 -32.66
CA GLU H 152 2.64 24.33 -33.96
C GLU H 152 2.62 25.85 -34.17
N VAL H 153 3.13 26.32 -35.31
CA VAL H 153 3.14 27.75 -35.61
C VAL H 153 1.73 28.18 -36.01
N ILE H 154 1.15 29.08 -35.22
CA ILE H 154 -0.21 29.54 -35.46
C ILE H 154 -0.22 30.81 -36.29
N THR H 155 0.74 31.69 -36.01
CA THR H 155 0.88 32.91 -36.76
CA THR H 155 0.88 32.94 -36.72
C THR H 155 2.36 33.31 -36.83
N ALA H 156 2.70 34.07 -37.85
CA ALA H 156 4.08 34.52 -38.03
C ALA H 156 4.11 35.84 -38.77
N THR H 157 5.09 36.67 -38.43
CA THR H 157 5.30 37.92 -39.14
C THR H 157 6.78 38.09 -39.33
N ARG H 158 7.19 38.67 -40.45
CA ARG H 158 8.59 38.90 -40.71
C ARG H 158 8.86 40.26 -41.32
N TRP H 159 10.07 40.76 -41.12
CA TRP H 159 10.52 42.03 -41.70
C TRP H 159 11.75 41.75 -42.55
N PRO H 160 11.57 41.54 -43.86
CA PRO H 160 12.68 41.14 -44.74
C PRO H 160 13.89 42.09 -44.76
N ALA H 161 13.73 43.36 -44.39
CA ALA H 161 14.87 44.28 -44.42
C ALA H 161 15.80 44.08 -43.23
N ARG H 162 15.32 43.35 -42.23
CA ARG H 162 16.06 43.13 -41.00
C ARG H 162 16.86 41.82 -41.06
N GLU H 163 18.00 41.79 -40.39
CA GLU H 163 18.85 40.61 -40.37
C GLU H 163 19.18 40.22 -38.93
N GLY H 164 19.22 38.92 -38.64
CA GLY H 164 19.35 38.44 -37.28
C GLY H 164 20.70 38.61 -36.63
N LEU H 166 23.72 37.14 -34.13
CA LEU H 166 24.34 35.83 -34.11
C LEU H 166 24.90 35.54 -32.73
N PHE H 167 25.00 34.27 -32.41
CA PHE H 167 25.59 33.86 -31.15
C PHE H 167 26.43 32.63 -31.42
N SER H 168 27.71 32.72 -31.12
CA SER H 168 28.63 31.62 -31.37
C SER H 168 29.82 31.74 -30.42
N GLY H 169 30.30 30.60 -29.95
CA GLY H 169 31.43 30.57 -29.04
C GLY H 169 31.14 31.29 -27.75
N GLY H 170 29.86 31.47 -27.44
CA GLY H 170 29.44 32.18 -26.26
C GLY H 170 29.49 33.69 -26.41
N ARG H 171 29.64 34.16 -27.65
CA ARG H 171 29.76 35.58 -27.94
C ARG H 171 28.71 36.01 -28.96
N PHE H 172 28.21 37.24 -28.83
CA PHE H 172 27.39 37.82 -29.88
C PHE H 172 28.28 38.13 -31.07
N ARG H 173 27.83 37.78 -32.27
CA ARG H 173 28.59 38.05 -33.49
C ARG H 173 27.67 38.74 -34.48
N ARG H 174 28.23 39.21 -35.59
CA ARG H 174 27.37 39.70 -36.66
C ARG H 174 27.84 39.17 -38.02
N PHE H 175 26.95 39.21 -39.00
CA PHE H 175 27.27 38.76 -40.35
C PHE H 175 28.28 39.67 -41.00
N ALA H 176 29.09 39.12 -41.90
CA ALA H 176 29.82 39.95 -42.83
C ALA H 176 28.84 40.27 -43.95
N PRO H 177 29.04 41.42 -44.62
CA PRO H 177 28.19 41.80 -45.74
C PRO H 177 28.52 41.03 -47.02
#